data_7FYX
# 
_entry.id   7FYX 
# 
_audit_conform.dict_name       mmcif_pdbx.dic 
_audit_conform.dict_version    5.404 
_audit_conform.dict_location   http://mmcif.pdb.org/dictionaries/ascii/mmcif_pdbx.dic 
# 
loop_
_database_2.database_id 
_database_2.database_code 
_database_2.pdbx_database_accession 
_database_2.pdbx_DOI 
PDB   7FYX         pdb_00007fyx 10.2210/pdb7fyx/pdb 
WWPDB D_1001405522 ?            ?                   
# 
loop_
_pdbx_audit_revision_history.ordinal 
_pdbx_audit_revision_history.data_content_type 
_pdbx_audit_revision_history.major_revision 
_pdbx_audit_revision_history.minor_revision 
_pdbx_audit_revision_history.revision_date 
_pdbx_audit_revision_history.part_number 
1 'Structure model' 1 0 2023-06-14 ? 
2 'Structure model' 1 1 2024-04-03 ? 
3 'Structure model' 1 2 2024-11-20 ? 
4 'Structure model' 2 0 2025-08-06 ? 
5 'Structure model' 2 1 2025-08-13 ? 
# 
_pdbx_audit_revision_details.ordinal             1 
_pdbx_audit_revision_details.revision_ordinal    1 
_pdbx_audit_revision_details.data_content_type   'Structure model' 
_pdbx_audit_revision_details.provider            repository 
_pdbx_audit_revision_details.type                'Initial release' 
_pdbx_audit_revision_details.description         ? 
_pdbx_audit_revision_details.details             ? 
# 
loop_
_pdbx_audit_revision_group.ordinal 
_pdbx_audit_revision_group.revision_ordinal 
_pdbx_audit_revision_group.data_content_type 
_pdbx_audit_revision_group.group 
1 2 'Structure model' 'Data collection'         
2 2 'Structure model' 'Refinement description'  
3 3 'Structure model' 'Structure summary'       
4 4 'Structure model' Advisory                  
5 4 'Structure model' 'Data collection'         
6 4 'Structure model' 'Derived calculations'    
7 4 'Structure model' 'Non-polymer description' 
8 4 'Structure model' 'Structure summary'       
9 5 'Structure model' 'Database references'     
# 
loop_
_pdbx_audit_revision_category.ordinal 
_pdbx_audit_revision_category.revision_ordinal 
_pdbx_audit_revision_category.data_content_type 
_pdbx_audit_revision_category.category 
1  2 'Structure model' chem_comp_atom                
2  2 'Structure model' chem_comp_bond                
3  2 'Structure model' pdbx_initial_refinement_model 
4  3 'Structure model' pdbx_entry_details            
5  3 'Structure model' struct                        
6  4 'Structure model' chem_comp                     
7  4 'Structure model' chem_comp_atom                
8  4 'Structure model' chem_comp_bond                
9  4 'Structure model' database_PDB_caveat           
10 4 'Structure model' entity                        
11 4 'Structure model' pdbx_entity_nonpoly           
12 4 'Structure model' pdbx_validate_chiral          
13 5 'Structure model' citation                      
14 5 'Structure model' citation_author               
# 
loop_
_pdbx_audit_revision_item.ordinal 
_pdbx_audit_revision_item.revision_ordinal 
_pdbx_audit_revision_item.data_content_type 
_pdbx_audit_revision_item.item 
1  3 'Structure model' '_pdbx_entry_details.has_protein_modification' 
2  3 'Structure model' '_struct.title'                                
3  4 'Structure model' '_chem_comp.formula'                           
4  4 'Structure model' '_chem_comp.formula_weight'                    
5  4 'Structure model' '_chem_comp.name'                              
6  4 'Structure model' '_entity.formula_weight'                       
7  4 'Structure model' '_entity.pdbx_description'                     
8  4 'Structure model' '_pdbx_entity_nonpoly.name'                    
9  5 'Structure model' '_citation.journal_abbrev'                     
10 5 'Structure model' '_citation.journal_id_CSD'                     
11 5 'Structure model' '_citation.journal_id_ISSN'                    
12 5 'Structure model' '_citation.journal_volume'                     
13 5 'Structure model' '_citation.page_first'                         
14 5 'Structure model' '_citation.page_last'                          
15 5 'Structure model' '_citation.pdbx_database_id_DOI'               
16 5 'Structure model' '_citation.pdbx_database_id_PubMed'            
17 5 'Structure model' '_citation.title'                              
18 5 'Structure model' '_citation.year'                               
# 
_pdbx_database_status.entry_id                        7FYX 
_pdbx_database_status.status_code                     REL 
_pdbx_database_status.status_code_sf                  REL 
_pdbx_database_status.status_code_mr                  ? 
_pdbx_database_status.status_code_cs                  ? 
_pdbx_database_status.recvd_initial_deposition_date   2023-04-27 
_pdbx_database_status.status_code_nmr_data            ? 
_pdbx_database_status.deposit_site                    RCSB 
_pdbx_database_status.process_site                    RCSB 
_pdbx_database_status.SG_entry                        ? 
_pdbx_database_status.pdb_format_compatible           Y 
_pdbx_database_status.methods_development_category    ? 
# 
_pdbx_contact_author.id                 1 
_pdbx_contact_author.name_first         Markus 
_pdbx_contact_author.name_last          Rudolph 
_pdbx_contact_author.name_mi            G. 
_pdbx_contact_author.role               'principal investigator/group leader' 
_pdbx_contact_author.email              Markus.Rudolph@roche.com 
_pdbx_contact_author.identifier_ORCID   0000-0003-0447-1101 
# 
loop_
_audit_author.pdbx_ordinal 
_audit_author.name 
1 'Ehler, A.'             
2 'Benz, J.'              
3 'Obst, U.'              
4 'Ceccarelli-Simona, M.' 
5 'Rudolph, M.G.'         
# 
_citation.id                        primary 
_citation.journal_abbrev            'Acta Crystallogr D Struct Biol' 
_citation.title                     
'A high-resolution data set of fatty acid-binding protein structures. III. Unexpectedly high occurrence of wrong ligands.' 
_citation.year                      2025 
_citation.journal_volume            81 
_citation.page_first                451 
_citation.page_last                 464 
_citation.journal_id_ASTM           ? 
_citation.country                   ? 
_citation.journal_id_ISSN           2059-7983 
_citation.journal_id_CSD            ? 
_citation.book_publisher            ? 
_citation.pdbx_database_id_PubMed   40748031 
_citation.pdbx_database_id_DOI      10.1107/S2059798325006096 
# 
loop_
_citation_author.citation_id 
_citation_author.name 
_citation_author.ordinal 
_citation_author.identifier_ORCID 
primary 'Ehler, A.'     1 ?                   
primary 'Bartelmus, C.' 2 0000-0002-1527-4325 
primary 'Benz, J.'      3 ?                   
primary 'Plitzko, I.'   4 ?                   
primary 'Rudolph, M.G.' 5 0000-0003-0447-1101 
# 
loop_
_entity.id 
_entity.type 
_entity.src_method 
_entity.pdbx_description 
_entity.formula_weight 
_entity.pdbx_number_of_molecules 
_entity.pdbx_ec 
_entity.pdbx_mutation 
_entity.pdbx_fragment 
_entity.details 
1 polymer     man 'Fatty acid-binding protein, adipocyte'                                 15022.176 1   ? ? ? ? 
2 non-polymer syn 'SULFATE ION'                                                           96.063    1   ? ? ? ? 
3 non-polymer syn '2-[(3-phenylthiophen-2-yl)carbamoyl]cyclopent-1-ene-1-carboxylic acid' 313.371   1   ? ? ? ? 
4 water       nat water                                                                   18.015    124 ? ? ? ? 
# 
_entity_name_com.entity_id   1 
_entity_name_com.name        
'Adipocyte lipid-binding protein,ALBP,Adipocyte-type fatty acid-binding protein,A-FABP,AFABP,Fatty acid-binding protein 4' 
# 
_entity_poly.entity_id                      1 
_entity_poly.type                           'polypeptide(L)' 
_entity_poly.nstd_linkage                   no 
_entity_poly.nstd_monomer                   no 
_entity_poly.pdbx_seq_one_letter_code       
;GSHMCDAFVGTWKLVSSENFDDYMKEVGVGFATRKVAGMAKPNMIISVNGDVITIKSESTFKNTEISFILGQEFDEVTAD
DRKVKSTITLDGGVLVHVQKWDGKSTTIKRKREDDKLVVECVMKGVTSTRVYERA
;
_entity_poly.pdbx_seq_one_letter_code_can   
;GSHMCDAFVGTWKLVSSENFDDYMKEVGVGFATRKVAGMAKPNMIISVNGDVITIKSESTFKNTEISFILGQEFDEVTAD
DRKVKSTITLDGGVLVHVQKWDGKSTTIKRKREDDKLVVECVMKGVTSTRVYERA
;
_entity_poly.pdbx_strand_id                 A 
_entity_poly.pdbx_target_identifier         ? 
# 
loop_
_pdbx_entity_nonpoly.entity_id 
_pdbx_entity_nonpoly.name 
_pdbx_entity_nonpoly.comp_id 
2 'SULFATE ION'                                                           SO4 
3 '2-[(3-phenylthiophen-2-yl)carbamoyl]cyclopent-1-ene-1-carboxylic acid' W9W 
4 water                                                                   HOH 
# 
loop_
_entity_poly_seq.entity_id 
_entity_poly_seq.num 
_entity_poly_seq.mon_id 
_entity_poly_seq.hetero 
1 1   GLY n 
1 2   SER n 
1 3   HIS n 
1 4   MET n 
1 5   CYS n 
1 6   ASP n 
1 7   ALA n 
1 8   PHE n 
1 9   VAL n 
1 10  GLY n 
1 11  THR n 
1 12  TRP n 
1 13  LYS n 
1 14  LEU n 
1 15  VAL n 
1 16  SER n 
1 17  SER n 
1 18  GLU n 
1 19  ASN n 
1 20  PHE n 
1 21  ASP n 
1 22  ASP n 
1 23  TYR n 
1 24  MET n 
1 25  LYS n 
1 26  GLU n 
1 27  VAL n 
1 28  GLY n 
1 29  VAL n 
1 30  GLY n 
1 31  PHE n 
1 32  ALA n 
1 33  THR n 
1 34  ARG n 
1 35  LYS n 
1 36  VAL n 
1 37  ALA n 
1 38  GLY n 
1 39  MET n 
1 40  ALA n 
1 41  LYS n 
1 42  PRO n 
1 43  ASN n 
1 44  MET n 
1 45  ILE n 
1 46  ILE n 
1 47  SER n 
1 48  VAL n 
1 49  ASN n 
1 50  GLY n 
1 51  ASP n 
1 52  VAL n 
1 53  ILE n 
1 54  THR n 
1 55  ILE n 
1 56  LYS n 
1 57  SER n 
1 58  GLU n 
1 59  SER n 
1 60  THR n 
1 61  PHE n 
1 62  LYS n 
1 63  ASN n 
1 64  THR n 
1 65  GLU n 
1 66  ILE n 
1 67  SER n 
1 68  PHE n 
1 69  ILE n 
1 70  LEU n 
1 71  GLY n 
1 72  GLN n 
1 73  GLU n 
1 74  PHE n 
1 75  ASP n 
1 76  GLU n 
1 77  VAL n 
1 78  THR n 
1 79  ALA n 
1 80  ASP n 
1 81  ASP n 
1 82  ARG n 
1 83  LYS n 
1 84  VAL n 
1 85  LYS n 
1 86  SER n 
1 87  THR n 
1 88  ILE n 
1 89  THR n 
1 90  LEU n 
1 91  ASP n 
1 92  GLY n 
1 93  GLY n 
1 94  VAL n 
1 95  LEU n 
1 96  VAL n 
1 97  HIS n 
1 98  VAL n 
1 99  GLN n 
1 100 LYS n 
1 101 TRP n 
1 102 ASP n 
1 103 GLY n 
1 104 LYS n 
1 105 SER n 
1 106 THR n 
1 107 THR n 
1 108 ILE n 
1 109 LYS n 
1 110 ARG n 
1 111 LYS n 
1 112 ARG n 
1 113 GLU n 
1 114 ASP n 
1 115 ASP n 
1 116 LYS n 
1 117 LEU n 
1 118 VAL n 
1 119 VAL n 
1 120 GLU n 
1 121 CYS n 
1 122 VAL n 
1 123 MET n 
1 124 LYS n 
1 125 GLY n 
1 126 VAL n 
1 127 THR n 
1 128 SER n 
1 129 THR n 
1 130 ARG n 
1 131 VAL n 
1 132 TYR n 
1 133 GLU n 
1 134 ARG n 
1 135 ALA n 
# 
_entity_src_gen.entity_id                          1 
_entity_src_gen.pdbx_src_id                        1 
_entity_src_gen.pdbx_alt_source_flag               sample 
_entity_src_gen.pdbx_seq_type                      'Biological sequence' 
_entity_src_gen.pdbx_beg_seq_num                   1 
_entity_src_gen.pdbx_end_seq_num                   135 
_entity_src_gen.gene_src_common_name               human 
_entity_src_gen.gene_src_genus                     ? 
_entity_src_gen.pdbx_gene_src_gene                 FABP4 
_entity_src_gen.gene_src_species                   ? 
_entity_src_gen.gene_src_strain                    ? 
_entity_src_gen.gene_src_tissue                    ? 
_entity_src_gen.gene_src_tissue_fraction           ? 
_entity_src_gen.gene_src_details                   ? 
_entity_src_gen.pdbx_gene_src_fragment             ? 
_entity_src_gen.pdbx_gene_src_scientific_name      'Homo sapiens' 
_entity_src_gen.pdbx_gene_src_ncbi_taxonomy_id     9606 
_entity_src_gen.pdbx_gene_src_variant              ? 
_entity_src_gen.pdbx_gene_src_cell_line            ? 
_entity_src_gen.pdbx_gene_src_atcc                 ? 
_entity_src_gen.pdbx_gene_src_organ                ? 
_entity_src_gen.pdbx_gene_src_organelle            ? 
_entity_src_gen.pdbx_gene_src_cell                 ? 
_entity_src_gen.pdbx_gene_src_cellular_location    ? 
_entity_src_gen.host_org_common_name               ? 
_entity_src_gen.pdbx_host_org_scientific_name      'Escherichia coli BL21(DE3)' 
_entity_src_gen.pdbx_host_org_ncbi_taxonomy_id     469008 
_entity_src_gen.host_org_genus                     ? 
_entity_src_gen.pdbx_host_org_gene                 ? 
_entity_src_gen.pdbx_host_org_organ                ? 
_entity_src_gen.host_org_species                   ? 
_entity_src_gen.pdbx_host_org_tissue               ? 
_entity_src_gen.pdbx_host_org_tissue_fraction      ? 
_entity_src_gen.pdbx_host_org_strain               ? 
_entity_src_gen.pdbx_host_org_variant              ? 
_entity_src_gen.pdbx_host_org_cell_line            ? 
_entity_src_gen.pdbx_host_org_atcc                 ? 
_entity_src_gen.pdbx_host_org_culture_collection   ? 
_entity_src_gen.pdbx_host_org_cell                 ? 
_entity_src_gen.pdbx_host_org_organelle            ? 
_entity_src_gen.pdbx_host_org_cellular_location    ? 
_entity_src_gen.pdbx_host_org_vector_type          plasmid 
_entity_src_gen.pdbx_host_org_vector               ? 
_entity_src_gen.host_org_details                   ? 
_entity_src_gen.expression_system_id               ? 
_entity_src_gen.plasmid_name                       PET15b 
_entity_src_gen.plasmid_details                    ? 
_entity_src_gen.pdbx_description                   ? 
# 
loop_
_chem_comp.id 
_chem_comp.type 
_chem_comp.mon_nstd_flag 
_chem_comp.name 
_chem_comp.pdbx_synonyms 
_chem_comp.formula 
_chem_comp.formula_weight 
ALA 'L-peptide linking' y ALANINE                                                                 ? 'C3 H7 N O2'     89.093  
ARG 'L-peptide linking' y ARGININE                                                                ? 'C6 H15 N4 O2 1' 175.209 
ASN 'L-peptide linking' y ASPARAGINE                                                              ? 'C4 H8 N2 O3'    132.118 
ASP 'L-peptide linking' y 'ASPARTIC ACID'                                                         ? 'C4 H7 N O4'     133.103 
CYS 'L-peptide linking' y CYSTEINE                                                                ? 'C3 H7 N O2 S'   121.158 
GLN 'L-peptide linking' y GLUTAMINE                                                               ? 'C5 H10 N2 O3'   146.144 
GLU 'L-peptide linking' y 'GLUTAMIC ACID'                                                         ? 'C5 H9 N O4'     147.129 
GLY 'peptide linking'   y GLYCINE                                                                 ? 'C2 H5 N O2'     75.067  
HIS 'L-peptide linking' y HISTIDINE                                                               ? 'C6 H10 N3 O2 1' 156.162 
HOH non-polymer         . WATER                                                                   ? 'H2 O'           18.015  
ILE 'L-peptide linking' y ISOLEUCINE                                                              ? 'C6 H13 N O2'    131.173 
LEU 'L-peptide linking' y LEUCINE                                                                 ? 'C6 H13 N O2'    131.173 
LYS 'L-peptide linking' y LYSINE                                                                  ? 'C6 H15 N2 O2 1' 147.195 
MET 'L-peptide linking' y METHIONINE                                                              ? 'C5 H11 N O2 S'  149.211 
PHE 'L-peptide linking' y PHENYLALANINE                                                           ? 'C9 H11 N O2'    165.189 
PRO 'L-peptide linking' y PROLINE                                                                 ? 'C5 H9 N O2'     115.130 
SER 'L-peptide linking' y SERINE                                                                  ? 'C3 H7 N O3'     105.093 
SO4 non-polymer         . 'SULFATE ION'                                                           ? 'O4 S -2'        96.063  
THR 'L-peptide linking' y THREONINE                                                               ? 'C4 H9 N O3'     119.119 
TRP 'L-peptide linking' y TRYPTOPHAN                                                              ? 'C11 H12 N2 O2'  204.225 
TYR 'L-peptide linking' y TYROSINE                                                                ? 'C9 H11 N O3'    181.189 
VAL 'L-peptide linking' y VALINE                                                                  ? 'C5 H11 N O2'    117.146 
W9W non-polymer         . '2-[(3-phenylthiophen-2-yl)carbamoyl]cyclopent-1-ene-1-carboxylic acid' ? 'C17 H15 N O3 S' 313.371 
# 
loop_
_pdbx_poly_seq_scheme.asym_id 
_pdbx_poly_seq_scheme.entity_id 
_pdbx_poly_seq_scheme.seq_id 
_pdbx_poly_seq_scheme.mon_id 
_pdbx_poly_seq_scheme.ndb_seq_num 
_pdbx_poly_seq_scheme.pdb_seq_num 
_pdbx_poly_seq_scheme.auth_seq_num 
_pdbx_poly_seq_scheme.pdb_mon_id 
_pdbx_poly_seq_scheme.auth_mon_id 
_pdbx_poly_seq_scheme.pdb_strand_id 
_pdbx_poly_seq_scheme.pdb_ins_code 
_pdbx_poly_seq_scheme.hetero 
A 1 1   GLY 1   -3  ?   ?   ?   A . n 
A 1 2   SER 2   -2  ?   ?   ?   A . n 
A 1 3   HIS 3   -1  -1  HIS HIS A . n 
A 1 4   MET 4   0   0   MET MET A . n 
A 1 5   CYS 5   1   1   CYS CYS A . n 
A 1 6   ASP 6   2   2   ASP ASP A . n 
A 1 7   ALA 7   3   3   ALA ALA A . n 
A 1 8   PHE 8   4   4   PHE PHE A . n 
A 1 9   VAL 9   5   5   VAL VAL A . n 
A 1 10  GLY 10  6   6   GLY GLY A . n 
A 1 11  THR 11  7   7   THR THR A . n 
A 1 12  TRP 12  8   8   TRP TRP A . n 
A 1 13  LYS 13  9   9   LYS LYS A . n 
A 1 14  LEU 14  10  10  LEU LEU A . n 
A 1 15  VAL 15  11  11  VAL VAL A . n 
A 1 16  SER 16  12  12  SER SER A . n 
A 1 17  SER 17  13  13  SER SER A . n 
A 1 18  GLU 18  14  14  GLU GLU A . n 
A 1 19  ASN 19  15  15  ASN ASN A . n 
A 1 20  PHE 20  16  16  PHE PHE A . n 
A 1 21  ASP 21  17  17  ASP ASP A . n 
A 1 22  ASP 22  18  18  ASP ASP A . n 
A 1 23  TYR 23  19  19  TYR TYR A . n 
A 1 24  MET 24  20  20  MET MET A . n 
A 1 25  LYS 25  21  21  LYS LYS A . n 
A 1 26  GLU 26  22  22  GLU GLU A . n 
A 1 27  VAL 27  23  23  VAL VAL A . n 
A 1 28  GLY 28  24  24  GLY GLY A . n 
A 1 29  VAL 29  25  25  VAL VAL A . n 
A 1 30  GLY 30  26  26  GLY GLY A . n 
A 1 31  PHE 31  27  27  PHE PHE A . n 
A 1 32  ALA 32  28  28  ALA ALA A . n 
A 1 33  THR 33  29  29  THR THR A . n 
A 1 34  ARG 34  30  30  ARG ARG A . n 
A 1 35  LYS 35  31  31  LYS LYS A . n 
A 1 36  VAL 36  32  32  VAL VAL A . n 
A 1 37  ALA 37  33  33  ALA ALA A . n 
A 1 38  GLY 38  34  34  GLY GLY A . n 
A 1 39  MET 39  35  35  MET MET A . n 
A 1 40  ALA 40  36  36  ALA ALA A . n 
A 1 41  LYS 41  37  37  LYS LYS A . n 
A 1 42  PRO 42  38  38  PRO PRO A . n 
A 1 43  ASN 43  39  39  ASN ASN A . n 
A 1 44  MET 44  40  40  MET MET A . n 
A 1 45  ILE 45  41  41  ILE ILE A . n 
A 1 46  ILE 46  42  42  ILE ILE A . n 
A 1 47  SER 47  43  43  SER SER A . n 
A 1 48  VAL 48  44  44  VAL VAL A . n 
A 1 49  ASN 49  45  45  ASN ASN A . n 
A 1 50  GLY 50  46  46  GLY GLY A . n 
A 1 51  ASP 51  47  47  ASP ASP A . n 
A 1 52  VAL 52  48  48  VAL VAL A . n 
A 1 53  ILE 53  49  49  ILE ILE A . n 
A 1 54  THR 54  50  50  THR THR A . n 
A 1 55  ILE 55  51  51  ILE ILE A . n 
A 1 56  LYS 56  52  52  LYS LYS A . n 
A 1 57  SER 57  53  53  SER SER A . n 
A 1 58  GLU 58  54  54  GLU GLU A . n 
A 1 59  SER 59  55  55  SER SER A . n 
A 1 60  THR 60  56  56  THR THR A . n 
A 1 61  PHE 61  57  57  PHE PHE A . n 
A 1 62  LYS 62  58  58  LYS LYS A . n 
A 1 63  ASN 63  59  59  ASN ASN A . n 
A 1 64  THR 64  60  60  THR THR A . n 
A 1 65  GLU 65  61  61  GLU GLU A . n 
A 1 66  ILE 66  62  62  ILE ILE A . n 
A 1 67  SER 67  63  63  SER SER A . n 
A 1 68  PHE 68  64  64  PHE PHE A . n 
A 1 69  ILE 69  65  65  ILE ILE A . n 
A 1 70  LEU 70  66  66  LEU LEU A . n 
A 1 71  GLY 71  67  67  GLY GLY A . n 
A 1 72  GLN 72  68  68  GLN GLN A . n 
A 1 73  GLU 73  69  69  GLU GLU A . n 
A 1 74  PHE 74  70  70  PHE PHE A . n 
A 1 75  ASP 75  71  71  ASP ASP A . n 
A 1 76  GLU 76  72  72  GLU GLU A . n 
A 1 77  VAL 77  73  73  VAL VAL A . n 
A 1 78  THR 78  74  74  THR THR A . n 
A 1 79  ALA 79  75  75  ALA ALA A . n 
A 1 80  ASP 80  76  76  ASP ASP A . n 
A 1 81  ASP 81  77  77  ASP ASP A . n 
A 1 82  ARG 82  78  78  ARG ARG A . n 
A 1 83  LYS 83  79  79  LYS LYS A . n 
A 1 84  VAL 84  80  80  VAL VAL A . n 
A 1 85  LYS 85  81  81  LYS LYS A . n 
A 1 86  SER 86  82  82  SER SER A . n 
A 1 87  THR 87  83  83  THR THR A . n 
A 1 88  ILE 88  84  84  ILE ILE A . n 
A 1 89  THR 89  85  85  THR THR A . n 
A 1 90  LEU 90  86  86  LEU LEU A . n 
A 1 91  ASP 91  87  87  ASP ASP A . n 
A 1 92  GLY 92  88  88  GLY GLY A . n 
A 1 93  GLY 93  89  89  GLY GLY A . n 
A 1 94  VAL 94  90  90  VAL VAL A . n 
A 1 95  LEU 95  91  91  LEU LEU A . n 
A 1 96  VAL 96  92  92  VAL VAL A . n 
A 1 97  HIS 97  93  93  HIS HIS A . n 
A 1 98  VAL 98  94  94  VAL VAL A . n 
A 1 99  GLN 99  95  95  GLN GLN A . n 
A 1 100 LYS 100 96  96  LYS LYS A . n 
A 1 101 TRP 101 97  97  TRP TRP A . n 
A 1 102 ASP 102 98  98  ASP ASP A . n 
A 1 103 GLY 103 99  99  GLY GLY A . n 
A 1 104 LYS 104 100 100 LYS LYS A . n 
A 1 105 SER 105 101 101 SER SER A . n 
A 1 106 THR 106 102 102 THR THR A . n 
A 1 107 THR 107 103 103 THR THR A . n 
A 1 108 ILE 108 104 104 ILE ILE A . n 
A 1 109 LYS 109 105 105 LYS LYS A . n 
A 1 110 ARG 110 106 106 ARG ARG A . n 
A 1 111 LYS 111 107 107 LYS LYS A . n 
A 1 112 ARG 112 108 108 ARG ARG A . n 
A 1 113 GLU 113 109 109 GLU GLU A . n 
A 1 114 ASP 114 110 110 ASP ASP A . n 
A 1 115 ASP 115 111 111 ASP ASP A . n 
A 1 116 LYS 116 112 112 LYS LYS A . n 
A 1 117 LEU 117 113 113 LEU LEU A . n 
A 1 118 VAL 118 114 114 VAL VAL A . n 
A 1 119 VAL 119 115 115 VAL VAL A . n 
A 1 120 GLU 120 116 116 GLU GLU A . n 
A 1 121 CYS 121 117 117 CYS CYS A . n 
A 1 122 VAL 122 118 118 VAL VAL A . n 
A 1 123 MET 123 119 119 MET MET A . n 
A 1 124 LYS 124 120 120 LYS LYS A . n 
A 1 125 GLY 125 121 121 GLY GLY A . n 
A 1 126 VAL 126 122 122 VAL VAL A . n 
A 1 127 THR 127 123 123 THR THR A . n 
A 1 128 SER 128 124 124 SER SER A . n 
A 1 129 THR 129 125 125 THR THR A . n 
A 1 130 ARG 130 126 126 ARG ARG A . n 
A 1 131 VAL 131 127 127 VAL VAL A . n 
A 1 132 TYR 132 128 128 TYR TYR A . n 
A 1 133 GLU 133 129 129 GLU GLU A . n 
A 1 134 ARG 134 130 130 ARG ARG A . n 
A 1 135 ALA 135 131 131 ALA ALA A . n 
# 
_pdbx_entity_instance_feature.ordinal        1 
_pdbx_entity_instance_feature.comp_id        W9W 
_pdbx_entity_instance_feature.asym_id        ? 
_pdbx_entity_instance_feature.seq_num        ? 
_pdbx_entity_instance_feature.auth_comp_id   W9W 
_pdbx_entity_instance_feature.auth_asym_id   ? 
_pdbx_entity_instance_feature.auth_seq_num   ? 
_pdbx_entity_instance_feature.feature_type   'SUBJECT OF INVESTIGATION' 
_pdbx_entity_instance_feature.details        ? 
# 
loop_
_pdbx_nonpoly_scheme.asym_id 
_pdbx_nonpoly_scheme.entity_id 
_pdbx_nonpoly_scheme.mon_id 
_pdbx_nonpoly_scheme.ndb_seq_num 
_pdbx_nonpoly_scheme.pdb_seq_num 
_pdbx_nonpoly_scheme.auth_seq_num 
_pdbx_nonpoly_scheme.pdb_mon_id 
_pdbx_nonpoly_scheme.auth_mon_id 
_pdbx_nonpoly_scheme.pdb_strand_id 
_pdbx_nonpoly_scheme.pdb_ins_code 
B 2 SO4 1   201 3   SO4 SO4 A . 
C 3 W9W 1   202 1   W9W UNL A . 
D 4 HOH 1   301 102 HOH HOH A . 
D 4 HOH 2   302 12  HOH HOH A . 
D 4 HOH 3   303 112 HOH HOH A . 
D 4 HOH 4   304 6   HOH HOH A . 
D 4 HOH 5   305 76  HOH HOH A . 
D 4 HOH 6   306 13  HOH HOH A . 
D 4 HOH 7   307 104 HOH HOH A . 
D 4 HOH 8   308 81  HOH HOH A . 
D 4 HOH 9   309 124 HOH HOH A . 
D 4 HOH 10  310 72  HOH HOH A . 
D 4 HOH 11  311 36  HOH HOH A . 
D 4 HOH 12  312 33  HOH HOH A . 
D 4 HOH 13  313 25  HOH HOH A . 
D 4 HOH 14  314 30  HOH HOH A . 
D 4 HOH 15  315 44  HOH HOH A . 
D 4 HOH 16  316 45  HOH HOH A . 
D 4 HOH 17  317 74  HOH HOH A . 
D 4 HOH 18  318 35  HOH HOH A . 
D 4 HOH 19  319 20  HOH HOH A . 
D 4 HOH 20  320 37  HOH HOH A . 
D 4 HOH 21  321 107 HOH HOH A . 
D 4 HOH 22  322 98  HOH HOH A . 
D 4 HOH 23  323 39  HOH HOH A . 
D 4 HOH 24  324 99  HOH HOH A . 
D 4 HOH 25  325 64  HOH HOH A . 
D 4 HOH 26  326 4   HOH HOH A . 
D 4 HOH 27  327 26  HOH HOH A . 
D 4 HOH 28  328 23  HOH HOH A . 
D 4 HOH 29  329 87  HOH HOH A . 
D 4 HOH 30  330 3   HOH HOH A . 
D 4 HOH 31  331 83  HOH HOH A . 
D 4 HOH 32  332 22  HOH HOH A . 
D 4 HOH 33  333 17  HOH HOH A . 
D 4 HOH 34  334 68  HOH HOH A . 
D 4 HOH 35  335 52  HOH HOH A . 
D 4 HOH 36  336 9   HOH HOH A . 
D 4 HOH 37  337 21  HOH HOH A . 
D 4 HOH 38  338 7   HOH HOH A . 
D 4 HOH 39  339 79  HOH HOH A . 
D 4 HOH 40  340 15  HOH HOH A . 
D 4 HOH 41  341 47  HOH HOH A . 
D 4 HOH 42  342 62  HOH HOH A . 
D 4 HOH 43  343 16  HOH HOH A . 
D 4 HOH 44  344 115 HOH HOH A . 
D 4 HOH 45  345 38  HOH HOH A . 
D 4 HOH 46  346 32  HOH HOH A . 
D 4 HOH 47  347 80  HOH HOH A . 
D 4 HOH 48  348 55  HOH HOH A . 
D 4 HOH 49  349 65  HOH HOH A . 
D 4 HOH 50  350 49  HOH HOH A . 
D 4 HOH 51  351 88  HOH HOH A . 
D 4 HOH 52  352 58  HOH HOH A . 
D 4 HOH 53  353 2   HOH HOH A . 
D 4 HOH 54  354 121 HOH HOH A . 
D 4 HOH 55  355 82  HOH HOH A . 
D 4 HOH 56  356 122 HOH HOH A . 
D 4 HOH 57  357 1   HOH HOH A . 
D 4 HOH 58  358 109 HOH HOH A . 
D 4 HOH 59  359 66  HOH HOH A . 
D 4 HOH 60  360 29  HOH HOH A . 
D 4 HOH 61  361 11  HOH HOH A . 
D 4 HOH 62  362 116 HOH HOH A . 
D 4 HOH 63  363 31  HOH HOH A . 
D 4 HOH 64  364 14  HOH HOH A . 
D 4 HOH 65  365 28  HOH HOH A . 
D 4 HOH 66  366 8   HOH HOH A . 
D 4 HOH 67  367 34  HOH HOH A . 
D 4 HOH 68  368 114 HOH HOH A . 
D 4 HOH 69  369 100 HOH HOH A . 
D 4 HOH 70  370 27  HOH HOH A . 
D 4 HOH 71  371 97  HOH HOH A . 
D 4 HOH 72  372 10  HOH HOH A . 
D 4 HOH 73  373 56  HOH HOH A . 
D 4 HOH 74  374 5   HOH HOH A . 
D 4 HOH 75  375 19  HOH HOH A . 
D 4 HOH 76  376 43  HOH HOH A . 
D 4 HOH 77  377 41  HOH HOH A . 
D 4 HOH 78  378 67  HOH HOH A . 
D 4 HOH 79  379 57  HOH HOH A . 
D 4 HOH 80  380 48  HOH HOH A . 
D 4 HOH 81  381 85  HOH HOH A . 
D 4 HOH 82  382 70  HOH HOH A . 
D 4 HOH 83  383 51  HOH HOH A . 
D 4 HOH 84  384 120 HOH HOH A . 
D 4 HOH 85  385 24  HOH HOH A . 
D 4 HOH 86  386 63  HOH HOH A . 
D 4 HOH 87  387 54  HOH HOH A . 
D 4 HOH 88  388 40  HOH HOH A . 
D 4 HOH 89  389 53  HOH HOH A . 
D 4 HOH 90  390 113 HOH HOH A . 
D 4 HOH 91  391 84  HOH HOH A . 
D 4 HOH 92  392 46  HOH HOH A . 
D 4 HOH 93  393 73  HOH HOH A . 
D 4 HOH 94  394 59  HOH HOH A . 
D 4 HOH 95  395 18  HOH HOH A . 
D 4 HOH 96  396 61  HOH HOH A . 
D 4 HOH 97  397 42  HOH HOH A . 
D 4 HOH 98  398 75  HOH HOH A . 
D 4 HOH 99  399 78  HOH HOH A . 
D 4 HOH 100 400 93  HOH HOH A . 
D 4 HOH 101 401 50  HOH HOH A . 
D 4 HOH 102 402 91  HOH HOH A . 
D 4 HOH 103 403 90  HOH HOH A . 
D 4 HOH 104 404 86  HOH HOH A . 
D 4 HOH 105 405 123 HOH HOH A . 
D 4 HOH 106 406 96  HOH HOH A . 
D 4 HOH 107 407 111 HOH HOH A . 
D 4 HOH 108 408 69  HOH HOH A . 
D 4 HOH 109 409 94  HOH HOH A . 
D 4 HOH 110 410 71  HOH HOH A . 
D 4 HOH 111 411 101 HOH HOH A . 
D 4 HOH 112 412 106 HOH HOH A . 
D 4 HOH 113 413 89  HOH HOH A . 
D 4 HOH 114 414 92  HOH HOH A . 
D 4 HOH 115 415 95  HOH HOH A . 
D 4 HOH 116 416 119 HOH HOH A . 
D 4 HOH 117 417 117 HOH HOH A . 
D 4 HOH 118 418 103 HOH HOH A . 
D 4 HOH 119 419 60  HOH HOH A . 
D 4 HOH 120 420 110 HOH HOH A . 
D 4 HOH 121 421 108 HOH HOH A . 
D 4 HOH 122 422 77  HOH HOH A . 
D 4 HOH 123 423 105 HOH HOH A . 
D 4 HOH 124 424 118 HOH HOH A . 
# 
loop_
_software.pdbx_ordinal 
_software.name 
_software.version 
_software.date 
_software.type 
_software.contact_author 
_software.contact_author_email 
_software.classification 
_software.location 
_software.language 
_software.citation_id 
1 XSCALE      .        ?               package 'Wolfgang Kabsch'    ?                        'data scaling'    
http://www.mpimf-heidelberg.mpg.de/~kabsch/xds/html_doc/xscale_program.html ?          ? 
2 REFMAC      5.6.0093 ?               program 'Garib N. Murshudov' garib@ysbl.york.ac.uk    refinement        
http://www.ccp4.ac.uk/dist/html/refmac5.html                                Fortran_77 ? 
3 PDB_EXTRACT 3.27     'Oct. 31, 2020' package PDB                  deposit@deposit.rcsb.org 'data extraction' 
http://sw-tools.pdb.org/apps/PDB_EXTRACT/                                   C++        ? 
4 XDS         .        ?               ?       ?                    ?                        'data reduction'  ? ?          ? 
5 PHASER      .        ?               ?       ?                    ?                        phasing           ? ?          ? 
# 
_cell.entry_id           7FYX 
_cell.length_a           35.381 
_cell.length_b           55.201 
_cell.length_c           74.233 
_cell.angle_alpha        90.000 
_cell.angle_beta         90.000 
_cell.angle_gamma        90.000 
_cell.Z_PDB              4 
_cell.pdbx_unique_axis   ? 
# 
_symmetry.entry_id                         7FYX 
_symmetry.space_group_name_H-M             'P 21 21 21' 
_symmetry.pdbx_full_space_group_name_H-M   ? 
_symmetry.cell_setting                     ? 
_symmetry.Int_Tables_number                19 
# 
_exptl.crystals_number   1 
_exptl.entry_id          7FYX 
_exptl.method            'X-RAY DIFFRACTION' 
# 
_exptl_crystal.id                    1 
_exptl_crystal.density_meas          ? 
_exptl_crystal.density_Matthews      2.41 
_exptl_crystal.density_percent_sol   49.02 
_exptl_crystal.description           ? 
_exptl_crystal.preparation           ? 
# 
_exptl_crystal_grow.crystal_id      1 
_exptl_crystal_grow.method          'VAPOR DIFFUSION, SITTING DROP' 
_exptl_crystal_grow.pH              7.0 
_exptl_crystal_grow.temp            293 
_exptl_crystal_grow.pdbx_details    'protein in 25mM Tris/HCl pH 7.5 100mM NaCl, see also PMID 27658368' 
_exptl_crystal_grow.temp_details    ? 
_exptl_crystal_grow.pdbx_pH_range   ? 
# 
_diffrn.id                               1 
_diffrn.crystal_id                       1 
_diffrn.ambient_temp                     100 
_diffrn.ambient_temp_details             ? 
_diffrn.pdbx_serial_crystal_experiment   ? 
# 
_diffrn_detector.diffrn_id              1 
_diffrn_detector.detector               PIXEL 
_diffrn_detector.type                   'PSI PILATUS 6M' 
_diffrn_detector.pdbx_collection_date   2011-01-28 
_diffrn_detector.details                ? 
# 
_diffrn_radiation.diffrn_id                        1 
_diffrn_radiation.pdbx_diffrn_protocol             'SINGLE WAVELENGTH' 
_diffrn_radiation.monochromator                    ? 
_diffrn_radiation.pdbx_monochromatic_or_laue_m_l   M 
_diffrn_radiation.wavelength_id                    1 
_diffrn_radiation.pdbx_scattering_type             x-ray 
# 
_diffrn_radiation_wavelength.id           1 
_diffrn_radiation_wavelength.wavelength   1.000000 
_diffrn_radiation_wavelength.wt           1.0 
# 
_diffrn_source.diffrn_id                   1 
_diffrn_source.source                      SYNCHROTRON 
_diffrn_source.type                        'SLS BEAMLINE X10SA' 
_diffrn_source.pdbx_wavelength_list        1.000000 
_diffrn_source.pdbx_synchrotron_site       SLS 
_diffrn_source.pdbx_synchrotron_beamline   X10SA 
_diffrn_source.pdbx_wavelength             ? 
# 
_reflns.entry_id                     7FYX 
_reflns.pdbx_diffrn_id               1 
_reflns.pdbx_ordinal                 1 
_reflns.observed_criterion_sigma_I   ? 
_reflns.observed_criterion_sigma_F   ? 
_reflns.d_resolution_low             37.12 
_reflns.d_resolution_high            1.400 
_reflns.number_obs                   28729 
_reflns.number_all                   ? 
_reflns.percent_possible_obs         97.600 
_reflns.pdbx_Rmerge_I_obs            0.048 
_reflns.pdbx_Rsym_value              ? 
_reflns.pdbx_netI_over_sigmaI        18.260 
_reflns.B_iso_Wilson_estimate        24.851 
_reflns.pdbx_redundancy              6.490 
_reflns.pdbx_Rrim_I_all              0.053 
_reflns.pdbx_Rpim_I_all              ? 
_reflns.pdbx_CC_half                 0.999 
_reflns.pdbx_netI_over_av_sigmaI     ? 
_reflns.pdbx_number_measured_all     186442 
_reflns.pdbx_scaling_rejects         365 
_reflns.pdbx_chi_squared             0.891 
_reflns.Rmerge_F_all                 ? 
_reflns.Rmerge_F_obs                 ? 
_reflns.observed_criterion_F_max     ? 
_reflns.observed_criterion_F_min     ? 
_reflns.observed_criterion_I_max     ? 
_reflns.observed_criterion_I_min     ? 
_reflns.pdbx_d_res_high_opt          ? 
_reflns.pdbx_d_res_low_opt           ? 
_reflns.details                      ? 
# 
loop_
_reflns_shell.pdbx_diffrn_id 
_reflns_shell.pdbx_ordinal 
_reflns_shell.d_res_high 
_reflns_shell.d_res_low 
_reflns_shell.number_measured_obs 
_reflns_shell.number_measured_all 
_reflns_shell.number_unique_obs 
_reflns_shell.pdbx_rejects 
_reflns_shell.Rmerge_I_obs 
_reflns_shell.meanI_over_sigI_obs 
_reflns_shell.pdbx_Rsym_value 
_reflns_shell.pdbx_chi_squared 
_reflns_shell.pdbx_redundancy 
_reflns_shell.percent_possible_obs 
_reflns_shell.pdbx_netI_over_sigmaI_obs 
_reflns_shell.number_possible 
_reflns_shell.number_unique_all 
_reflns_shell.Rmerge_F_all 
_reflns_shell.Rmerge_F_obs 
_reflns_shell.Rmerge_I_all 
_reflns_shell.meanI_over_sigI_all 
_reflns_shell.percent_possible_all 
_reflns_shell.pdbx_Rrim_I_all 
_reflns_shell.pdbx_Rpim_I_all 
_reflns_shell.pdbx_CC_half 
1 1  1.400 1.440  14183 ? 2045 ? 1.103 1.640  ? ? 6.935 ? ? 2135 ? ? ? ? ? 95.800 1.191 ? 0.743 
1 2  1.440 1.480  13269 ? 2009 ? 0.752 2.700  ? ? 6.605 ? ? 2089 ? ? ? ? ? 96.200 0.815 ? 0.812 
1 3  1.480 1.520  12956 ? 1935 ? 0.867 2.370  ? ? 6.696 ? ? 2014 ? ? ? ? ? 96.100 0.938 ? 0.854 
1 4  1.520 1.570  12213 ? 1911 ? 0.510 4.000  ? ? 6.391 ? ? 1975 ? ? ? ? ? 96.800 0.555 ? 0.902 
1 5  1.570 1.620  11595 ? 1880 ? 0.348 4.940  ? ? 6.168 ? ? 1929 ? ? ? ? ? 97.500 0.381 ? 0.942 
1 6  1.620 1.670  12473 ? 1809 ? 0.274 6.260  ? ? 6.895 ? ? 1854 ? ? ? ? ? 97.600 0.296 ? 0.971 
1 7  1.670 1.740  12161 ? 1751 ? 0.211 8.260  ? ? 6.945 ? ? 1789 ? ? ? ? ? 97.900 0.228 ? 0.981 
1 8  1.740 1.810  11710 ? 1680 ? 0.148 11.120 ? ? 6.970 ? ? 1706 ? ? ? ? ? 98.500 0.160 ? 0.991 
1 9  1.810 1.890  11101 ? 1651 ? 0.118 14.420 ? ? 6.724 ? ? 1674 ? ? ? ? ? 98.600 0.128 ? 0.993 
1 10 1.890 1.980  9022  ? 1537 ? 0.104 18.240 ? ? 5.870 ? ? 1607 ? ? ? ? ? 95.600 0.115 ? 0.990 
1 11 1.980 2.090  8735  ? 1486 ? 0.070 23.240 ? ? 5.878 ? ? 1512 ? ? ? ? ? 98.300 0.077 ? 0.996 
1 12 2.090 2.210  9886  ? 1415 ? 0.054 28.530 ? ? 6.987 ? ? 1437 ? ? ? ? ? 98.500 0.058 ? 0.998 
1 13 2.210 2.370  8199  ? 1334 ? 0.052 32.060 ? ? 6.146 ? ? 1362 ? ? ? ? ? 97.900 0.057 ? 0.998 
1 14 2.370 2.560  8256  ? 1260 ? 0.046 36.340 ? ? 6.552 ? ? 1272 ? ? ? ? ? 99.100 0.050 ? 0.998 
1 15 2.560 2.800  6791  ? 1152 ? 0.042 38.580 ? ? 5.895 ? ? 1161 ? ? ? ? ? 99.200 0.046 ? 0.998 
1 16 2.800 3.130  6611  ? 1068 ? 0.032 43.040 ? ? 6.190 ? ? 1084 ? ? ? ? ? 98.500 0.035 ? 0.999 
1 17 3.130 3.610  6109  ? 949  ? 0.029 50.700 ? ? 6.437 ? ? 955  ? ? ? ? ? 99.400 0.031 ? 0.999 
1 18 3.610 4.430  4940  ? 812  ? 0.026 52.110 ? ? 6.084 ? ? 822  ? ? ? ? ? 98.800 0.028 ? 0.999 
1 19 4.430 6.260  3763  ? 649  ? 0.023 50.630 ? ? 5.798 ? ? 654  ? ? ? ? ? 99.200 0.025 ? 0.999 
1 20 6.260 37.120 2469  ? 396  ? 0.020 52.390 ? ? 6.235 ? ? 401  ? ? ? ? ? 98.800 0.022 ? 1.000 
# 
_refine.entry_id                                 7FYX 
_refine.pdbx_refine_id                           'X-RAY DIFFRACTION' 
_refine.ls_d_res_high                            1.4000 
_refine.ls_d_res_low                             37.1200 
_refine.pdbx_ls_sigma_F                          0.000 
_refine.pdbx_data_cutoff_high_absF               ? 
_refine.pdbx_data_cutoff_low_absF                ? 
_refine.ls_percent_reflns_obs                    84.8400 
_refine.ls_number_reflns_obs                     23650 
_refine.ls_number_reflns_all                     ? 
_refine.pdbx_ls_cross_valid_method               THROUGHOUT 
_refine.ls_matrix_type                           ? 
_refine.pdbx_R_Free_selection_details            RANDOM 
_refine.details                                  ? 
_refine.ls_R_factor_all                          ? 
_refine.ls_R_factor_obs                          0.1968 
_refine.ls_R_factor_R_work                       0.1951 
_refine.ls_wR_factor_R_work                      ? 
_refine.ls_R_factor_R_free                       0.2273 
_refine.ls_wR_factor_R_free                      ? 
_refine.ls_percent_reflns_R_free                 5.1000 
_refine.ls_number_reflns_R_free                  1270 
_refine.ls_number_reflns_R_work                  ? 
_refine.ls_R_factor_R_free_error                 ? 
_refine.B_iso_mean                               18.3720 
_refine.solvent_model_param_bsol                 ? 
_refine.solvent_model_param_ksol                 ? 
_refine.pdbx_isotropic_thermal_model             ? 
_refine.aniso_B[1][1]                            1.3100 
_refine.aniso_B[2][2]                            -0.7400 
_refine.aniso_B[3][3]                            -0.5800 
_refine.aniso_B[1][2]                            0.0000 
_refine.aniso_B[1][3]                            0.0000 
_refine.aniso_B[2][3]                            0.0000 
_refine.correlation_coeff_Fo_to_Fc               0.9600 
_refine.correlation_coeff_Fo_to_Fc_free          0.9410 
_refine.overall_SU_R_Cruickshank_DPI             ? 
_refine.pdbx_overall_SU_R_free_Cruickshank_DPI   ? 
_refine.pdbx_overall_SU_R_Blow_DPI               ? 
_refine.pdbx_overall_SU_R_free_Blow_DPI          ? 
_refine.overall_SU_R_free                        ? 
_refine.pdbx_overall_ESU_R                       0.0750 
_refine.pdbx_overall_ESU_R_Free                  0.0780 
_refine.overall_SU_ML                            0.0570 
_refine.overall_SU_B                             1.4550 
_refine.solvent_model_details                    'BABINET MODEL WITH MASK' 
_refine.pdbx_solvent_vdw_probe_radii             1.2000 
_refine.pdbx_solvent_ion_probe_radii             0.8000 
_refine.pdbx_solvent_shrinkage_radii             0.8000 
_refine.ls_number_parameters                     ? 
_refine.ls_number_restraints                     ? 
_refine.pdbx_starting_model                      'inhouse model' 
_refine.pdbx_method_to_determine_struct          'MOLECULAR REPLACEMENT' 
_refine.pdbx_stereochemistry_target_values       'MAXIMUM LIKELIHOOD' 
_refine.pdbx_stereochem_target_val_spec_case     ? 
_refine.overall_FOM_work_R_set                   ? 
_refine.B_iso_max                                80.000 
_refine.B_iso_min                                12.270 
_refine.pdbx_overall_phase_error                 ? 
_refine.occupancy_max                            ? 
_refine.occupancy_min                            ? 
_refine.pdbx_diffrn_id                           1 
_refine.pdbx_TLS_residual_ADP_flag               ? 
_refine.pdbx_ls_sigma_I                          ? 
_refine.pdbx_data_cutoff_high_rms_absF           ? 
_refine.ls_R_factor_R_free_error_details         ? 
# 
_refine_hist.cycle_id                         final 
_refine_hist.pdbx_refine_id                   'X-RAY DIFFRACTION' 
_refine_hist.d_res_high                       1.4000 
_refine_hist.d_res_low                        37.1200 
_refine_hist.pdbx_number_atoms_ligand         27 
_refine_hist.number_atoms_solvent             124 
_refine_hist.number_atoms_total               1191 
_refine_hist.pdbx_number_residues_total       133 
_refine_hist.pdbx_B_iso_mean_ligand           27.89 
_refine_hist.pdbx_B_iso_mean_solvent          29.18 
_refine_hist.pdbx_number_atoms_protein        1040 
_refine_hist.pdbx_number_atoms_nucleic_acid   0 
# 
loop_
_refine_ls_restr.pdbx_refine_id 
_refine_ls_restr.type 
_refine_ls_restr.number 
_refine_ls_restr.dev_ideal 
_refine_ls_restr.dev_ideal_target 
_refine_ls_restr.weight 
_refine_ls_restr.pdbx_restraint_function 
'X-RAY DIFFRACTION' r_bond_refined_d       1112 0.018  0.022  ? ? 
'X-RAY DIFFRACTION' r_bond_other_d         758  0.004  0.020  ? ? 
'X-RAY DIFFRACTION' r_angle_refined_deg    1499 1.611  1.977  ? ? 
'X-RAY DIFFRACTION' r_angle_other_deg      1856 1.509  3.000  ? ? 
'X-RAY DIFFRACTION' r_dihedral_angle_1_deg 140  6.224  5.000  ? ? 
'X-RAY DIFFRACTION' r_dihedral_angle_2_deg 45   30.994 24.667 ? ? 
'X-RAY DIFFRACTION' r_dihedral_angle_3_deg 210  13.775 15.000 ? ? 
'X-RAY DIFFRACTION' r_dihedral_angle_4_deg 6    18.292 15.000 ? ? 
'X-RAY DIFFRACTION' r_chiral_restr         168  0.095  0.200  ? ? 
'X-RAY DIFFRACTION' r_gen_planes_refined   1240 0.009  0.020  ? ? 
'X-RAY DIFFRACTION' r_gen_planes_other     222  0.004  0.020  ? ? 
# 
_refine_ls_shell.d_res_high                       1.4000 
_refine_ls_shell.d_res_low                        1.4360 
_refine_ls_shell.pdbx_total_number_of_bins_used   20 
_refine_ls_shell.percent_reflns_obs               74.2200 
_refine_ls_shell.number_reflns_R_work             1420 
_refine_ls_shell.R_factor_all                     ? 
_refine_ls_shell.R_factor_R_work                  0.2700 
_refine_ls_shell.R_factor_R_free                  0.3330 
_refine_ls_shell.percent_reflns_R_free            ? 
_refine_ls_shell.number_reflns_R_free             80 
_refine_ls_shell.R_factor_R_free_error            0.0000 
_refine_ls_shell.number_reflns_all                1500 
_refine_ls_shell.number_reflns_obs                ? 
_refine_ls_shell.pdbx_refine_id                   'X-RAY DIFFRACTION' 
# 
_struct.entry_id                  7FYX 
_struct.title                     
;Crystal Structure of human FABP4 in complex with 2-[(3-phenylthiophen-2-yl)carbamoyl]cyclopentene-1-carboxylic acid, i.e. SMILES S1C(=C(C=C1)c1ccccc1)NC(=O)C1=C(CCC1)C(=O)O with IC50=0.201 microM
;
_struct.pdbx_model_details        ? 
_struct.pdbx_CASP_flag            ? 
_struct.pdbx_model_type_details   ? 
# 
_struct_keywords.entry_id        7FYX 
_struct_keywords.text            
'LIPID BINDING PROTEIN, FATTY ACID BINDING PROTEIN, CYTOPLASM, LIPID-BINDING, TRANSPORT, PROTEIN BINDING' 
_struct_keywords.pdbx_keywords   'LIPID BINDING PROTEIN' 
# 
loop_
_struct_asym.id 
_struct_asym.pdbx_blank_PDB_chainid_flag 
_struct_asym.pdbx_modified 
_struct_asym.entity_id 
_struct_asym.details 
A N N 1 ? 
B N N 2 ? 
C N N 3 ? 
D N N 4 ? 
# 
_struct_ref.id                         1 
_struct_ref.db_name                    UNP 
_struct_ref.db_code                    FABP4_HUMAN 
_struct_ref.pdbx_db_accession          P15090 
_struct_ref.pdbx_db_isoform            ? 
_struct_ref.entity_id                  1 
_struct_ref.pdbx_seq_one_letter_code   
;MCDAFVGTWKLVSSENFDDYMKEVGVGFATRKVAGMAKPNMIISVNGDVITIKSESTFKNTEISFILGQEFDEVTADDRK
VKSTITLDGGVLVHVQKWDGKSTTIKRKREDDKLVVECVMKGVTSTRVYERA
;
_struct_ref.pdbx_align_begin           1 
# 
_struct_ref_seq.align_id                      1 
_struct_ref_seq.ref_id                        1 
_struct_ref_seq.pdbx_PDB_id_code              7FYX 
_struct_ref_seq.pdbx_strand_id                A 
_struct_ref_seq.seq_align_beg                 4 
_struct_ref_seq.pdbx_seq_align_beg_ins_code   ? 
_struct_ref_seq.seq_align_end                 135 
_struct_ref_seq.pdbx_seq_align_end_ins_code   ? 
_struct_ref_seq.pdbx_db_accession             P15090 
_struct_ref_seq.db_align_beg                  1 
_struct_ref_seq.pdbx_db_align_beg_ins_code    ? 
_struct_ref_seq.db_align_end                  132 
_struct_ref_seq.pdbx_db_align_end_ins_code    ? 
_struct_ref_seq.pdbx_auth_seq_align_beg       0 
_struct_ref_seq.pdbx_auth_seq_align_end       131 
# 
loop_
_struct_ref_seq_dif.align_id 
_struct_ref_seq_dif.pdbx_pdb_id_code 
_struct_ref_seq_dif.mon_id 
_struct_ref_seq_dif.pdbx_pdb_strand_id 
_struct_ref_seq_dif.seq_num 
_struct_ref_seq_dif.pdbx_pdb_ins_code 
_struct_ref_seq_dif.pdbx_seq_db_name 
_struct_ref_seq_dif.pdbx_seq_db_accession_code 
_struct_ref_seq_dif.db_mon_id 
_struct_ref_seq_dif.pdbx_seq_db_seq_num 
_struct_ref_seq_dif.details 
_struct_ref_seq_dif.pdbx_auth_seq_num 
_struct_ref_seq_dif.pdbx_ordinal 
1 7FYX GLY A 1 ? UNP P15090 ? ? 'expression tag' -3 1 
1 7FYX SER A 2 ? UNP P15090 ? ? 'expression tag' -2 2 
1 7FYX HIS A 3 ? UNP P15090 ? ? 'expression tag' -1 3 
# 
_pdbx_struct_assembly.id                   1 
_pdbx_struct_assembly.details              author_and_software_defined_assembly 
_pdbx_struct_assembly.method_details       PISA 
_pdbx_struct_assembly.oligomeric_details   monomeric 
_pdbx_struct_assembly.oligomeric_count     1 
# 
_pdbx_struct_assembly_gen.assembly_id       1 
_pdbx_struct_assembly_gen.oper_expression   1 
_pdbx_struct_assembly_gen.asym_id_list      A,B,C,D 
# 
_pdbx_struct_assembly_auth_evidence.id                     1 
_pdbx_struct_assembly_auth_evidence.assembly_id            1 
_pdbx_struct_assembly_auth_evidence.experimental_support   'gel filtration' 
_pdbx_struct_assembly_auth_evidence.details                'elutes as a monomer' 
# 
_pdbx_struct_oper_list.id                   1 
_pdbx_struct_oper_list.type                 'identity operation' 
_pdbx_struct_oper_list.name                 1_555 
_pdbx_struct_oper_list.symmetry_operation   x,y,z 
_pdbx_struct_oper_list.matrix[1][1]         1.0000000000 
_pdbx_struct_oper_list.matrix[1][2]         0.0000000000 
_pdbx_struct_oper_list.matrix[1][3]         0.0000000000 
_pdbx_struct_oper_list.vector[1]            0.0000000000 
_pdbx_struct_oper_list.matrix[2][1]         0.0000000000 
_pdbx_struct_oper_list.matrix[2][2]         1.0000000000 
_pdbx_struct_oper_list.matrix[2][3]         0.0000000000 
_pdbx_struct_oper_list.vector[2]            0.0000000000 
_pdbx_struct_oper_list.matrix[3][1]         0.0000000000 
_pdbx_struct_oper_list.matrix[3][2]         0.0000000000 
_pdbx_struct_oper_list.matrix[3][3]         1.0000000000 
_pdbx_struct_oper_list.vector[3]            0.0000000000 
# 
loop_
_struct_conf.conf_type_id 
_struct_conf.id 
_struct_conf.pdbx_PDB_helix_id 
_struct_conf.beg_label_comp_id 
_struct_conf.beg_label_asym_id 
_struct_conf.beg_label_seq_id 
_struct_conf.pdbx_beg_PDB_ins_code 
_struct_conf.end_label_comp_id 
_struct_conf.end_label_asym_id 
_struct_conf.end_label_seq_id 
_struct_conf.pdbx_end_PDB_ins_code 
_struct_conf.beg_auth_comp_id 
_struct_conf.beg_auth_asym_id 
_struct_conf.beg_auth_seq_id 
_struct_conf.end_auth_comp_id 
_struct_conf.end_auth_asym_id 
_struct_conf.end_auth_seq_id 
_struct_conf.pdbx_PDB_helix_class 
_struct_conf.details 
_struct_conf.pdbx_PDB_helix_length 
HELX_P HELX_P1 AA1 HIS A 3  ? VAL A 9  ? HIS A -1 VAL A 5  5 ? 7  
HELX_P HELX_P2 AA2 ASN A 19 ? GLY A 28 ? ASN A 15 GLY A 24 1 ? 10 
HELX_P HELX_P3 AA3 GLY A 30 ? ALA A 40 ? GLY A 26 ALA A 36 1 ? 11 
# 
_struct_conf_type.id          HELX_P 
_struct_conf_type.criteria    ? 
_struct_conf_type.reference   ? 
# 
_struct_sheet.id               AA1 
_struct_sheet.type             ? 
_struct_sheet.number_strands   10 
_struct_sheet.details          ? 
# 
loop_
_struct_sheet_order.sheet_id 
_struct_sheet_order.range_id_1 
_struct_sheet_order.range_id_2 
_struct_sheet_order.offset 
_struct_sheet_order.sense 
AA1 1 2  ? anti-parallel 
AA1 2 3  ? anti-parallel 
AA1 3 4  ? anti-parallel 
AA1 4 5  ? anti-parallel 
AA1 5 6  ? anti-parallel 
AA1 6 7  ? anti-parallel 
AA1 7 8  ? anti-parallel 
AA1 8 9  ? anti-parallel 
AA1 9 10 ? anti-parallel 
# 
loop_
_struct_sheet_range.sheet_id 
_struct_sheet_range.id 
_struct_sheet_range.beg_label_comp_id 
_struct_sheet_range.beg_label_asym_id 
_struct_sheet_range.beg_label_seq_id 
_struct_sheet_range.pdbx_beg_PDB_ins_code 
_struct_sheet_range.end_label_comp_id 
_struct_sheet_range.end_label_asym_id 
_struct_sheet_range.end_label_seq_id 
_struct_sheet_range.pdbx_end_PDB_ins_code 
_struct_sheet_range.beg_auth_comp_id 
_struct_sheet_range.beg_auth_asym_id 
_struct_sheet_range.beg_auth_seq_id 
_struct_sheet_range.end_auth_comp_id 
_struct_sheet_range.end_auth_asym_id 
_struct_sheet_range.end_auth_seq_id 
AA1 1  THR A 64  ? PHE A 68  ? THR A 60  PHE A 64  
AA1 2  VAL A 52  ? SER A 57  ? VAL A 48  SER A 53  
AA1 3  ASN A 43  ? ASN A 49  ? ASN A 39  ASN A 45  
AA1 4  GLY A 10  ? GLU A 18  ? GLY A 6   GLU A 14  
AA1 5  VAL A 126 ? ARG A 134 ? VAL A 122 ARG A 130 
AA1 6  LYS A 116 ? MET A 123 ? LYS A 112 MET A 119 
AA1 7  LYS A 104 ? GLU A 113 ? LYS A 100 GLU A 109 
AA1 8  VAL A 94  ? TRP A 101 ? VAL A 90  TRP A 97  
AA1 9  LYS A 83  ? ASP A 91  ? LYS A 79  ASP A 87  
AA1 10 PHE A 74  ? VAL A 77  ? PHE A 70  VAL A 73  
# 
loop_
_pdbx_struct_sheet_hbond.sheet_id 
_pdbx_struct_sheet_hbond.range_id_1 
_pdbx_struct_sheet_hbond.range_id_2 
_pdbx_struct_sheet_hbond.range_1_label_atom_id 
_pdbx_struct_sheet_hbond.range_1_label_comp_id 
_pdbx_struct_sheet_hbond.range_1_label_asym_id 
_pdbx_struct_sheet_hbond.range_1_label_seq_id 
_pdbx_struct_sheet_hbond.range_1_PDB_ins_code 
_pdbx_struct_sheet_hbond.range_1_auth_atom_id 
_pdbx_struct_sheet_hbond.range_1_auth_comp_id 
_pdbx_struct_sheet_hbond.range_1_auth_asym_id 
_pdbx_struct_sheet_hbond.range_1_auth_seq_id 
_pdbx_struct_sheet_hbond.range_2_label_atom_id 
_pdbx_struct_sheet_hbond.range_2_label_comp_id 
_pdbx_struct_sheet_hbond.range_2_label_asym_id 
_pdbx_struct_sheet_hbond.range_2_label_seq_id 
_pdbx_struct_sheet_hbond.range_2_PDB_ins_code 
_pdbx_struct_sheet_hbond.range_2_auth_atom_id 
_pdbx_struct_sheet_hbond.range_2_auth_comp_id 
_pdbx_struct_sheet_hbond.range_2_auth_asym_id 
_pdbx_struct_sheet_hbond.range_2_auth_seq_id 
AA1 1 2  O THR A 64  ? O THR A 60  N SER A 57  ? N SER A 53  
AA1 2 3  O LYS A 56  ? O LYS A 52  N ILE A 45  ? N ILE A 41  
AA1 3 4  O ILE A 46  ? O ILE A 42  N GLY A 10  ? N GLY A 6   
AA1 4 5  N VAL A 15  ? N VAL A 11  O VAL A 131 ? O VAL A 127 
AA1 5 6  O SER A 128 ? O SER A 124 N CYS A 121 ? N CYS A 117 
AA1 6 7  O VAL A 118 ? O VAL A 114 N LYS A 111 ? N LYS A 107 
AA1 7 8  O ILE A 108 ? O ILE A 104 N HIS A 97  ? N HIS A 93  
AA1 8 9  O VAL A 96  ? O VAL A 92  N THR A 89  ? N THR A 85  
AA1 9 10 O SER A 86  ? O SER A 82  N PHE A 74  ? N PHE A 70  
# 
_pdbx_entry_details.entry_id                   7FYX 
_pdbx_entry_details.compound_details           ? 
_pdbx_entry_details.source_details             ? 
_pdbx_entry_details.nonpolymer_details         ? 
_pdbx_entry_details.sequence_details           ? 
_pdbx_entry_details.has_ligand_of_interest     Y 
_pdbx_entry_details.has_protein_modification   N 
# 
_pdbx_validate_rmsd_angle.id                         1 
_pdbx_validate_rmsd_angle.PDB_model_num              1 
_pdbx_validate_rmsd_angle.auth_atom_id_1             NE 
_pdbx_validate_rmsd_angle.auth_asym_id_1             A 
_pdbx_validate_rmsd_angle.auth_comp_id_1             ARG 
_pdbx_validate_rmsd_angle.auth_seq_id_1              106 
_pdbx_validate_rmsd_angle.PDB_ins_code_1             ? 
_pdbx_validate_rmsd_angle.label_alt_id_1             ? 
_pdbx_validate_rmsd_angle.auth_atom_id_2             CZ 
_pdbx_validate_rmsd_angle.auth_asym_id_2             A 
_pdbx_validate_rmsd_angle.auth_comp_id_2             ARG 
_pdbx_validate_rmsd_angle.auth_seq_id_2              106 
_pdbx_validate_rmsd_angle.PDB_ins_code_2             ? 
_pdbx_validate_rmsd_angle.label_alt_id_2             ? 
_pdbx_validate_rmsd_angle.auth_atom_id_3             NH1 
_pdbx_validate_rmsd_angle.auth_asym_id_3             A 
_pdbx_validate_rmsd_angle.auth_comp_id_3             ARG 
_pdbx_validate_rmsd_angle.auth_seq_id_3              106 
_pdbx_validate_rmsd_angle.PDB_ins_code_3             ? 
_pdbx_validate_rmsd_angle.label_alt_id_3             ? 
_pdbx_validate_rmsd_angle.angle_value                123.52 
_pdbx_validate_rmsd_angle.angle_target_value         120.30 
_pdbx_validate_rmsd_angle.angle_deviation            3.22 
_pdbx_validate_rmsd_angle.angle_standard_deviation   0.50 
_pdbx_validate_rmsd_angle.linker_flag                N 
# 
loop_
_pdbx_validate_torsion.id 
_pdbx_validate_torsion.PDB_model_num 
_pdbx_validate_torsion.auth_comp_id 
_pdbx_validate_torsion.auth_asym_id 
_pdbx_validate_torsion.auth_seq_id 
_pdbx_validate_torsion.PDB_ins_code 
_pdbx_validate_torsion.label_alt_id 
_pdbx_validate_torsion.phi 
_pdbx_validate_torsion.psi 
1 1 ASP A 110 ? ? 51.58 -130.57 
2 1 LYS A 120 ? A 55.02 -131.56 
# 
loop_
_pdbx_unobs_or_zero_occ_residues.id 
_pdbx_unobs_or_zero_occ_residues.PDB_model_num 
_pdbx_unobs_or_zero_occ_residues.polymer_flag 
_pdbx_unobs_or_zero_occ_residues.occupancy_flag 
_pdbx_unobs_or_zero_occ_residues.auth_asym_id 
_pdbx_unobs_or_zero_occ_residues.auth_comp_id 
_pdbx_unobs_or_zero_occ_residues.auth_seq_id 
_pdbx_unobs_or_zero_occ_residues.PDB_ins_code 
_pdbx_unobs_or_zero_occ_residues.label_asym_id 
_pdbx_unobs_or_zero_occ_residues.label_comp_id 
_pdbx_unobs_or_zero_occ_residues.label_seq_id 
1 1 Y 1 A GLY -3 ? A GLY 1 
2 1 Y 1 A SER -2 ? A SER 2 
# 
loop_
_chem_comp_atom.comp_id 
_chem_comp_atom.atom_id 
_chem_comp_atom.type_symbol 
_chem_comp_atom.pdbx_aromatic_flag 
_chem_comp_atom.pdbx_stereo_config 
_chem_comp_atom.pdbx_ordinal 
ALA N    N N N 1   
ALA CA   C N S 2   
ALA C    C N N 3   
ALA O    O N N 4   
ALA CB   C N N 5   
ALA OXT  O N N 6   
ALA H    H N N 7   
ALA H2   H N N 8   
ALA HA   H N N 9   
ALA HB1  H N N 10  
ALA HB2  H N N 11  
ALA HB3  H N N 12  
ALA HXT  H N N 13  
ARG N    N N N 14  
ARG CA   C N S 15  
ARG C    C N N 16  
ARG O    O N N 17  
ARG CB   C N N 18  
ARG CG   C N N 19  
ARG CD   C N N 20  
ARG NE   N N N 21  
ARG CZ   C N N 22  
ARG NH1  N N N 23  
ARG NH2  N N N 24  
ARG OXT  O N N 25  
ARG H    H N N 26  
ARG H2   H N N 27  
ARG HA   H N N 28  
ARG HB2  H N N 29  
ARG HB3  H N N 30  
ARG HG2  H N N 31  
ARG HG3  H N N 32  
ARG HD2  H N N 33  
ARG HD3  H N N 34  
ARG HE   H N N 35  
ARG HH11 H N N 36  
ARG HH12 H N N 37  
ARG HH21 H N N 38  
ARG HH22 H N N 39  
ARG HXT  H N N 40  
ASN N    N N N 41  
ASN CA   C N S 42  
ASN C    C N N 43  
ASN O    O N N 44  
ASN CB   C N N 45  
ASN CG   C N N 46  
ASN OD1  O N N 47  
ASN ND2  N N N 48  
ASN OXT  O N N 49  
ASN H    H N N 50  
ASN H2   H N N 51  
ASN HA   H N N 52  
ASN HB2  H N N 53  
ASN HB3  H N N 54  
ASN HD21 H N N 55  
ASN HD22 H N N 56  
ASN HXT  H N N 57  
ASP N    N N N 58  
ASP CA   C N S 59  
ASP C    C N N 60  
ASP O    O N N 61  
ASP CB   C N N 62  
ASP CG   C N N 63  
ASP OD1  O N N 64  
ASP OD2  O N N 65  
ASP OXT  O N N 66  
ASP H    H N N 67  
ASP H2   H N N 68  
ASP HA   H N N 69  
ASP HB2  H N N 70  
ASP HB3  H N N 71  
ASP HD2  H N N 72  
ASP HXT  H N N 73  
CYS N    N N N 74  
CYS CA   C N R 75  
CYS C    C N N 76  
CYS O    O N N 77  
CYS CB   C N N 78  
CYS SG   S N N 79  
CYS OXT  O N N 80  
CYS H    H N N 81  
CYS H2   H N N 82  
CYS HA   H N N 83  
CYS HB2  H N N 84  
CYS HB3  H N N 85  
CYS HG   H N N 86  
CYS HXT  H N N 87  
GLN N    N N N 88  
GLN CA   C N S 89  
GLN C    C N N 90  
GLN O    O N N 91  
GLN CB   C N N 92  
GLN CG   C N N 93  
GLN CD   C N N 94  
GLN OE1  O N N 95  
GLN NE2  N N N 96  
GLN OXT  O N N 97  
GLN H    H N N 98  
GLN H2   H N N 99  
GLN HA   H N N 100 
GLN HB2  H N N 101 
GLN HB3  H N N 102 
GLN HG2  H N N 103 
GLN HG3  H N N 104 
GLN HE21 H N N 105 
GLN HE22 H N N 106 
GLN HXT  H N N 107 
GLU N    N N N 108 
GLU CA   C N S 109 
GLU C    C N N 110 
GLU O    O N N 111 
GLU CB   C N N 112 
GLU CG   C N N 113 
GLU CD   C N N 114 
GLU OE1  O N N 115 
GLU OE2  O N N 116 
GLU OXT  O N N 117 
GLU H    H N N 118 
GLU H2   H N N 119 
GLU HA   H N N 120 
GLU HB2  H N N 121 
GLU HB3  H N N 122 
GLU HG2  H N N 123 
GLU HG3  H N N 124 
GLU HE2  H N N 125 
GLU HXT  H N N 126 
GLY N    N N N 127 
GLY CA   C N N 128 
GLY C    C N N 129 
GLY O    O N N 130 
GLY OXT  O N N 131 
GLY H    H N N 132 
GLY H2   H N N 133 
GLY HA2  H N N 134 
GLY HA3  H N N 135 
GLY HXT  H N N 136 
HIS N    N N N 137 
HIS CA   C N S 138 
HIS C    C N N 139 
HIS O    O N N 140 
HIS CB   C N N 141 
HIS CG   C Y N 142 
HIS ND1  N Y N 143 
HIS CD2  C Y N 144 
HIS CE1  C Y N 145 
HIS NE2  N Y N 146 
HIS OXT  O N N 147 
HIS H    H N N 148 
HIS H2   H N N 149 
HIS HA   H N N 150 
HIS HB2  H N N 151 
HIS HB3  H N N 152 
HIS HD1  H N N 153 
HIS HD2  H N N 154 
HIS HE1  H N N 155 
HIS HE2  H N N 156 
HIS HXT  H N N 157 
HOH O    O N N 158 
HOH H1   H N N 159 
HOH H2   H N N 160 
ILE N    N N N 161 
ILE CA   C N S 162 
ILE C    C N N 163 
ILE O    O N N 164 
ILE CB   C N S 165 
ILE CG1  C N N 166 
ILE CG2  C N N 167 
ILE CD1  C N N 168 
ILE OXT  O N N 169 
ILE H    H N N 170 
ILE H2   H N N 171 
ILE HA   H N N 172 
ILE HB   H N N 173 
ILE HG12 H N N 174 
ILE HG13 H N N 175 
ILE HG21 H N N 176 
ILE HG22 H N N 177 
ILE HG23 H N N 178 
ILE HD11 H N N 179 
ILE HD12 H N N 180 
ILE HD13 H N N 181 
ILE HXT  H N N 182 
LEU N    N N N 183 
LEU CA   C N S 184 
LEU C    C N N 185 
LEU O    O N N 186 
LEU CB   C N N 187 
LEU CG   C N N 188 
LEU CD1  C N N 189 
LEU CD2  C N N 190 
LEU OXT  O N N 191 
LEU H    H N N 192 
LEU H2   H N N 193 
LEU HA   H N N 194 
LEU HB2  H N N 195 
LEU HB3  H N N 196 
LEU HG   H N N 197 
LEU HD11 H N N 198 
LEU HD12 H N N 199 
LEU HD13 H N N 200 
LEU HD21 H N N 201 
LEU HD22 H N N 202 
LEU HD23 H N N 203 
LEU HXT  H N N 204 
LYS N    N N N 205 
LYS CA   C N S 206 
LYS C    C N N 207 
LYS O    O N N 208 
LYS CB   C N N 209 
LYS CG   C N N 210 
LYS CD   C N N 211 
LYS CE   C N N 212 
LYS NZ   N N N 213 
LYS OXT  O N N 214 
LYS H    H N N 215 
LYS H2   H N N 216 
LYS HA   H N N 217 
LYS HB2  H N N 218 
LYS HB3  H N N 219 
LYS HG2  H N N 220 
LYS HG3  H N N 221 
LYS HD2  H N N 222 
LYS HD3  H N N 223 
LYS HE2  H N N 224 
LYS HE3  H N N 225 
LYS HZ1  H N N 226 
LYS HZ2  H N N 227 
LYS HZ3  H N N 228 
LYS HXT  H N N 229 
MET N    N N N 230 
MET CA   C N S 231 
MET C    C N N 232 
MET O    O N N 233 
MET CB   C N N 234 
MET CG   C N N 235 
MET SD   S N N 236 
MET CE   C N N 237 
MET OXT  O N N 238 
MET H    H N N 239 
MET H2   H N N 240 
MET HA   H N N 241 
MET HB2  H N N 242 
MET HB3  H N N 243 
MET HG2  H N N 244 
MET HG3  H N N 245 
MET HE1  H N N 246 
MET HE2  H N N 247 
MET HE3  H N N 248 
MET HXT  H N N 249 
PHE N    N N N 250 
PHE CA   C N S 251 
PHE C    C N N 252 
PHE O    O N N 253 
PHE CB   C N N 254 
PHE CG   C Y N 255 
PHE CD1  C Y N 256 
PHE CD2  C Y N 257 
PHE CE1  C Y N 258 
PHE CE2  C Y N 259 
PHE CZ   C Y N 260 
PHE OXT  O N N 261 
PHE H    H N N 262 
PHE H2   H N N 263 
PHE HA   H N N 264 
PHE HB2  H N N 265 
PHE HB3  H N N 266 
PHE HD1  H N N 267 
PHE HD2  H N N 268 
PHE HE1  H N N 269 
PHE HE2  H N N 270 
PHE HZ   H N N 271 
PHE HXT  H N N 272 
PRO N    N N N 273 
PRO CA   C N S 274 
PRO C    C N N 275 
PRO O    O N N 276 
PRO CB   C N N 277 
PRO CG   C N N 278 
PRO CD   C N N 279 
PRO OXT  O N N 280 
PRO H    H N N 281 
PRO HA   H N N 282 
PRO HB2  H N N 283 
PRO HB3  H N N 284 
PRO HG2  H N N 285 
PRO HG3  H N N 286 
PRO HD2  H N N 287 
PRO HD3  H N N 288 
PRO HXT  H N N 289 
SER N    N N N 290 
SER CA   C N S 291 
SER C    C N N 292 
SER O    O N N 293 
SER CB   C N N 294 
SER OG   O N N 295 
SER OXT  O N N 296 
SER H    H N N 297 
SER H2   H N N 298 
SER HA   H N N 299 
SER HB2  H N N 300 
SER HB3  H N N 301 
SER HG   H N N 302 
SER HXT  H N N 303 
SO4 S    S N N 304 
SO4 O1   O N N 305 
SO4 O2   O N N 306 
SO4 O3   O N N 307 
SO4 O4   O N N 308 
THR N    N N N 309 
THR CA   C N S 310 
THR C    C N N 311 
THR O    O N N 312 
THR CB   C N R 313 
THR OG1  O N N 314 
THR CG2  C N N 315 
THR OXT  O N N 316 
THR H    H N N 317 
THR H2   H N N 318 
THR HA   H N N 319 
THR HB   H N N 320 
THR HG1  H N N 321 
THR HG21 H N N 322 
THR HG22 H N N 323 
THR HG23 H N N 324 
THR HXT  H N N 325 
TRP N    N N N 326 
TRP CA   C N S 327 
TRP C    C N N 328 
TRP O    O N N 329 
TRP CB   C N N 330 
TRP CG   C Y N 331 
TRP CD1  C Y N 332 
TRP CD2  C Y N 333 
TRP NE1  N Y N 334 
TRP CE2  C Y N 335 
TRP CE3  C Y N 336 
TRP CZ2  C Y N 337 
TRP CZ3  C Y N 338 
TRP CH2  C Y N 339 
TRP OXT  O N N 340 
TRP H    H N N 341 
TRP H2   H N N 342 
TRP HA   H N N 343 
TRP HB2  H N N 344 
TRP HB3  H N N 345 
TRP HD1  H N N 346 
TRP HE1  H N N 347 
TRP HE3  H N N 348 
TRP HZ2  H N N 349 
TRP HZ3  H N N 350 
TRP HH2  H N N 351 
TRP HXT  H N N 352 
TYR N    N N N 353 
TYR CA   C N S 354 
TYR C    C N N 355 
TYR O    O N N 356 
TYR CB   C N N 357 
TYR CG   C Y N 358 
TYR CD1  C Y N 359 
TYR CD2  C Y N 360 
TYR CE1  C Y N 361 
TYR CE2  C Y N 362 
TYR CZ   C Y N 363 
TYR OH   O N N 364 
TYR OXT  O N N 365 
TYR H    H N N 366 
TYR H2   H N N 367 
TYR HA   H N N 368 
TYR HB2  H N N 369 
TYR HB3  H N N 370 
TYR HD1  H N N 371 
TYR HD2  H N N 372 
TYR HE1  H N N 373 
TYR HE2  H N N 374 
TYR HH   H N N 375 
TYR HXT  H N N 376 
VAL N    N N N 377 
VAL CA   C N S 378 
VAL C    C N N 379 
VAL O    O N N 380 
VAL CB   C N N 381 
VAL CG1  C N N 382 
VAL CG2  C N N 383 
VAL OXT  O N N 384 
VAL H    H N N 385 
VAL H2   H N N 386 
VAL HA   H N N 387 
VAL HB   H N N 388 
VAL HG11 H N N 389 
VAL HG12 H N N 390 
VAL HG13 H N N 391 
VAL HG21 H N N 392 
VAL HG22 H N N 393 
VAL HG23 H N N 394 
VAL HXT  H N N 395 
W9W S1   S Y N 396 
W9W C2   C Y N 397 
W9W C3   C Y N 398 
W9W C4   C Y N 399 
W9W C5   C Y N 400 
W9W C6   C Y N 401 
W9W C7   C Y N 402 
W9W C8   C Y N 403 
W9W C9   C Y N 404 
W9W C10  C Y N 405 
W9W C11  C Y N 406 
W9W N12  N N N 407 
W9W C13  C N N 408 
W9W C14  C N N 409 
W9W O15  O N N 410 
W9W C16  C N N 411 
W9W C17  C N N 412 
W9W C18  C N N 413 
W9W C19  C N N 414 
W9W C20  C N N 415 
W9W O21  O N N 416 
W9W O22  O N N 417 
W9W H1   H N N 418 
W9W H2   H N N 419 
W9W H3   H N N 420 
W9W H4   H N N 421 
W9W H5   H N N 422 
W9W H6   H N N 423 
W9W H7   H N N 424 
W9W H8   H N N 425 
W9W H9   H N N 426 
W9W H10  H N N 427 
W9W H11  H N N 428 
W9W H12  H N N 429 
W9W H13  H N N 430 
W9W H14  H N N 431 
W9W H15  H N N 432 
# 
loop_
_chem_comp_bond.comp_id 
_chem_comp_bond.atom_id_1 
_chem_comp_bond.atom_id_2 
_chem_comp_bond.value_order 
_chem_comp_bond.pdbx_aromatic_flag 
_chem_comp_bond.pdbx_stereo_config 
_chem_comp_bond.pdbx_ordinal 
ALA N   CA   sing N N 1   
ALA N   H    sing N N 2   
ALA N   H2   sing N N 3   
ALA CA  C    sing N N 4   
ALA CA  CB   sing N N 5   
ALA CA  HA   sing N N 6   
ALA C   O    doub N N 7   
ALA C   OXT  sing N N 8   
ALA CB  HB1  sing N N 9   
ALA CB  HB2  sing N N 10  
ALA CB  HB3  sing N N 11  
ALA OXT HXT  sing N N 12  
ARG N   CA   sing N N 13  
ARG N   H    sing N N 14  
ARG N   H2   sing N N 15  
ARG CA  C    sing N N 16  
ARG CA  CB   sing N N 17  
ARG CA  HA   sing N N 18  
ARG C   O    doub N N 19  
ARG C   OXT  sing N N 20  
ARG CB  CG   sing N N 21  
ARG CB  HB2  sing N N 22  
ARG CB  HB3  sing N N 23  
ARG CG  CD   sing N N 24  
ARG CG  HG2  sing N N 25  
ARG CG  HG3  sing N N 26  
ARG CD  NE   sing N N 27  
ARG CD  HD2  sing N N 28  
ARG CD  HD3  sing N N 29  
ARG NE  CZ   sing N N 30  
ARG NE  HE   sing N N 31  
ARG CZ  NH1  sing N N 32  
ARG CZ  NH2  doub N N 33  
ARG NH1 HH11 sing N N 34  
ARG NH1 HH12 sing N N 35  
ARG NH2 HH21 sing N N 36  
ARG NH2 HH22 sing N N 37  
ARG OXT HXT  sing N N 38  
ASN N   CA   sing N N 39  
ASN N   H    sing N N 40  
ASN N   H2   sing N N 41  
ASN CA  C    sing N N 42  
ASN CA  CB   sing N N 43  
ASN CA  HA   sing N N 44  
ASN C   O    doub N N 45  
ASN C   OXT  sing N N 46  
ASN CB  CG   sing N N 47  
ASN CB  HB2  sing N N 48  
ASN CB  HB3  sing N N 49  
ASN CG  OD1  doub N N 50  
ASN CG  ND2  sing N N 51  
ASN ND2 HD21 sing N N 52  
ASN ND2 HD22 sing N N 53  
ASN OXT HXT  sing N N 54  
ASP N   CA   sing N N 55  
ASP N   H    sing N N 56  
ASP N   H2   sing N N 57  
ASP CA  C    sing N N 58  
ASP CA  CB   sing N N 59  
ASP CA  HA   sing N N 60  
ASP C   O    doub N N 61  
ASP C   OXT  sing N N 62  
ASP CB  CG   sing N N 63  
ASP CB  HB2  sing N N 64  
ASP CB  HB3  sing N N 65  
ASP CG  OD1  doub N N 66  
ASP CG  OD2  sing N N 67  
ASP OD2 HD2  sing N N 68  
ASP OXT HXT  sing N N 69  
CYS N   CA   sing N N 70  
CYS N   H    sing N N 71  
CYS N   H2   sing N N 72  
CYS CA  C    sing N N 73  
CYS CA  CB   sing N N 74  
CYS CA  HA   sing N N 75  
CYS C   O    doub N N 76  
CYS C   OXT  sing N N 77  
CYS CB  SG   sing N N 78  
CYS CB  HB2  sing N N 79  
CYS CB  HB3  sing N N 80  
CYS SG  HG   sing N N 81  
CYS OXT HXT  sing N N 82  
GLN N   CA   sing N N 83  
GLN N   H    sing N N 84  
GLN N   H2   sing N N 85  
GLN CA  C    sing N N 86  
GLN CA  CB   sing N N 87  
GLN CA  HA   sing N N 88  
GLN C   O    doub N N 89  
GLN C   OXT  sing N N 90  
GLN CB  CG   sing N N 91  
GLN CB  HB2  sing N N 92  
GLN CB  HB3  sing N N 93  
GLN CG  CD   sing N N 94  
GLN CG  HG2  sing N N 95  
GLN CG  HG3  sing N N 96  
GLN CD  OE1  doub N N 97  
GLN CD  NE2  sing N N 98  
GLN NE2 HE21 sing N N 99  
GLN NE2 HE22 sing N N 100 
GLN OXT HXT  sing N N 101 
GLU N   CA   sing N N 102 
GLU N   H    sing N N 103 
GLU N   H2   sing N N 104 
GLU CA  C    sing N N 105 
GLU CA  CB   sing N N 106 
GLU CA  HA   sing N N 107 
GLU C   O    doub N N 108 
GLU C   OXT  sing N N 109 
GLU CB  CG   sing N N 110 
GLU CB  HB2  sing N N 111 
GLU CB  HB3  sing N N 112 
GLU CG  CD   sing N N 113 
GLU CG  HG2  sing N N 114 
GLU CG  HG3  sing N N 115 
GLU CD  OE1  doub N N 116 
GLU CD  OE2  sing N N 117 
GLU OE2 HE2  sing N N 118 
GLU OXT HXT  sing N N 119 
GLY N   CA   sing N N 120 
GLY N   H    sing N N 121 
GLY N   H2   sing N N 122 
GLY CA  C    sing N N 123 
GLY CA  HA2  sing N N 124 
GLY CA  HA3  sing N N 125 
GLY C   O    doub N N 126 
GLY C   OXT  sing N N 127 
GLY OXT HXT  sing N N 128 
HIS N   CA   sing N N 129 
HIS N   H    sing N N 130 
HIS N   H2   sing N N 131 
HIS CA  C    sing N N 132 
HIS CA  CB   sing N N 133 
HIS CA  HA   sing N N 134 
HIS C   O    doub N N 135 
HIS C   OXT  sing N N 136 
HIS CB  CG   sing N N 137 
HIS CB  HB2  sing N N 138 
HIS CB  HB3  sing N N 139 
HIS CG  ND1  sing Y N 140 
HIS CG  CD2  doub Y N 141 
HIS ND1 CE1  doub Y N 142 
HIS ND1 HD1  sing N N 143 
HIS CD2 NE2  sing Y N 144 
HIS CD2 HD2  sing N N 145 
HIS CE1 NE2  sing Y N 146 
HIS CE1 HE1  sing N N 147 
HIS NE2 HE2  sing N N 148 
HIS OXT HXT  sing N N 149 
HOH O   H1   sing N N 150 
HOH O   H2   sing N N 151 
ILE N   CA   sing N N 152 
ILE N   H    sing N N 153 
ILE N   H2   sing N N 154 
ILE CA  C    sing N N 155 
ILE CA  CB   sing N N 156 
ILE CA  HA   sing N N 157 
ILE C   O    doub N N 158 
ILE C   OXT  sing N N 159 
ILE CB  CG1  sing N N 160 
ILE CB  CG2  sing N N 161 
ILE CB  HB   sing N N 162 
ILE CG1 CD1  sing N N 163 
ILE CG1 HG12 sing N N 164 
ILE CG1 HG13 sing N N 165 
ILE CG2 HG21 sing N N 166 
ILE CG2 HG22 sing N N 167 
ILE CG2 HG23 sing N N 168 
ILE CD1 HD11 sing N N 169 
ILE CD1 HD12 sing N N 170 
ILE CD1 HD13 sing N N 171 
ILE OXT HXT  sing N N 172 
LEU N   CA   sing N N 173 
LEU N   H    sing N N 174 
LEU N   H2   sing N N 175 
LEU CA  C    sing N N 176 
LEU CA  CB   sing N N 177 
LEU CA  HA   sing N N 178 
LEU C   O    doub N N 179 
LEU C   OXT  sing N N 180 
LEU CB  CG   sing N N 181 
LEU CB  HB2  sing N N 182 
LEU CB  HB3  sing N N 183 
LEU CG  CD1  sing N N 184 
LEU CG  CD2  sing N N 185 
LEU CG  HG   sing N N 186 
LEU CD1 HD11 sing N N 187 
LEU CD1 HD12 sing N N 188 
LEU CD1 HD13 sing N N 189 
LEU CD2 HD21 sing N N 190 
LEU CD2 HD22 sing N N 191 
LEU CD2 HD23 sing N N 192 
LEU OXT HXT  sing N N 193 
LYS N   CA   sing N N 194 
LYS N   H    sing N N 195 
LYS N   H2   sing N N 196 
LYS CA  C    sing N N 197 
LYS CA  CB   sing N N 198 
LYS CA  HA   sing N N 199 
LYS C   O    doub N N 200 
LYS C   OXT  sing N N 201 
LYS CB  CG   sing N N 202 
LYS CB  HB2  sing N N 203 
LYS CB  HB3  sing N N 204 
LYS CG  CD   sing N N 205 
LYS CG  HG2  sing N N 206 
LYS CG  HG3  sing N N 207 
LYS CD  CE   sing N N 208 
LYS CD  HD2  sing N N 209 
LYS CD  HD3  sing N N 210 
LYS CE  NZ   sing N N 211 
LYS CE  HE2  sing N N 212 
LYS CE  HE3  sing N N 213 
LYS NZ  HZ1  sing N N 214 
LYS NZ  HZ2  sing N N 215 
LYS NZ  HZ3  sing N N 216 
LYS OXT HXT  sing N N 217 
MET N   CA   sing N N 218 
MET N   H    sing N N 219 
MET N   H2   sing N N 220 
MET CA  C    sing N N 221 
MET CA  CB   sing N N 222 
MET CA  HA   sing N N 223 
MET C   O    doub N N 224 
MET C   OXT  sing N N 225 
MET CB  CG   sing N N 226 
MET CB  HB2  sing N N 227 
MET CB  HB3  sing N N 228 
MET CG  SD   sing N N 229 
MET CG  HG2  sing N N 230 
MET CG  HG3  sing N N 231 
MET SD  CE   sing N N 232 
MET CE  HE1  sing N N 233 
MET CE  HE2  sing N N 234 
MET CE  HE3  sing N N 235 
MET OXT HXT  sing N N 236 
PHE N   CA   sing N N 237 
PHE N   H    sing N N 238 
PHE N   H2   sing N N 239 
PHE CA  C    sing N N 240 
PHE CA  CB   sing N N 241 
PHE CA  HA   sing N N 242 
PHE C   O    doub N N 243 
PHE C   OXT  sing N N 244 
PHE CB  CG   sing N N 245 
PHE CB  HB2  sing N N 246 
PHE CB  HB3  sing N N 247 
PHE CG  CD1  doub Y N 248 
PHE CG  CD2  sing Y N 249 
PHE CD1 CE1  sing Y N 250 
PHE CD1 HD1  sing N N 251 
PHE CD2 CE2  doub Y N 252 
PHE CD2 HD2  sing N N 253 
PHE CE1 CZ   doub Y N 254 
PHE CE1 HE1  sing N N 255 
PHE CE2 CZ   sing Y N 256 
PHE CE2 HE2  sing N N 257 
PHE CZ  HZ   sing N N 258 
PHE OXT HXT  sing N N 259 
PRO N   CA   sing N N 260 
PRO N   CD   sing N N 261 
PRO N   H    sing N N 262 
PRO CA  C    sing N N 263 
PRO CA  CB   sing N N 264 
PRO CA  HA   sing N N 265 
PRO C   O    doub N N 266 
PRO C   OXT  sing N N 267 
PRO CB  CG   sing N N 268 
PRO CB  HB2  sing N N 269 
PRO CB  HB3  sing N N 270 
PRO CG  CD   sing N N 271 
PRO CG  HG2  sing N N 272 
PRO CG  HG3  sing N N 273 
PRO CD  HD2  sing N N 274 
PRO CD  HD3  sing N N 275 
PRO OXT HXT  sing N N 276 
SER N   CA   sing N N 277 
SER N   H    sing N N 278 
SER N   H2   sing N N 279 
SER CA  C    sing N N 280 
SER CA  CB   sing N N 281 
SER CA  HA   sing N N 282 
SER C   O    doub N N 283 
SER C   OXT  sing N N 284 
SER CB  OG   sing N N 285 
SER CB  HB2  sing N N 286 
SER CB  HB3  sing N N 287 
SER OG  HG   sing N N 288 
SER OXT HXT  sing N N 289 
SO4 S   O1   doub N N 290 
SO4 S   O2   doub N N 291 
SO4 S   O3   sing N N 292 
SO4 S   O4   sing N N 293 
THR N   CA   sing N N 294 
THR N   H    sing N N 295 
THR N   H2   sing N N 296 
THR CA  C    sing N N 297 
THR CA  CB   sing N N 298 
THR CA  HA   sing N N 299 
THR C   O    doub N N 300 
THR C   OXT  sing N N 301 
THR CB  OG1  sing N N 302 
THR CB  CG2  sing N N 303 
THR CB  HB   sing N N 304 
THR OG1 HG1  sing N N 305 
THR CG2 HG21 sing N N 306 
THR CG2 HG22 sing N N 307 
THR CG2 HG23 sing N N 308 
THR OXT HXT  sing N N 309 
TRP N   CA   sing N N 310 
TRP N   H    sing N N 311 
TRP N   H2   sing N N 312 
TRP CA  C    sing N N 313 
TRP CA  CB   sing N N 314 
TRP CA  HA   sing N N 315 
TRP C   O    doub N N 316 
TRP C   OXT  sing N N 317 
TRP CB  CG   sing N N 318 
TRP CB  HB2  sing N N 319 
TRP CB  HB3  sing N N 320 
TRP CG  CD1  doub Y N 321 
TRP CG  CD2  sing Y N 322 
TRP CD1 NE1  sing Y N 323 
TRP CD1 HD1  sing N N 324 
TRP CD2 CE2  doub Y N 325 
TRP CD2 CE3  sing Y N 326 
TRP NE1 CE2  sing Y N 327 
TRP NE1 HE1  sing N N 328 
TRP CE2 CZ2  sing Y N 329 
TRP CE3 CZ3  doub Y N 330 
TRP CE3 HE3  sing N N 331 
TRP CZ2 CH2  doub Y N 332 
TRP CZ2 HZ2  sing N N 333 
TRP CZ3 CH2  sing Y N 334 
TRP CZ3 HZ3  sing N N 335 
TRP CH2 HH2  sing N N 336 
TRP OXT HXT  sing N N 337 
TYR N   CA   sing N N 338 
TYR N   H    sing N N 339 
TYR N   H2   sing N N 340 
TYR CA  C    sing N N 341 
TYR CA  CB   sing N N 342 
TYR CA  HA   sing N N 343 
TYR C   O    doub N N 344 
TYR C   OXT  sing N N 345 
TYR CB  CG   sing N N 346 
TYR CB  HB2  sing N N 347 
TYR CB  HB3  sing N N 348 
TYR CG  CD1  doub Y N 349 
TYR CG  CD2  sing Y N 350 
TYR CD1 CE1  sing Y N 351 
TYR CD1 HD1  sing N N 352 
TYR CD2 CE2  doub Y N 353 
TYR CD2 HD2  sing N N 354 
TYR CE1 CZ   doub Y N 355 
TYR CE1 HE1  sing N N 356 
TYR CE2 CZ   sing Y N 357 
TYR CE2 HE2  sing N N 358 
TYR CZ  OH   sing N N 359 
TYR OH  HH   sing N N 360 
TYR OXT HXT  sing N N 361 
VAL N   CA   sing N N 362 
VAL N   H    sing N N 363 
VAL N   H2   sing N N 364 
VAL CA  C    sing N N 365 
VAL CA  CB   sing N N 366 
VAL CA  HA   sing N N 367 
VAL C   O    doub N N 368 
VAL C   OXT  sing N N 369 
VAL CB  CG1  sing N N 370 
VAL CB  CG2  sing N N 371 
VAL CB  HB   sing N N 372 
VAL CG1 HG11 sing N N 373 
VAL CG1 HG12 sing N N 374 
VAL CG1 HG13 sing N N 375 
VAL CG2 HG21 sing N N 376 
VAL CG2 HG22 sing N N 377 
VAL CG2 HG23 sing N N 378 
VAL OXT HXT  sing N N 379 
W9W C17 C18  sing N N 380 
W9W C17 C16  sing N N 381 
W9W C18 C19  sing N N 382 
W9W O22 C20  doub N N 383 
W9W C16 C20  sing N N 384 
W9W C16 C14  doub N N 385 
W9W C20 O21  sing N N 386 
W9W C19 C14  sing N N 387 
W9W C14 C13  sing N N 388 
W9W C10 C9   doub Y N 389 
W9W C10 C11  sing Y N 390 
W9W C13 N12  sing N N 391 
W9W C13 O15  doub N N 392 
W9W C9  C8   sing Y N 393 
W9W N12 C2   sing N N 394 
W9W C11 C6   doub Y N 395 
W9W C8  C7   doub Y N 396 
W9W C6  C7   sing Y N 397 
W9W C6  C3   sing N N 398 
W9W C2  C3   doub Y N 399 
W9W C2  S1   sing Y N 400 
W9W C3  C4   sing Y N 401 
W9W S1  C5   sing Y N 402 
W9W C4  C5   doub Y N 403 
W9W C4  H1   sing N N 404 
W9W C5  H2   sing N N 405 
W9W C7  H3   sing N N 406 
W9W C8  H4   sing N N 407 
W9W C9  H5   sing N N 408 
W9W C10 H6   sing N N 409 
W9W C11 H7   sing N N 410 
W9W N12 H8   sing N N 411 
W9W C17 H9   sing N N 412 
W9W C17 H10  sing N N 413 
W9W C18 H11  sing N N 414 
W9W C18 H12  sing N N 415 
W9W C19 H13  sing N N 416 
W9W C19 H14  sing N N 417 
W9W O21 H15  sing N N 418 
# 
_pdbx_audit_support.ordinal                1 
_pdbx_audit_support.funding_organization   'F. Hoffmann-La Roche LTD' 
_pdbx_audit_support.grant_number           ? 
_pdbx_audit_support.country                Switzerland 
# 
_pdbx_deposit_group.group_id            G_1002264 
_pdbx_deposit_group.group_description   'A set of fabp crystal structures' 
_pdbx_deposit_group.group_title         'To be published' 
_pdbx_deposit_group.group_type          undefined 
# 
_pdbx_initial_refinement_model.accession_code   ? 
_pdbx_initial_refinement_model.id               1 
_pdbx_initial_refinement_model.entity_id_list   ? 
_pdbx_initial_refinement_model.type             other 
_pdbx_initial_refinement_model.source_name      ? 
_pdbx_initial_refinement_model.details          'inhouse model' 
# 
_atom_sites.entry_id                    7FYX 
_atom_sites.fract_transf_matrix[1][1]   -0.02560144 
_atom_sites.fract_transf_matrix[1][2]   0.01081424 
_atom_sites.fract_transf_matrix[1][3]   -0.00514510 
_atom_sites.fract_transf_matrix[2][1]   0.00537530 
_atom_sites.fract_transf_matrix[2][2]   0.00482045 
_atom_sites.fract_transf_matrix[2][3]   -0.01661502 
_atom_sites.fract_transf_matrix[3][1]   -0.00407466 
_atom_sites.fract_transf_matrix[3][2]   -0.01191862 
_atom_sites.fract_transf_matrix[3][3]   -0.00477613 
_atom_sites.fract_transf_vector[1]      0.233742 
_atom_sites.fract_transf_vector[2]      0.187618 
_atom_sites.fract_transf_vector[3]      0.201377 
# 
loop_
_atom_type.symbol 
C 
N 
O 
S 
# 
loop_
_atom_site.group_PDB 
_atom_site.id 
_atom_site.type_symbol 
_atom_site.label_atom_id 
_atom_site.label_alt_id 
_atom_site.label_comp_id 
_atom_site.label_asym_id 
_atom_site.label_entity_id 
_atom_site.label_seq_id 
_atom_site.pdbx_PDB_ins_code 
_atom_site.Cartn_x 
_atom_site.Cartn_y 
_atom_site.Cartn_z 
_atom_site.occupancy 
_atom_site.B_iso_or_equiv 
_atom_site.pdbx_formal_charge 
_atom_site.auth_seq_id 
_atom_site.auth_comp_id 
_atom_site.auth_asym_id 
_atom_site.auth_atom_id 
_atom_site.pdbx_PDB_model_num 
ATOM   1    N N   . HIS A 1 3   ? 4.881   18.428  -3.122  1.00 45.34 ? -1  HIS A N   1 
ATOM   2    C CA  . HIS A 1 3   ? 4.602   19.321  -1.951  1.00 53.29 ? -1  HIS A CA  1 
ATOM   3    C C   . HIS A 1 3   ? 3.443   18.807  -1.117  1.00 49.75 ? -1  HIS A C   1 
ATOM   4    O O   . HIS A 1 3   ? 3.530   18.764  0.111   1.00 47.17 ? -1  HIS A O   1 
ATOM   5    C CB  . HIS A 1 3   ? 4.318   20.766  -2.392  1.00 57.08 ? -1  HIS A CB  1 
ATOM   6    C CG  . HIS A 1 3   ? 5.420   21.725  -2.054  1.00 58.84 ? -1  HIS A CG  1 
ATOM   7    N ND1 . HIS A 1 3   ? 6.194   21.603  -0.915  1.00 59.59 ? -1  HIS A ND1 1 
ATOM   8    C CD2 . HIS A 1 3   ? 5.867   22.830  -2.695  1.00 58.65 ? -1  HIS A CD2 1 
ATOM   9    C CE1 . HIS A 1 3   ? 7.080   22.580  -0.879  1.00 55.94 ? -1  HIS A CE1 1 
ATOM   10   N NE2 . HIS A 1 3   ? 6.903   23.339  -1.947  1.00 59.79 ? -1  HIS A NE2 1 
ATOM   11   N N   . MET A 1 4   ? 2.356   18.427  -1.786  1.00 45.41 ? 0   MET A N   1 
ATOM   12   C CA  . MET A 1 4   ? 1.288   17.681  -1.125  1.00 46.41 ? 0   MET A CA  1 
ATOM   13   C C   . MET A 1 4   ? 1.821   16.359  -0.561  1.00 45.34 ? 0   MET A C   1 
ATOM   14   O O   . MET A 1 4   ? 1.375   15.933  0.508   1.00 41.87 ? 0   MET A O   1 
ATOM   15   C CB  . MET A 1 4   ? 0.117   17.396  -2.077  1.00 45.35 ? 0   MET A CB  1 
ATOM   16   C CG  . MET A 1 4   ? -0.654  18.644  -2.527  1.00 47.51 ? 0   MET A CG  1 
ATOM   17   S SD  . MET A 1 4   ? -1.551  19.476  -1.190  1.00 46.03 ? 0   MET A SD  1 
ATOM   18   C CE  . MET A 1 4   ? -2.687  18.180  -0.725  1.00 32.22 ? 0   MET A CE  1 
ATOM   19   N N   . CYS A 1 5   ? 2.769   15.715  -1.260  1.00 37.28 ? 1   CYS A N   1 
ATOM   20   C CA  . CYS A 1 5   ? 3.390   14.465  -0.735  1.00 34.73 ? 1   CYS A CA  1 
ATOM   21   C C   . CYS A 1 5   ? 4.117   14.638  0.611   1.00 26.71 ? 1   CYS A C   1 
ATOM   22   O O   . CYS A 1 5   ? 4.420   13.652  1.304   1.00 24.03 ? 1   CYS A O   1 
ATOM   23   C CB  . CYS A 1 5   ? 4.325   13.832  -1.758  1.00 35.67 ? 1   CYS A CB  1 
ATOM   24   S SG  . CYS A 1 5   ? 3.444   12.960  -3.053  1.00 39.80 ? 1   CYS A SG  1 
ATOM   25   N N   . ASP A 1 6   ? 4.371   15.876  1.004   1.00 22.75 ? 2   ASP A N   1 
ATOM   26   C CA  . ASP A 1 6   ? 5.097   16.166  2.239   1.00 25.75 ? 2   ASP A CA  1 
ATOM   27   C C   . ASP A 1 6   ? 4.431   15.610  3.502   1.00 23.49 ? 2   ASP A C   1 
ATOM   28   O O   . ASP A 1 6   ? 5.152   15.217  4.412   1.00 23.17 ? 2   ASP A O   1 
ATOM   29   C CB  . ASP A 1 6   ? 5.353   17.684  2.410   1.00 28.42 ? 2   ASP A CB  1 
ATOM   30   C CG  . ASP A 1 6   ? 6.413   18.250  1.414   1.00 34.98 ? 2   ASP A CG  1 
ATOM   31   O OD1 . ASP A 1 6   ? 7.027   17.491  0.622   1.00 41.83 ? 2   ASP A OD1 1 
ATOM   32   O OD2 . ASP A 1 6   ? 6.645   19.478  1.451   1.00 41.97 ? 2   ASP A OD2 1 
ATOM   33   N N   . ALA A 1 7   ? 3.085   15.594  3.559   1.00 24.58 ? 3   ALA A N   1 
ATOM   34   C CA  . ALA A 1 7   ? 2.345   15.012  4.693   1.00 24.36 ? 3   ALA A CA  1 
ATOM   35   C C   . ALA A 1 7   ? 2.662   13.503  4.902   1.00 21.54 ? 3   ALA A C   1 
ATOM   36   O O   . ALA A 1 7   ? 2.508   12.985  6.009   1.00 20.76 ? 3   ALA A O   1 
ATOM   37   C CB  . ALA A 1 7   ? 0.845   15.196  4.480   1.00 26.31 ? 3   ALA A CB  1 
ATOM   38   N N   . PHE A 1 8   ? 3.100   12.839  3.825   1.00 18.80 ? 4   PHE A N   1 
ATOM   39   C CA  . PHE A 1 8   ? 3.353   11.378  3.836   1.00 18.00 ? 4   PHE A CA  1 
ATOM   40   C C   . PHE A 1 8   ? 4.791   11.001  4.135   1.00 16.14 ? 4   PHE A C   1 
ATOM   41   O O   . PHE A 1 8   ? 5.094   9.860   4.489   1.00 15.83 ? 4   PHE A O   1 
ATOM   42   C CB  . PHE A 1 8   ? 2.989   10.826  2.488   1.00 18.76 ? 4   PHE A CB  1 
ATOM   43   C CG  . PHE A 1 8   ? 1.535   10.888  2.189   1.00 19.31 ? 4   PHE A CG  1 
ATOM   44   C CD1 . PHE A 1 8   ? 0.684   10.016  2.802   1.00 19.41 ? 4   PHE A CD1 1 
ATOM   45   C CD2 . PHE A 1 8   ? 1.022   11.807  1.310   1.00 23.10 ? 4   PHE A CD2 1 
ATOM   46   C CE1 . PHE A 1 8   ? -0.695  10.084  2.564   1.00 19.96 ? 4   PHE A CE1 1 
ATOM   47   C CE2 . PHE A 1 8   ? -0.363  11.844  1.056   1.00 21.31 ? 4   PHE A CE2 1 
ATOM   48   C CZ  . PHE A 1 8   ? -1.204  10.986  1.691   1.00 22.81 ? 4   PHE A CZ  1 
ATOM   49   N N   . VAL A 1 9   ? 5.694   11.939  3.995   1.00 18.29 ? 5   VAL A N   1 
ATOM   50   C CA  . VAL A 1 9   ? 7.094   11.614  4.130   1.00 15.48 ? 5   VAL A CA  1 
ATOM   51   C C   . VAL A 1 9   ? 7.472   11.226  5.544   1.00 17.69 ? 5   VAL A C   1 
ATOM   52   O O   . VAL A 1 9   ? 7.109   11.848  6.532   1.00 19.22 ? 5   VAL A O   1 
ATOM   53   C CB  . VAL A 1 9   ? 7.964   12.802  3.612   1.00 15.90 ? 5   VAL A CB  1 
ATOM   54   C CG1 . VAL A 1 9   ? 9.468   12.612  3.966   1.00 15.78 ? 5   VAL A CG1 1 
ATOM   55   C CG2 . VAL A 1 9   ? 7.784   12.920  2.059   1.00 16.84 ? 5   VAL A CG2 1 
ATOM   56   N N   . GLY A 1 10  ? 8.287   10.188  5.650   1.00 15.79 ? 6   GLY A N   1 
ATOM   57   C CA  . GLY A 1 10  ? 8.768   9.695   6.927   1.00 17.80 ? 6   GLY A CA  1 
ATOM   58   C C   . GLY A 1 10  ? 8.698   8.188   7.099   1.00 15.67 ? 6   GLY A C   1 
ATOM   59   O O   . GLY A 1 10  ? 8.437   7.459   6.178   1.00 14.11 ? 6   GLY A O   1 
ATOM   60   N N   . THR A 1 11  ? 8.951   7.735   8.322   1.00 17.63 ? 7   THR A N   1 
ATOM   61   C CA  . THR A 1 11  ? 8.888   6.347   8.668   1.00 17.26 ? 7   THR A CA  1 
ATOM   62   C C   . THR A 1 11  ? 7.611   6.060   9.450   1.00 16.96 ? 7   THR A C   1 
ATOM   63   O O   . THR A 1 11  ? 7.366   6.683   10.461  1.00 17.03 ? 7   THR A O   1 
ATOM   64   C CB  . THR A 1 11  ? 10.168  5.899   9.432   1.00 20.33 ? 7   THR A CB  1 
ATOM   65   O OG1 . THR A 1 11  ? 11.276  6.087   8.542   1.00 23.54 ? 7   THR A OG1 1 
ATOM   66   C CG2 . THR A 1 11  ? 10.043  4.466   9.837   1.00 21.41 ? 7   THR A CG2 1 
ATOM   67   N N   . TRP A 1 12  ? 6.869   5.053   9.015   1.00 15.97 ? 8   TRP A N   1 
ATOM   68   C CA  . TRP A 1 12  ? 5.554   4.705   9.564   1.00 16.95 ? 8   TRP A CA  1 
ATOM   69   C C   . TRP A 1 12  ? 5.561   3.220   9.932   1.00 16.22 ? 8   TRP A C   1 
ATOM   70   O O   . TRP A 1 12  ? 6.224   2.422   9.255   1.00 19.01 ? 8   TRP A O   1 
ATOM   71   C CB  . TRP A 1 12  ? 4.443   4.936   8.530   1.00 15.48 ? 8   TRP A CB  1 
ATOM   72   C CG  . TRP A 1 12  ? 4.378   6.350   8.012   1.00 16.03 ? 8   TRP A CG  1 
ATOM   73   C CD1 . TRP A 1 12  ? 5.058   6.903   6.971   1.00 17.32 ? 8   TRP A CD1 1 
ATOM   74   C CD2 . TRP A 1 12  ? 3.579   7.401   8.575   1.00 14.96 ? 8   TRP A CD2 1 
ATOM   75   N NE1 . TRP A 1 12  ? 4.703   8.240   6.843   1.00 16.86 ? 8   TRP A NE1 1 
ATOM   76   C CE2 . TRP A 1 12  ? 3.828   8.571   7.833   1.00 15.24 ? 8   TRP A CE2 1 
ATOM   77   C CE3 . TRP A 1 12  ? 2.715   7.461   9.655   1.00 15.68 ? 8   TRP A CE3 1 
ATOM   78   C CZ2 . TRP A 1 12  ? 3.211   9.782   8.120   1.00 16.50 ? 8   TRP A CZ2 1 
ATOM   79   C CZ3 . TRP A 1 12  ? 2.068   8.650   9.906   1.00 13.92 ? 8   TRP A CZ3 1 
ATOM   80   C CH2 . TRP A 1 12  ? 2.342   9.795   9.156   1.00 16.51 ? 8   TRP A CH2 1 
ATOM   81   N N   . LYS A 1 13  ? 4.868   2.837   10.999  1.00 15.50 ? 9   LYS A N   1 
ATOM   82   C CA  . LYS A 1 13  ? 4.789   1.451   11.424  1.00 15.96 ? 9   LYS A CA  1 
ATOM   83   C C   . LYS A 1 13  ? 3.320   1.055   11.642  1.00 14.18 ? 9   LYS A C   1 
ATOM   84   O O   . LYS A 1 13  ? 2.503   1.844   12.138  1.00 15.78 ? 9   LYS A O   1 
ATOM   85   C CB  . LYS A 1 13  ? 5.612   1.252   12.695  1.00 20.89 ? 9   LYS A CB  1 
ATOM   86   C CG  . LYS A 1 13  ? 5.075   2.002   13.875  1.00 28.72 ? 9   LYS A CG  1 
ATOM   87   C CD  . LYS A 1 13  ? 6.056   2.039   15.061  1.00 40.35 ? 9   LYS A CD  1 
ATOM   88   C CE  . LYS A 1 13  ? 5.320   2.433   16.350  1.00 42.13 ? 9   LYS A CE  1 
ATOM   89   N NZ  . LYS A 1 13  ? 4.737   3.800   16.264  1.00 43.94 ? 9   LYS A NZ  1 
ATOM   90   N N   . LEU A 1 14  ? 2.984   -0.145  11.183  1.00 14.31 ? 10  LEU A N   1 
ATOM   91   C CA  . LEU A 1 14  ? 1.631   -0.678  11.274  1.00 15.07 ? 10  LEU A CA  1 
ATOM   92   C C   . LEU A 1 14  ? 1.190   -0.780  12.734  1.00 15.95 ? 10  LEU A C   1 
ATOM   93   O O   . LEU A 1 14  ? 1.920   -1.374  13.535  1.00 18.48 ? 10  LEU A O   1 
ATOM   94   C CB  . LEU A 1 14  ? 1.628   -2.057  10.623  1.00 15.90 ? 10  LEU A CB  1 
ATOM   95   C CG  . LEU A 1 14  ? 0.236   -2.659  10.552  1.00 14.49 ? 10  LEU A CG  1 
ATOM   96   C CD1 . LEU A 1 14  ? -0.690  -1.939  9.546   1.00 15.74 ? 10  LEU A CD1 1 
ATOM   97   C CD2 . LEU A 1 14  ? 0.290   -4.115  10.225  1.00 17.28 ? 10  LEU A CD2 1 
ATOM   98   N N   . VAL A 1 15  ? 0.021   -0.227  13.080  1.00 16.08 ? 11  VAL A N   1 
ATOM   99   C CA  . VAL A 1 15  ? -0.557  -0.252  14.431  1.00 20.23 ? 11  VAL A CA  1 
ATOM   100  C C   . VAL A 1 15  ? -1.872  -1.043  14.480  1.00 22.15 ? 11  VAL A C   1 
ATOM   101  O O   . VAL A 1 15  ? -2.234  -1.573  15.542  1.00 23.08 ? 11  VAL A O   1 
ATOM   102  C CB  . VAL A 1 15  ? -0.710  1.194   15.060  1.00 23.27 ? 11  VAL A CB  1 
ATOM   103  C CG1 . VAL A 1 15  ? 0.643   1.818   15.161  1.00 24.30 ? 11  VAL A CG1 1 
ATOM   104  C CG2 . VAL A 1 15  ? -1.680  2.084   14.259  1.00 23.47 ? 11  VAL A CG2 1 
ATOM   105  N N   . SER A 1 16  ? -2.592  -1.150  13.370  1.00 19.05 ? 12  SER A N   1 
ATOM   106  C CA  . SER A 1 16  ? -3.826  -1.912  13.374  1.00 19.05 ? 12  SER A CA  1 
ATOM   107  C C   . SER A 1 16  ? -4.218  -2.355  11.967  1.00 17.57 ? 12  SER A C   1 
ATOM   108  O O   . SER A 1 16  ? -3.794  -1.778  10.971  1.00 15.32 ? 12  SER A O   1 
ATOM   109  C CB  . SER A 1 16  ? -4.964  -1.100  14.028  1.00 22.03 ? 12  SER A CB  1 
ATOM   110  O OG  . SER A 1 16  ? -5.564  -0.179  13.133  1.00 26.34 ? 12  SER A OG  1 
ATOM   111  N N   . SER A 1 17  ? -5.013  -3.409  11.933  1.00 19.16 ? 13  SER A N   1 
ATOM   112  C CA  . SER A 1 17  ? -5.360  -4.082  10.717  1.00 19.26 ? 13  SER A CA  1 
ATOM   113  C C   . SER A 1 17  ? -6.827  -4.531  10.867  1.00 17.82 ? 13  SER A C   1 
ATOM   114  O O   . SER A 1 17  ? -7.213  -5.020  11.908  1.00 18.67 ? 13  SER A O   1 
ATOM   115  C CB  . SER A 1 17  ? -4.391  -5.246  10.509  1.00 22.63 ? 13  SER A CB  1 
ATOM   116  O OG  . SER A 1 17  ? -4.635  -5.845  9.289   1.00 27.00 ? 13  SER A OG  1 
ATOM   117  N N   . GLU A 1 18  ? -7.630  -4.286  9.844   1.00 17.12 ? 14  GLU A N   1 
ATOM   118  C CA  . GLU A 1 18  ? -9.039  -4.710  9.739   1.00 18.11 ? 14  GLU A CA  1 
ATOM   119  C C   . GLU A 1 18  ? -9.359  -5.396  8.417   1.00 17.41 ? 14  GLU A C   1 
ATOM   120  O O   . GLU A 1 18  ? -9.119  -4.826  7.381   1.00 17.12 ? 14  GLU A O   1 
ATOM   121  C CB  . GLU A 1 18  ? -9.899  -3.478  9.878   1.00 23.10 ? 14  GLU A CB  1 
ATOM   122  C CG  . GLU A 1 18  ? -11.268 -3.720  10.359  1.00 28.50 ? 14  GLU A CG  1 
ATOM   123  C CD  . GLU A 1 18  ? -12.034 -2.404  10.532  1.00 37.94 ? 14  GLU A CD  1 
ATOM   124  O OE1 . GLU A 1 18  ? -12.611 -2.160  11.621  1.00 44.51 ? 14  GLU A OE1 1 
ATOM   125  O OE2 . GLU A 1 18  ? -12.028 -1.604  9.575   1.00 42.52 ? 14  GLU A OE2 1 
ATOM   126  N N   . ASN A 1 19  ? -9.923  -6.597  8.484   1.00 17.41 ? 15  ASN A N   1 
ATOM   127  C CA  . ASN A 1 19  ? -10.341 -7.377  7.329   1.00 16.89 ? 15  ASN A CA  1 
ATOM   128  C C   . ASN A 1 19  ? -9.201  -7.710  6.341   1.00 16.09 ? 15  ASN A C   1 
ATOM   129  O O   . ASN A 1 19  ? -9.421  -7.988  5.186   1.00 16.90 ? 15  ASN A O   1 
ATOM   130  C CB  . ASN A 1 19  ? -11.542 -6.718  6.616   1.00 18.72 ? 15  ASN A CB  1 
ATOM   131  C CG  . ASN A 1 19  ? -12.371 -7.714  5.793   1.00 17.94 ? 15  ASN A CG  1 
ATOM   132  O OD1 . ASN A 1 19  ? -12.576 -8.854  6.241   1.00 22.86 ? 15  ASN A OD1 1 
ATOM   133  N ND2 . ASN A 1 19  ? -12.840 -7.311  4.617   1.00 18.67 ? 15  ASN A ND2 1 
ATOM   134  N N   . PHE A 1 20  ? -7.959  -7.741  6.832   1.00 16.99 ? 16  PHE A N   1 
ATOM   135  C CA  . PHE A 1 20  ? -6.853  -7.955  5.918   1.00 16.06 ? 16  PHE A CA  1 
ATOM   136  C C   . PHE A 1 20  ? -6.752  -9.405  5.405   1.00 14.54 ? 16  PHE A C   1 
ATOM   137  O O   . PHE A 1 20  ? -6.354  -9.595  4.247   1.00 16.07 ? 16  PHE A O   1 
ATOM   138  C CB  . PHE A 1 20  ? -5.533  -7.535  6.570   1.00 17.74 ? 16  PHE A CB  1 
ATOM   139  C CG  . PHE A 1 20  ? -4.368  -7.436  5.636   1.00 19.40 ? 16  PHE A CG  1 
ATOM   140  C CD1 . PHE A 1 20  ? -4.349  -6.570  4.574   1.00 19.83 ? 16  PHE A CD1 1 
ATOM   141  C CD2 . PHE A 1 20  ? -3.237  -8.239  5.862   1.00 20.46 ? 16  PHE A CD2 1 
ATOM   142  C CE1 . PHE A 1 20  ? -3.202  -6.500  3.739   1.00 20.50 ? 16  PHE A CE1 1 
ATOM   143  C CE2 . PHE A 1 20  ? -2.144  -8.163  5.025   1.00 20.59 ? 16  PHE A CE2 1 
ATOM   144  C CZ  . PHE A 1 20  ? -2.129  -7.320  4.009   1.00 18.80 ? 16  PHE A CZ  1 
ATOM   145  N N   . ASP A 1 21  ? -7.173  -10.379 6.201   1.00 16.00 ? 17  ASP A N   1 
ATOM   146  C CA  . ASP A 1 21  ? -7.176  -11.752 5.720   1.00 17.30 ? 17  ASP A CA  1 
ATOM   147  C C   . ASP A 1 21  ? -8.040  -11.901 4.472   1.00 17.98 ? 17  ASP A C   1 
ATOM   148  O O   . ASP A 1 21  ? -7.613  -12.473 3.457   1.00 17.81 ? 17  ASP A O   1 
ATOM   149  C CB  . ASP A 1 21  ? -7.618  -12.739 6.798   1.00 17.64 ? 17  ASP A CB  1 
ATOM   150  C CG  . ASP A 1 21  ? -7.476  -14.159 6.363   1.00 23.19 ? 17  ASP A CG  1 
ATOM   151  O OD1 . ASP A 1 21  ? -6.298  -14.553 6.099   1.00 21.49 ? 17  ASP A OD1 1 
ATOM   152  O OD2 . ASP A 1 21  ? -8.522  -14.888 6.316   1.00 25.11 ? 17  ASP A OD2 1 
ATOM   153  N N   . ASP A 1 22  ? -9.263  -11.341 4.543   1.00 18.04 ? 18  ASP A N   1 
ATOM   154  C CA  . ASP A 1 22  ? -10.184 -11.429 3.408   1.00 18.86 ? 18  ASP A CA  1 
ATOM   155  C C   . ASP A 1 22  ? -9.697  -10.643 2.205   1.00 16.24 ? 18  ASP A C   1 
ATOM   156  O O   . ASP A 1 22  ? -9.755  -11.116 1.081   1.00 21.76 ? 18  ASP A O   1 
ATOM   157  C CB  . ASP A 1 22  ? -11.583 -10.979 3.803   1.00 23.70 ? 18  ASP A CB  1 
ATOM   158  C CG  . ASP A 1 22  ? -12.381 -12.070 4.515   1.00 28.76 ? 18  ASP A CG  1 
ATOM   159  O OD1 . ASP A 1 22  ? -12.029 -13.264 4.403   1.00 34.62 ? 18  ASP A OD1 1 
ATOM   160  O OD2 . ASP A 1 22  ? -13.417 -11.718 5.146   1.00 32.15 ? 18  ASP A OD2 1 
ATOM   161  N N   . TYR A 1 23  ? -9.064  -9.487  2.434   1.00 15.41 ? 19  TYR A N   1 
ATOM   162  C CA  . TYR A 1 23  ? -8.413  -8.778  1.313   1.00 15.39 ? 19  TYR A CA  1 
ATOM   163  C C   . TYR A 1 23  ? -7.290  -9.645  0.648   1.00 15.41 ? 19  TYR A C   1 
ATOM   164  O O   . TYR A 1 23  ? -7.176  -9.757  -0.571  1.00 17.94 ? 19  TYR A O   1 
ATOM   165  C CB  . TYR A 1 23  ? -7.867  -7.439  1.794   1.00 16.45 ? 19  TYR A CB  1 
ATOM   166  C CG  . TYR A 1 23  ? -7.085  -6.706  0.736   1.00 14.32 ? 19  TYR A CG  1 
ATOM   167  C CD1 . TYR A 1 23  ? -7.749  -6.068  -0.295  1.00 16.83 ? 19  TYR A CD1 1 
ATOM   168  C CD2 . TYR A 1 23  ? -5.656  -6.734  0.693   1.00 16.04 ? 19  TYR A CD2 1 
ATOM   169  C CE1 . TYR A 1 23  ? -7.083  -5.422  -1.297  1.00 15.28 ? 19  TYR A CE1 1 
ATOM   170  C CE2 . TYR A 1 23  ? -4.962  -6.092  -0.306  1.00 16.22 ? 19  TYR A CE2 1 
ATOM   171  C CZ  . TYR A 1 23  ? -5.668  -5.444  -1.336  1.00 15.39 ? 19  TYR A CZ  1 
ATOM   172  O OH  . TYR A 1 23  ? -5.041  -4.772  -2.349  1.00 16.31 ? 19  TYR A OH  1 
ATOM   173  N N   . MET A 1 24  ? -6.443  -10.259 1.483   1.00 15.41 ? 20  MET A N   1 
ATOM   174  C CA  . MET A 1 24  ? -5.402  -11.119 0.952   1.00 16.06 ? 20  MET A CA  1 
ATOM   175  C C   . MET A 1 24  ? -6.015  -12.295 0.134   1.00 18.79 ? 20  MET A C   1 
ATOM   176  O O   . MET A 1 24  ? -5.488  -12.676 -0.920  1.00 17.35 ? 20  MET A O   1 
ATOM   177  C CB  . MET A 1 24  ? -4.511  -11.649 2.085   1.00 17.44 ? 20  MET A CB  1 
ATOM   178  C CG  . MET A 1 24  ? -3.488  -10.646 2.583   1.00 17.40 ? 20  MET A CG  1 
ATOM   179  S SD  . MET A 1 24  ? -2.212  -11.404 3.552   1.00 17.91 ? 20  MET A SD  1 
ATOM   180  C CE  . MET A 1 24  ? -3.095  -11.883 5.023   1.00 19.66 ? 20  MET A CE  1 
ATOM   181  N N   . LYS A 1 25  ? -7.110  -12.853 0.657   1.00 17.08 ? 21  LYS A N   1 
ATOM   182  C CA  . LYS A 1 25  ? -7.803  -13.952 -0.040  1.00 20.91 ? 21  LYS A CA  1 
ATOM   183  C C   . LYS A 1 25  ? -8.176  -13.441 -1.435  1.00 20.58 ? 21  LYS A C   1 
ATOM   184  O O   . LYS A 1 25  ? -7.858  -14.075 -2.438  1.00 21.81 ? 21  LYS A O   1 
ATOM   185  C CB  . LYS A 1 25  ? -9.088  -14.421 0.679   1.00 23.33 ? 21  LYS A CB  1 
ATOM   186  C CG  . LYS A 1 25  ? -8.905  -15.292 1.888   1.00 28.88 ? 21  LYS A CG  1 
ATOM   187  C CD  . LYS A 1 25  ? -10.271 -15.898 2.397   1.00 30.40 ? 21  LYS A CD  1 
ATOM   188  C CE  . LYS A 1 25  ? -10.171 -16.329 3.885   1.00 34.94 ? 21  LYS A CE  1 
ATOM   189  N NZ  . LYS A 1 25  ? -11.266 -17.298 4.329   1.00 37.52 ? 21  LYS A NZ  1 
ATOM   190  N N   . GLU A 1 26  ? -8.773  -12.248 -1.498  1.00 21.44 ? 22  GLU A N   1 
ATOM   191  C CA  . GLU A 1 26  ? -9.347  -11.690 -2.739  1.00 25.19 ? 22  GLU A CA  1 
ATOM   192  C C   . GLU A 1 26  ? -8.279  -11.436 -3.800  1.00 24.57 ? 22  GLU A C   1 
ATOM   193  O O   . GLU A 1 26  ? -8.523  -11.613 -5.001  1.00 29.60 ? 22  GLU A O   1 
ATOM   194  C CB  . GLU A 1 26  ? -10.103 -10.395 -2.426  1.00 26.66 ? 22  GLU A CB  1 
ATOM   195  C CG  . GLU A 1 26  ? -11.103 -10.013 -3.498  1.00 30.52 ? 22  GLU A CG  1 
ATOM   196  C CD  . GLU A 1 26  ? -12.311 -10.936 -3.533  1.00 34.96 ? 22  GLU A CD  1 
ATOM   197  O OE1 . GLU A 1 26  ? -12.592 -11.697 -2.576  1.00 38.63 ? 22  GLU A OE1 1 
ATOM   198  O OE2 . GLU A 1 26  ? -13.019 -10.871 -4.550  1.00 38.73 ? 22  GLU A OE2 1 
ATOM   199  N N   . VAL A 1 27  ? -7.088  -11.003 -3.377  1.00 23.81 ? 23  VAL A N   1 
ATOM   200  C CA  . VAL A 1 27  ? -5.955  -10.799 -4.287  1.00 22.98 ? 23  VAL A CA  1 
ATOM   201  C C   . VAL A 1 27  ? -5.226  -12.077 -4.655  1.00 21.51 ? 23  VAL A C   1 
ATOM   202  O O   . VAL A 1 27  ? -4.313  -12.048 -5.487  1.00 21.84 ? 23  VAL A O   1 
ATOM   203  C CB  . VAL A 1 27  ? -4.951  -9.733  -3.746  1.00 19.07 ? 23  VAL A CB  1 
ATOM   204  C CG1 . VAL A 1 27  ? -5.683  -8.405  -3.483  1.00 21.61 ? 23  VAL A CG1 1 
ATOM   205  C CG2 . VAL A 1 27  ? -4.174  -10.179 -2.485  1.00 19.01 ? 23  VAL A CG2 1 
ATOM   206  N N   . GLY A 1 28  ? -5.600  -13.178 -4.016  1.00 19.29 ? 24  GLY A N   1 
ATOM   207  C CA  . GLY A 1 28  ? -5.185  -14.516 -4.448  1.00 19.84 ? 24  GLY A CA  1 
ATOM   208  C C   . GLY A 1 28  ? -4.174  -15.221 -3.566  1.00 19.00 ? 24  GLY A C   1 
ATOM   209  O O   . GLY A 1 28  ? -3.563  -16.188 -3.978  1.00 21.49 ? 24  GLY A O   1 
ATOM   210  N N   . VAL A 1 29  ? -3.979  -14.732 -2.347  1.00 16.44 ? 25  VAL A N   1 
ATOM   211  C CA  . VAL A 1 29  ? -3.004  -15.322 -1.419  1.00 17.26 ? 25  VAL A CA  1 
ATOM   212  C C   . VAL A 1 29  ? -3.566  -16.640 -0.838  1.00 16.99 ? 25  VAL A C   1 
ATOM   213  O O   . VAL A 1 29  ? -4.684  -16.697 -0.339  1.00 19.38 ? 25  VAL A O   1 
ATOM   214  C CB  . VAL A 1 29  ? -2.615  -14.308 -0.308  1.00 15.48 ? 25  VAL A CB  1 
ATOM   215  C CG1 . VAL A 1 29  ? -1.451  -14.912 0.546   1.00 15.63 ? 25  VAL A CG1 1 
ATOM   216  C CG2 . VAL A 1 29  ? -2.184  -12.980 -0.921  1.00 18.61 ? 25  VAL A CG2 1 
ATOM   217  N N   . GLY A 1 30  ? -2.707  -17.667 -0.851  1.00 17.66 ? 26  GLY A N   1 
ATOM   218  C CA  . GLY A 1 30  ? -3.004  -18.975 -0.308  1.00 20.00 ? 26  GLY A CA  1 
ATOM   219  C C   . GLY A 1 30  ? -2.995  -19.008 1.199   1.00 17.95 ? 26  GLY A C   1 
ATOM   220  O O   . GLY A 1 30  ? -2.577  -18.070 1.837   1.00 20.04 ? 26  GLY A O   1 
ATOM   221  N N   . PHE A 1 31  ? -3.457  -20.136 1.758   1.00 19.09 ? 27  PHE A N   1 
ATOM   222  C CA  . PHE A 1 31  ? -3.586  -20.340 3.190   1.00 19.05 ? 27  PHE A CA  1 
ATOM   223  C C   . PHE A 1 31  ? -2.327  -20.042 3.958   1.00 18.37 ? 27  PHE A C   1 
ATOM   224  O O   . PHE A 1 31  ? -2.378  -19.263 4.921   1.00 17.33 ? 27  PHE A O   1 
ATOM   225  C CB  . PHE A 1 31  ? -4.073  -21.779 3.538   1.00 21.33 ? 27  PHE A CB  1 
ATOM   226  C CG  . PHE A 1 31  ? -4.107  -22.064 5.036   1.00 20.62 ? 27  PHE A CG  1 
ATOM   227  C CD1 . PHE A 1 31  ? -2.993  -22.566 5.723   1.00 23.42 ? 27  PHE A CD1 1 
ATOM   228  C CD2 . PHE A 1 31  ? -5.246  -21.774 5.756   1.00 20.91 ? 27  PHE A CD2 1 
ATOM   229  C CE1 . PHE A 1 31  ? -3.024  -22.777 7.107   1.00 20.26 ? 27  PHE A CE1 1 
ATOM   230  C CE2 . PHE A 1 31  ? -5.314  -21.995 7.131   1.00 23.42 ? 27  PHE A CE2 1 
ATOM   231  C CZ  . PHE A 1 31  ? -4.204  -22.466 7.809   1.00 20.77 ? 27  PHE A CZ  1 
ATOM   232  N N   . ALA A 1 32  ? -1.239  -20.740 3.631   1.00 17.48 ? 28  ALA A N   1 
ATOM   233  C CA  . ALA A 1 32  ? -0.033  -20.676 4.470   1.00 16.01 ? 28  ALA A CA  1 
ATOM   234  C C   . ALA A 1 32  ? 0.515   -19.278 4.446   1.00 17.60 ? 28  ALA A C   1 
ATOM   235  O O   . ALA A 1 32  ? 0.917   -18.736 5.477   1.00 18.75 ? 28  ALA A O   1 
ATOM   236  C CB  . ALA A 1 32  ? 1.039   -21.710 4.021   1.00 20.62 ? 28  ALA A CB  1 
ATOM   237  N N   . THR A 1 33  ? 0.503   -18.680 3.259   1.00 17.69 ? 29  THR A N   1 
ATOM   238  C CA  . THR A 1 33  ? 1.062   -17.360 3.092   1.00 16.44 ? 29  THR A CA  1 
ATOM   239  C C   . THR A 1 33  ? 0.191   -16.337 3.849   1.00 15.97 ? 29  THR A C   1 
ATOM   240  O O   . THR A 1 33  ? 0.727   -15.416 4.464   1.00 16.95 ? 29  THR A O   1 
ATOM   241  C CB  . THR A 1 33  ? 1.192   -17.018 1.593   1.00 15.13 ? 29  THR A CB  1 
ATOM   242  O OG1 . THR A 1 33  ? 2.051   -17.989 0.937   1.00 18.23 ? 29  THR A OG1 1 
ATOM   243  C CG2 . THR A 1 33  ? 1.759   -15.598 1.420   1.00 15.36 ? 29  THR A CG2 1 
ATOM   244  N N   . ARG A 1 34  ? -1.140  -16.483 3.825   1.00 15.88 ? 30  ARG A N   1 
ATOM   245  C CA  . ARG A 1 34  ? -1.983  -15.554 4.549   1.00 16.84 ? 30  ARG A CA  1 
ATOM   246  C C   . ARG A 1 34  ? -1.725  -15.667 6.047   1.00 16.55 ? 30  ARG A C   1 
ATOM   247  O O   . ARG A 1 34  ? -1.695  -14.653 6.772   1.00 17.61 ? 30  ARG A O   1 
ATOM   248  C CB  . ARG A 1 34  ? -3.461  -15.808 4.303   1.00 17.35 ? 30  ARG A CB  1 
ATOM   249  C CG  . ARG A 1 34  ? -3.991  -15.400 2.936   1.00 15.75 ? 30  ARG A CG  1 
ATOM   250  C CD  . ARG A 1 34  ? -5.514  -15.218 2.976   1.00 16.91 ? 30  ARG A CD  1 
ATOM   251  N NE  . ARG A 1 34  ? -6.211  -16.262 3.751   1.00 17.63 ? 30  ARG A NE  1 
ATOM   252  C CZ  . ARG A 1 34  ? -6.479  -17.483 3.287   1.00 21.43 ? 30  ARG A CZ  1 
ATOM   253  N NH1 . ARG A 1 34  ? -6.147  -17.853 2.055   1.00 20.79 ? 30  ARG A NH1 1 
ATOM   254  N NH2 . ARG A 1 34  ? -7.111  -18.344 4.081   1.00 24.45 ? 30  ARG A NH2 1 
ATOM   255  N N   . LYS A 1 35  ? -1.512  -16.885 6.547   1.00 15.34 ? 31  LYS A N   1 
ATOM   256  C CA  . LYS A 1 35  ? -1.241  -17.026 7.985   1.00 18.14 ? 31  LYS A CA  1 
ATOM   257  C C   . LYS A 1 35  ? 0.056   -16.340 8.394   1.00 18.62 ? 31  LYS A C   1 
ATOM   258  O O   . LYS A 1 35  ? 0.089   -15.653 9.390   1.00 19.38 ? 31  LYS A O   1 
ATOM   259  C CB  . LYS A 1 35  ? -1.152  -18.494 8.418   1.00 20.29 ? 31  LYS A CB  1 
ATOM   260  C CG  . LYS A 1 35  ? -2.481  -19.221 8.340   1.00 24.39 ? 31  LYS A CG  1 
ATOM   261  C CD  . LYS A 1 35  ? -3.493  -18.722 9.356   1.00 27.66 ? 31  LYS A CD  1 
ATOM   262  C CE  . LYS A 1 35  ? -4.861  -19.424 9.179   1.00 34.99 ? 31  LYS A CE  1 
ATOM   263  N NZ  . LYS A 1 35  ? -6.059  -18.496 9.260   1.00 38.62 ? 31  LYS A NZ  1 
ATOM   264  N N   . VAL A 1 36  ? 1.108   -16.511 7.612   1.00 18.58 ? 32  VAL A N   1 
ATOM   265  C CA  . VAL A 1 36  ? 2.420   -15.934 7.907   1.00 19.26 ? 32  VAL A CA  1 
ATOM   266  C C   . VAL A 1 36  ? 2.406   -14.409 7.650   1.00 18.18 ? 32  VAL A C   1 
ATOM   267  O O   . VAL A 1 36  ? 2.847   -13.582 8.501   1.00 18.86 ? 32  VAL A O   1 
ATOM   268  C CB  . VAL A 1 36  ? 3.532   -16.624 7.035   1.00 22.02 ? 32  VAL A CB  1 
ATOM   269  C CG1 . VAL A 1 36  ? 4.811   -15.832 7.026   1.00 24.53 ? 32  VAL A CG1 1 
ATOM   270  C CG2 . VAL A 1 36  ? 3.732   -18.048 7.528   1.00 23.72 ? 32  VAL A CG2 1 
ATOM   271  N N   . ALA A 1 37  ? 1.832   -13.996 6.524   1.00 18.89 ? 33  ALA A N   1 
ATOM   272  C CA  . ALA A 1 37  ? 1.758   -12.571 6.215   1.00 15.75 ? 33  ALA A CA  1 
ATOM   273  C C   . ALA A 1 37  ? 0.854   -11.821 7.226   1.00 15.97 ? 33  ALA A C   1 
ATOM   274  O O   . ALA A 1 37  ? 1.089   -10.680 7.607   1.00 15.13 ? 33  ALA A O   1 
ATOM   275  C CB  . ALA A 1 37  ? 1.219   -12.402 4.824   1.00 17.46 ? 33  ALA A CB  1 
ATOM   276  N N   . GLY A 1 38  ? -0.156  -12.510 7.727   1.00 16.92 ? 34  GLY A N   1 
ATOM   277  C CA  . GLY A 1 38  ? -1.081  -11.923 8.656   1.00 16.18 ? 34  GLY A CA  1 
ATOM   278  C C   . GLY A 1 38  ? -0.474  -11.524 9.979   1.00 15.78 ? 34  GLY A C   1 
ATOM   279  O O   . GLY A 1 38  ? -0.902  -10.608 10.645  1.00 21.52 ? 34  GLY A O   1 
ATOM   280  N N   . MET A 1 39  ? 0.599   -12.201 10.349  1.00 15.71 ? 35  MET A N   1 
ATOM   281  C CA  . MET A 1 39  ? 1.294   -11.903 11.570  1.00 16.69 ? 35  MET A CA  1 
ATOM   282  C C   . MET A 1 39  ? 2.196   -10.648 11.434  1.00 15.30 ? 35  MET A C   1 
ATOM   283  O O   . MET A 1 39  ? 2.568   -10.050 12.463  1.00 15.41 ? 35  MET A O   1 
ATOM   284  C CB  . MET A 1 39  ? 2.207   -13.052 11.984  1.00 16.14 ? 35  MET A CB  1 
ATOM   285  C CG  . MET A 1 39  ? 1.598   -14.374 12.301  1.00 16.53 ? 35  MET A CG  1 
ATOM   286  S SD  . MET A 1 39  ? 0.556   -14.320 13.757  1.00 18.01 ? 35  MET A SD  1 
ATOM   287  C CE  . MET A 1 39  ? 1.697   -13.869 15.046  1.00 19.58 ? 35  MET A CE  1 
ATOM   288  N N   . ALA A 1 40  ? 2.600   -10.311 10.207  1.00 14.09 ? 36  ALA A N   1 
ATOM   289  C CA  . ALA A 1 40  ? 3.625   -9.280  10.004  1.00 14.14 ? 36  ALA A CA  1 
ATOM   290  C C   . ALA A 1 40  ? 3.186   -7.883  10.425  1.00 15.03 ? 36  ALA A C   1 
ATOM   291  O O   . ALA A 1 40  ? 1.992   -7.506  10.383  1.00 16.08 ? 36  ALA A O   1 
ATOM   292  C CB  . ALA A 1 40  ? 4.137   -9.292  8.635   1.00 13.81 ? 36  ALA A CB  1 
ATOM   293  N N   . LYS A 1 41  ? 4.164   -7.118  10.855  1.00 17.63 ? 37  LYS A N   1 
ATOM   294  C CA  . LYS A 1 41  ? 4.001   -5.708  11.207  1.00 16.83 ? 37  LYS A CA  1 
ATOM   295  C C   . LYS A 1 41  ? 4.936   -4.874  10.334  1.00 16.07 ? 37  LYS A C   1 
ATOM   296  O O   . LYS A 1 41  ? 5.963   -4.409  10.792  1.00 19.06 ? 37  LYS A O   1 
ATOM   297  C CB  . LYS A 1 41  ? 4.298   -5.459  12.700  1.00 20.42 ? 37  LYS A CB  1 
ATOM   298  C CG  . LYS A 1 41  ? 3.457   -6.246  13.682  1.00 28.45 ? 37  LYS A CG  1 
ATOM   299  C CD  . LYS A 1 41  ? 2.001   -5.815  13.595  1.00 30.30 ? 37  LYS A CD  1 
ATOM   300  C CE  . LYS A 1 41  ? 1.102   -6.552  14.631  1.00 39.21 ? 37  LYS A CE  1 
ATOM   301  N NZ  . LYS A 1 41  ? -0.351  -6.314  14.318  1.00 45.19 ? 37  LYS A NZ  1 
ATOM   302  N N   . PRO A 1 42  ? 4.569   -4.682  9.054   1.00 15.24 ? 38  PRO A N   1 
ATOM   303  C CA  . PRO A 1 42  ? 5.459   -3.963  8.131   1.00 15.87 ? 38  PRO A CA  1 
ATOM   304  C C   . PRO A 1 42  ? 5.589   -2.528  8.537   1.00 17.90 ? 38  PRO A C   1 
ATOM   305  O O   . PRO A 1 42  ? 4.706   -1.949  9.220   1.00 20.19 ? 38  PRO A O   1 
ATOM   306  C CB  . PRO A 1 42  ? 4.781   -4.071  6.783   1.00 17.01 ? 38  PRO A CB  1 
ATOM   307  C CG  . PRO A 1 42  ? 3.293   -4.332  7.130   1.00 16.68 ? 38  PRO A CG  1 
ATOM   308  C CD  . PRO A 1 42  ? 3.352   -5.189  8.374   1.00 16.52 ? 38  PRO A CD  1 
ATOM   309  N N   . ASN A 1 43  ? 6.682   -1.933  8.139   1.00 17.69 ? 39  ASN A N   1 
ATOM   310  C CA  . ASN A 1 43  ? 6.759   -0.490  8.132   1.00 18.09 ? 39  ASN A CA  1 
ATOM   311  C C   . ASN A 1 43  ? 6.471   0.080   6.747   1.00 17.63 ? 39  ASN A C   1 
ATOM   312  O O   . ASN A 1 43  ? 6.096   -0.621  5.817   1.00 17.62 ? 39  ASN A O   1 
ATOM   313  C CB  . ASN A 1 43  ? 8.113   -0.020  8.704   1.00 18.45 ? 39  ASN A CB  1 
ATOM   314  C CG  . ASN A 1 43  ? 9.277   -0.355  7.829   1.00 19.98 ? 39  ASN A CG  1 
ATOM   315  O OD1 . ASN A 1 43  ? 9.150   -0.759  6.660   1.00 17.53 ? 39  ASN A OD1 1 
ATOM   316  N ND2 . ASN A 1 43  ? 10.472  -0.188  8.397   1.00 25.83 ? 39  ASN A ND2 1 
ATOM   317  N N   . MET A 1 44  ? 6.622   1.384   6.631   1.00 19.48 ? 40  MET A N   1 
ATOM   318  C CA  . MET A 1 44  ? 6.343   2.087   5.377   1.00 18.02 ? 40  MET A CA  1 
ATOM   319  C C   . MET A 1 44  ? 7.201   3.333   5.415   1.00 15.01 ? 40  MET A C   1 
ATOM   320  O O   . MET A 1 44  ? 6.991   4.185   6.294   1.00 17.72 ? 40  MET A O   1 
ATOM   321  C CB  . MET A 1 44  ? 4.869   2.476   5.222   1.00 18.84 ? 40  MET A CB  1 
ATOM   322  C CG  . MET A 1 44  ? 4.505   2.878   3.829   1.00 15.78 ? 40  MET A CG  1 
ATOM   323  S SD  . MET A 1 44  ? 2.899   3.623   3.616   1.00 20.84 ? 40  MET A SD  1 
ATOM   324  C CE  . MET A 1 44  ? 1.901   2.311   4.200   1.00 19.01 ? 40  MET A CE  1 
ATOM   325  N N   . ILE A 1 45  ? 8.222   3.398   4.562   1.00 15.37 ? 41  ILE A N   1 
ATOM   326  C CA  . ILE A 1 45  ? 9.232   4.463   4.633   1.00 15.41 ? 41  ILE A CA  1 
ATOM   327  C C   . ILE A 1 45  ? 9.042   5.200   3.311   1.00 14.98 ? 41  ILE A C   1 
ATOM   328  O O   . ILE A 1 45  ? 9.269   4.646   2.219   1.00 14.97 ? 41  ILE A O   1 
ATOM   329  C CB  . ILE A 1 45  ? 10.710  3.943   4.657   1.00 18.52 ? 41  ILE A CB  1 
ATOM   330  C CG1 . ILE A 1 45  ? 10.876  2.925   5.782   1.00 21.82 ? 41  ILE A CG1 1 
ATOM   331  C CG2 . ILE A 1 45  ? 11.723  5.140   4.668   1.00 18.91 ? 41  ILE A CG2 1 
ATOM   332  C CD1 . ILE A 1 45  ? 12.154  2.188   5.699   1.00 24.88 ? 41  ILE A CD1 1 
ATOM   333  N N   . ILE A 1 46  ? 8.628   6.456   3.435   1.00 14.81 ? 42  ILE A N   1 
ATOM   334  C CA  . ILE A 1 46  ? 8.225   7.240   2.273   1.00 13.45 ? 42  ILE A CA  1 
ATOM   335  C C   . ILE A 1 46  ? 9.186   8.403   2.193   1.00 14.91 ? 42  ILE A C   1 
ATOM   336  O O   . ILE A 1 46  ? 9.336   9.189   3.138   1.00 15.75 ? 42  ILE A O   1 
ATOM   337  C CB  . ILE A 1 46  ? 6.788   7.764   2.428   1.00 14.68 ? 42  ILE A CB  1 
ATOM   338  C CG1 . ILE A 1 46  ? 5.829   6.569   2.551   1.00 14.76 ? 42  ILE A CG1 1 
ATOM   339  C CG2 . ILE A 1 46  ? 6.384   8.665   1.213   1.00 15.60 ? 42  ILE A CG2 1 
ATOM   340  C CD1 . ILE A 1 46  ? 4.245   6.885   2.656   1.00 14.65 ? 42  ILE A CD1 1 
ATOM   341  N N   . SER A 1 47  ? 9.796   8.527   1.034   1.00 15.26 ? 43  SER A N   1 
ATOM   342  C CA  . SER A 1 47  ? 10.748  9.608   0.778   1.00 15.52 ? 43  SER A CA  1 
ATOM   343  C C   . SER A 1 47  ? 10.561  10.188  -0.576  1.00 15.58 ? 43  SER A C   1 
ATOM   344  O O   . SER A 1 47  ? 9.972   9.561   -1.405  1.00 14.56 ? 43  SER A O   1 
ATOM   345  C CB  . SER A 1 47  ? 12.170  9.075   0.970   1.00 16.98 ? 43  SER A CB  1 
ATOM   346  O OG  . SER A 1 47  ? 12.473  8.035   0.082   1.00 18.55 ? 43  SER A OG  1 
ATOM   347  N N   . VAL A 1 48  ? 11.112  11.363  -0.813  1.00 14.83 ? 44  VAL A N   1 
ATOM   348  C CA  . VAL A 1 48  ? 10.985  12.074  -2.063  1.00 17.26 ? 44  VAL A CA  1 
ATOM   349  C C   . VAL A 1 48  ? 12.327  12.697  -2.444  1.00 17.67 ? 44  VAL A C   1 
ATOM   350  O O   . VAL A 1 48  ? 13.058  13.191  -1.586  1.00 21.72 ? 44  VAL A O   1 
ATOM   351  C CB  . VAL A 1 48  ? 9.871   13.169  -2.011  1.00 16.80 ? 44  VAL A CB  1 
ATOM   352  C CG1 . VAL A 1 48  ? 9.705   13.918  -3.309  1.00 21.67 ? 44  VAL A CG1 1 
ATOM   353  C CG2 . VAL A 1 48  ? 8.544   12.556  -1.598  1.00 17.90 ? 44  VAL A CG2 1 
ATOM   354  N N   . ASN A 1 49  ? 12.650  12.588  -3.715  1.00 17.90 ? 45  ASN A N   1 
ATOM   355  C CA  . ASN A 1 49  ? 13.796  13.229  -4.336  1.00 16.25 ? 45  ASN A CA  1 
ATOM   356  C C   . ASN A 1 49  ? 13.311  13.775  -5.682  1.00 15.33 ? 45  ASN A C   1 
ATOM   357  O O   . ASN A 1 49  ? 13.020  13.017  -6.608  1.00 16.12 ? 45  ASN A O   1 
ATOM   358  C CB  . ASN A 1 49  ? 14.919  12.209  -4.444  1.00 18.01 ? 45  ASN A CB  1 
ATOM   359  C CG  . ASN A 1 49  ? 16.170  12.799  -5.021  1.00 16.73 ? 45  ASN A CG  1 
ATOM   360  O OD1 . ASN A 1 49  ? 16.083  13.748  -5.795  1.00 18.87 ? 45  ASN A OD1 1 
ATOM   361  N ND2 . ASN A 1 49  ? 17.336  12.264  -4.634  1.00 18.50 ? 45  ASN A ND2 1 
ATOM   362  N N   . GLY A 1 50  ? 13.183  15.097  -5.770  1.00 18.51 ? 46  GLY A N   1 
ATOM   363  C CA  . GLY A 1 50  ? 12.557  15.732  -6.924  1.00 16.98 ? 46  GLY A CA  1 
ATOM   364  C C   . GLY A 1 50  ? 11.169  15.232  -7.171  1.00 19.22 ? 46  GLY A C   1 
ATOM   365  O O   . GLY A 1 50  ? 10.335  15.258  -6.256  1.00 19.59 ? 46  GLY A O   1 
ATOM   366  N N   . ASP A 1 51  ? 10.940  14.678  -8.358  1.00 17.96 ? 47  ASP A N   1 
ATOM   367  C CA  . ASP A 1 51  ? 9.605   14.169  -8.709  1.00 20.63 ? 47  ASP A CA  1 
ATOM   368  C C   . ASP A 1 51  ? 9.433   12.708  -8.342  1.00 17.91 ? 47  ASP A C   1 
ATOM   369  O O   . ASP A 1 51  ? 8.364   12.166  -8.470  1.00 20.46 ? 47  ASP A O   1 
ATOM   370  C CB  . ASP A 1 51  ? 9.330   14.348  -10.197 1.00 22.85 ? 47  ASP A CB  1 
ATOM   371  C CG  . ASP A 1 51  ? 9.136   15.809  -10.585 1.00 26.32 ? 47  ASP A CG  1 
ATOM   372  O OD1 . ASP A 1 51  ? 8.848   16.636  -9.684  1.00 33.22 ? 47  ASP A OD1 1 
ATOM   373  O OD2 . ASP A 1 51  ? 9.249   16.102  -11.798 1.00 36.65 ? 47  ASP A OD2 1 
ATOM   374  N N   . VAL A 1 52  ? 10.533  12.058  -7.934  1.00 17.43 ? 48  VAL A N   1 
ATOM   375  C CA  . VAL A 1 52  ? 10.503  10.641  -7.614  1.00 15.66 ? 48  VAL A CA  1 
ATOM   376  C C   . VAL A 1 52  ? 10.119  10.389  -6.156  1.00 15.73 ? 48  VAL A C   1 
ATOM   377  O O   . VAL A 1 52  ? 10.772  10.836  -5.254  1.00 15.52 ? 48  VAL A O   1 
ATOM   378  C CB  . VAL A 1 52  ? 11.873  9.941   -7.908  1.00 15.91 ? 48  VAL A CB  1 
ATOM   379  C CG1 . VAL A 1 52  ? 11.732  8.441   -7.623  1.00 15.67 ? 48  VAL A CG1 1 
ATOM   380  C CG2 . VAL A 1 52  ? 12.294  10.209  -9.336  1.00 17.16 ? 48  VAL A CG2 1 
ATOM   381  N N   . ILE A 1 53  ? 9.029   9.622   -5.966  1.00 13.40 ? 49  ILE A N   1 
ATOM   382  C CA  . ILE A 1 53  ? 8.591   9.138   -4.672  1.00 14.85 ? 49  ILE A CA  1 
ATOM   383  C C   . ILE A 1 53  ? 9.067   7.691   -4.514  1.00 12.27 ? 49  ILE A C   1 
ATOM   384  O O   . ILE A 1 53  ? 8.945   6.865   -5.456  1.00 12.79 ? 49  ILE A O   1 
ATOM   385  C CB  . ILE A 1 53  ? 7.047   9.261   -4.558  1.00 15.00 ? 49  ILE A CB  1 
ATOM   386  C CG1 . ILE A 1 53  ? 6.582   10.681  -4.846  1.00 17.51 ? 49  ILE A CG1 1 
ATOM   387  C CG2 . ILE A 1 53  ? 6.564   8.841   -3.172  1.00 15.79 ? 49  ILE A CG2 1 
ATOM   388  C CD1 . ILE A 1 53  ? 5.121   10.738  -5.118  1.00 21.33 ? 49  ILE A CD1 1 
ATOM   389  N N   . THR A 1 54  ? 9.533   7.389   -3.313  1.00 13.77 ? 50  THR A N   1 
ATOM   390  C CA  . THR A 1 54  ? 9.980   6.014   -3.009  1.00 13.69 ? 50  THR A CA  1 
ATOM   391  C C   . THR A 1 54  ? 9.216   5.549   -1.801  1.00 15.00 ? 50  THR A C   1 
ATOM   392  O O   . THR A 1 54  ? 9.159   6.279   -0.830  1.00 14.63 ? 50  THR A O   1 
ATOM   393  C CB  . THR A 1 54  ? 11.495  5.866   -2.800  1.00 15.58 ? 50  THR A CB  1 
ATOM   394  O OG1 . THR A 1 54  ? 12.181  6.287   -3.980  1.00 17.35 ? 50  THR A OG1 1 
ATOM   395  C CG2 . THR A 1 54  ? 11.853  4.387   -2.395  1.00 15.77 ? 50  THR A CG2 1 
ATOM   396  N N   . ILE A 1 55  ? 8.606   4.358   -1.881  1.00 13.76 ? 51  ILE A N   1 
ATOM   397  C CA  . ILE A 1 55  ? 7.937   3.732   -0.780  1.00 14.69 ? 51  ILE A CA  1 
ATOM   398  C C   . ILE A 1 55  ? 8.615   2.393   -0.531  1.00 13.58 ? 51  ILE A C   1 
ATOM   399  O O   . ILE A 1 55  ? 8.592   1.525   -1.379  1.00 13.96 ? 51  ILE A O   1 
ATOM   400  C CB  . ILE A 1 55  ? 6.437   3.546   -1.017  1.00 13.70 ? 51  ILE A CB  1 
ATOM   401  C CG1 . ILE A 1 55  ? 5.734   4.903   -1.250  1.00 13.13 ? 51  ILE A CG1 1 
ATOM   402  C CG2 . ILE A 1 55  ? 5.766   2.941   0.191   1.00 14.13 ? 51  ILE A CG2 1 
ATOM   403  C CD1 . ILE A 1 55  ? 4.195   4.790   -1.467  1.00 15.17 ? 51  ILE A CD1 1 
ATOM   404  N N   . LYS A 1 56  ? 9.201   2.259   0.657   1.00 14.60 ? 52  LYS A N   1 
ATOM   405  C CA  . LYS A 1 56  ? 9.879   1.044   1.065   1.00 17.56 ? 52  LYS A CA  1 
ATOM   406  C C   . LYS A 1 56  ? 9.086   0.441   2.216   1.00 17.59 ? 52  LYS A C   1 
ATOM   407  O O   . LYS A 1 56  ? 8.509   1.131   3.023   1.00 18.67 ? 52  LYS A O   1 
ATOM   408  C CB  . LYS A 1 56  ? 11.308  1.408   1.466   1.00 21.43 ? 52  LYS A CB  1 
ATOM   409  C CG  . LYS A 1 56  ? 12.337  0.268   1.405   1.00 28.76 ? 52  LYS A CG  1 
ATOM   410  C CD  . LYS A 1 56  ? 13.790  0.728   1.604   1.00 35.94 ? 52  LYS A CD  1 
ATOM   411  C CE  . LYS A 1 56  ? 14.328  0.236   2.961   1.00 44.74 ? 52  LYS A CE  1 
ATOM   412  N NZ  . LYS A 1 56  ? 15.731  0.710   3.239   1.00 52.24 ? 52  LYS A NZ  1 
ATOM   413  N N   . SER A 1 57  ? 8.991   -0.856  2.247   1.00 15.63 ? 53  SER A N   1 
ATOM   414  C CA  . SER A 1 57  ? 8.403   -1.574  3.346   1.00 16.96 ? 53  SER A CA  1 
ATOM   415  C C   . SER A 1 57  ? 9.321   -2.760  3.696   1.00 18.22 ? 53  SER A C   1 
ATOM   416  O O   . SER A 1 57  ? 9.735   -3.549  2.806   1.00 19.04 ? 53  SER A O   1 
ATOM   417  C CB  . SER A 1 57  ? 7.033   -2.090  3.021   1.00 17.64 ? 53  SER A CB  1 
ATOM   418  O OG  . SER A 1 57  ? 6.510   -2.882  4.067   1.00 19.43 ? 53  SER A OG  1 
ATOM   419  N N   . GLU A 1 58  ? 9.624   -2.841  4.975   1.00 18.66 ? 54  GLU A N   1 
ATOM   420  C CA  . GLU A 1 58  ? 10.372  -3.931  5.515   1.00 17.50 ? 54  GLU A CA  1 
ATOM   421  C C   . GLU A 1 58  ? 9.492   -4.695  6.484   1.00 16.35 ? 54  GLU A C   1 
ATOM   422  O O   . GLU A 1 58  ? 8.743   -4.106  7.271   1.00 15.44 ? 54  GLU A O   1 
ATOM   423  C CB  . GLU A 1 58  ? 11.597  -3.389  6.260   1.00 19.94 ? 54  GLU A CB  1 
ATOM   424  C CG  . GLU A 1 58  ? 12.577  -2.688  5.382   1.00 24.90 ? 54  GLU A CG  1 
ATOM   425  C CD  . GLU A 1 58  ? 13.530  -1.809  6.154   1.00 28.97 ? 54  GLU A CD  1 
ATOM   426  O OE1 . GLU A 1 58  ? 13.238  -1.434  7.329   1.00 32.25 ? 54  GLU A OE1 1 
ATOM   427  O OE2 . GLU A 1 58  ? 14.587  -1.480  5.557   1.00 41.33 ? 54  GLU A OE2 1 
ATOM   428  N N   . SER A 1 59  ? 9.562   -6.023  6.455   1.00 16.01 ? 55  SER A N   1 
ATOM   429  C CA  . SER A 1 59  ? 8.853   -6.844  7.418   1.00 14.58 ? 55  SER A CA  1 
ATOM   430  C C   . SER A 1 59  ? 9.434   -8.245  7.460   1.00 17.12 ? 55  SER A C   1 
ATOM   431  O O   . SER A 1 59  ? 10.205  -8.639  6.576   1.00 17.80 ? 55  SER A O   1 
ATOM   432  C CB  . SER A 1 59  ? 7.342   -6.896  7.035   1.00 15.09 ? 55  SER A CB  1 
ATOM   433  O OG  . SER A 1 59  ? 7.083   -7.736  5.959   1.00 17.15 ? 55  SER A OG  1 
ATOM   434  N N   . THR A 1 60  ? 9.028   -8.986  8.483   1.00 18.56 ? 56  THR A N   1 
ATOM   435  C CA  . THR A 1 60  ? 9.405   -10.382 8.616   1.00 21.98 ? 56  THR A CA  1 
ATOM   436  C C   . THR A 1 60  ? 8.797   -11.211 7.501   1.00 20.12 ? 56  THR A C   1 
ATOM   437  O O   . THR A 1 60  ? 9.267   -12.321 7.253   1.00 29.00 ? 56  THR A O   1 
ATOM   438  C CB  . THR A 1 60  ? 8.914   -10.928 9.977   1.00 20.93 ? 56  THR A CB  1 
ATOM   439  O OG1 . THR A 1 60  ? 7.510   -10.654 10.090  1.00 26.40 ? 56  THR A OG1 1 
ATOM   440  C CG2 . THR A 1 60  ? 9.686   -10.316 11.162  1.00 24.67 ? 56  THR A CG2 1 
ATOM   441  N N   . PHE A 1 61  ? 7.744   -10.728 6.837   1.00 19.42 ? 57  PHE A N   1 
ATOM   442  C CA  . PHE A 1 61  ? 7.186   -11.432 5.686   1.00 17.17 ? 57  PHE A CA  1 
ATOM   443  C C   . PHE A 1 61  ? 7.984   -11.219 4.394   1.00 19.39 ? 57  PHE A C   1 
ATOM   444  O O   . PHE A 1 61  ? 8.578   -12.172 3.851   1.00 20.82 ? 57  PHE A O   1 
ATOM   445  C CB  . PHE A 1 61  ? 5.690   -11.074 5.508   1.00 18.29 ? 57  PHE A CB  1 
ATOM   446  C CG  . PHE A 1 61  ? 5.093   -11.620 4.260   1.00 16.60 ? 57  PHE A CG  1 
ATOM   447  C CD1 . PHE A 1 61  ? 5.087   -12.988 4.070   1.00 17.83 ? 57  PHE A CD1 1 
ATOM   448  C CD2 . PHE A 1 61  ? 4.495   -10.818 3.311   1.00 17.20 ? 57  PHE A CD2 1 
ATOM   449  C CE1 . PHE A 1 61  ? 4.639   -13.513 2.925   1.00 17.42 ? 57  PHE A CE1 1 
ATOM   450  C CE2 . PHE A 1 61  ? 3.941   -11.342 2.188   1.00 19.60 ? 57  PHE A CE2 1 
ATOM   451  C CZ  . PHE A 1 61  ? 4.011   -12.716 1.974   1.00 20.14 ? 57  PHE A CZ  1 
ATOM   452  N N   . LYS A 1 62  ? 8.048   -9.982  3.910   1.00 17.29 ? 58  LYS A N   1 
ATOM   453  C CA  . LYS A 1 62  ? 8.825   -9.651  2.743   1.00 19.82 ? 58  LYS A CA  1 
ATOM   454  C C   . LYS A 1 62  ? 9.221   -8.177  2.779   1.00 19.69 ? 58  LYS A C   1 
ATOM   455  O O   . LYS A 1 62  ? 8.552   -7.357  3.419   1.00 21.71 ? 58  LYS A O   1 
ATOM   456  C CB  . LYS A 1 62  ? 8.048   -9.959  1.463   1.00 24.10 ? 58  LYS A CB  1 
ATOM   457  C CG  . LYS A 1 62  ? 8.875   -9.661  0.211   1.00 31.01 ? 58  LYS A CG  1 
ATOM   458  C CD  . LYS A 1 62  ? 8.522   -10.477 -1.010  1.00 35.85 ? 58  LYS A CD  1 
ATOM   459  C CE  . LYS A 1 62  ? 8.703   -9.672  -2.322  1.00 27.03 ? 58  LYS A CE  1 
ATOM   460  N NZ  . LYS A 1 62  ? 7.783   -10.256 -3.358  1.00 31.53 ? 58  LYS A NZ  1 
ATOM   461  N N   . ASN A 1 63  ? 10.335  -7.849  2.145   1.00 16.02 ? 59  ASN A N   1 
ATOM   462  C CA  . ASN A 1 63  ? 10.731  -6.498  1.927   1.00 16.75 ? 59  ASN A CA  1 
ATOM   463  C C   . ASN A 1 63  ? 10.353  -6.100  0.514   1.00 19.61 ? 59  ASN A C   1 
ATOM   464  O O   . ASN A 1 63  ? 10.515  -6.882  -0.447  1.00 21.82 ? 59  ASN A O   1 
ATOM   465  C CB  . ASN A 1 63  ? 12.206  -6.328  2.176   1.00 18.81 ? 59  ASN A CB  1 
ATOM   466  C CG  . ASN A 1 63  ? 12.601  -6.755  3.571   1.00 21.62 ? 59  ASN A CG  1 
ATOM   467  O OD1 . ASN A 1 63  ? 11.880  -6.570  4.548   1.00 20.10 ? 59  ASN A OD1 1 
ATOM   468  N ND2 . ASN A 1 63  ? 13.761  -7.393  3.672   1.00 24.47 ? 59  ASN A ND2 1 
ATOM   469  N N   . THR A 1 64  ? 9.821   -4.882  0.379   1.00 15.29 ? 60  THR A N   1 
ATOM   470  C CA  . THR A 1 64  ? 9.412   -4.345  -0.934  1.00 16.91 ? 60  THR A CA  1 
ATOM   471  C C   . THR A 1 64  ? 9.919   -2.918  -1.109  1.00 13.24 ? 60  THR A C   1 
ATOM   472  O O   . THR A 1 64  ? 10.177  -2.206  -0.158  1.00 14.40 ? 60  THR A O   1 
ATOM   473  C CB  . THR A 1 64  ? 7.866   -4.353  -1.131  1.00 17.71 ? 60  THR A CB  1 
ATOM   474  O OG1 . THR A 1 64  ? 7.271   -3.519  -0.143  1.00 21.24 ? 60  THR A OG1 1 
ATOM   475  C CG2 . THR A 1 64  ? 7.376   -5.783  -1.019  1.00 18.75 ? 60  THR A CG2 1 
ATOM   476  N N   . GLU A 1 65  ? 10.008  -2.493  -2.353  1.00 15.35 ? 61  GLU A N   1 
ATOM   477  C CA  . GLU A 1 65  ? 10.396  -1.123  -2.633  1.00 15.82 ? 61  GLU A CA  1 
ATOM   478  C C   . GLU A 1 65  ? 9.876   -0.707  -3.982  1.00 17.62 ? 61  GLU A C   1 
ATOM   479  O O   . GLU A 1 65  ? 9.996   -1.422  -4.960  1.00 17.54 ? 61  GLU A O   1 
ATOM   480  C CB  . GLU A 1 65  ? 11.915  -0.938  -2.503  1.00 19.53 ? 61  GLU A CB  1 
ATOM   481  C CG  . GLU A 1 65  ? 12.373  0.527   -2.766  1.00 22.91 ? 61  GLU A CG  1 
ATOM   482  C CD  . GLU A 1 65  ? 13.883  0.674   -2.661  1.00 32.85 ? 61  GLU A CD  1 
ATOM   483  O OE1 . GLU A 1 65  ? 14.533  -0.291  -2.201  1.00 38.34 ? 61  GLU A OE1 1 
ATOM   484  O OE2 . GLU A 1 65  ? 14.424  1.745   -3.036  1.00 40.80 ? 61  GLU A OE2 1 
ATOM   485  N N   . ILE A 1 66  ? 9.229   0.462   -4.041  1.00 15.58 ? 62  ILE A N   1 
ATOM   486  C CA  . ILE A 1 66  ? 8.829   1.023   -5.305  1.00 14.49 ? 62  ILE A CA  1 
ATOM   487  C C   . ILE A 1 66  ? 9.273   2.467   -5.423  1.00 13.79 ? 62  ILE A C   1 
ATOM   488  O O   . ILE A 1 66  ? 9.307   3.193   -4.408  1.00 15.34 ? 62  ILE A O   1 
ATOM   489  C CB  . ILE A 1 66  ? 7.306   0.920   -5.513  1.00 13.87 ? 62  ILE A CB  1 
ATOM   490  C CG1 . ILE A 1 66  ? 6.484   1.549   -4.370  1.00 13.98 ? 62  ILE A CG1 1 
ATOM   491  C CG2 . ILE A 1 66  ? 6.907   -0.517  -5.679  1.00 14.92 ? 62  ILE A CG2 1 
ATOM   492  C CD1 . ILE A 1 66  ? 4.900   1.538   -4.640  1.00 15.37 ? 62  ILE A CD1 1 
ATOM   493  N N   . SER A 1 67  ? 9.652   2.892   -6.628  1.00 13.05 ? 63  SER A N   1 
ATOM   494  C CA  . SER A 1 67  ? 9.979   4.273   -6.908  1.00 15.28 ? 63  SER A CA  1 
ATOM   495  C C   . SER A 1 67  ? 9.204   4.665   -8.122  1.00 15.59 ? 63  SER A C   1 
ATOM   496  O O   . SER A 1 67  ? 9.116   3.866   -9.070  1.00 15.79 ? 63  SER A O   1 
ATOM   497  C CB  . SER A 1 67  ? 11.477  4.503   -7.130  1.00 14.79 ? 63  SER A CB  1 
ATOM   498  O OG  . SER A 1 67  ? 12.191  4.331   -5.939  1.00 17.77 ? 63  SER A OG  1 
ATOM   499  N N   . PHE A 1 68  ? 8.584   5.840   -8.101  1.00 13.74 ? 64  PHE A N   1 
ATOM   500  C CA  . PHE A 1 68  ? 7.686   6.229   -9.141  1.00 15.13 ? 64  PHE A CA  1 
ATOM   501  C C   . PHE A 1 68  ? 7.554   7.750   -9.232  1.00 13.89 ? 64  PHE A C   1 
ATOM   502  O O   . PHE A 1 68  ? 7.877   8.506   -8.315  1.00 14.52 ? 64  PHE A O   1 
ATOM   503  C CB  . PHE A 1 68  ? 6.312   5.586   -8.915  1.00 15.68 ? 64  PHE A CB  1 
ATOM   504  C CG  . PHE A 1 68  ? 5.713   5.931   -7.613  1.00 14.25 ? 64  PHE A CG  1 
ATOM   505  C CD1 . PHE A 1 68  ? 6.091   5.241   -6.479  1.00 15.45 ? 64  PHE A CD1 1 
ATOM   506  C CD2 . PHE A 1 68  ? 4.792   6.994   -7.470  1.00 14.46 ? 64  PHE A CD2 1 
ATOM   507  C CE1 . PHE A 1 68  ? 5.532   5.563   -5.249  1.00 15.66 ? 64  PHE A CE1 1 
ATOM   508  C CE2 . PHE A 1 68  ? 4.281   7.324   -6.260  1.00 16.07 ? 64  PHE A CE2 1 
ATOM   509  C CZ  . PHE A 1 68  ? 4.655   6.599   -5.117  1.00 16.42 ? 64  PHE A CZ  1 
ATOM   510  N N   . ILE A 1 69  ? 7.007   8.152   -10.368 1.00 15.36 ? 65  ILE A N   1 
ATOM   511  C CA  . ILE A 1 69  ? 6.534   9.490   -10.602 1.00 14.99 ? 65  ILE A CA  1 
ATOM   512  C C   . ILE A 1 69  ? 5.002   9.425   -10.739 1.00 13.99 ? 65  ILE A C   1 
ATOM   513  O O   . ILE A 1 69  ? 4.431   8.502   -11.315 1.00 16.24 ? 65  ILE A O   1 
ATOM   514  C CB  . ILE A 1 69  ? 7.137   10.036  -11.914 1.00 17.31 ? 65  ILE A CB  1 
ATOM   515  C CG1 . ILE A 1 69  ? 8.665   10.195  -11.755 1.00 21.17 ? 65  ILE A CG1 1 
ATOM   516  C CG2 . ILE A 1 69  ? 6.435   11.384  -12.319 1.00 18.41 ? 65  ILE A CG2 1 
ATOM   517  C CD1 . ILE A 1 69  ? 9.430   10.478  -13.003 1.00 22.22 ? 65  ILE A CD1 1 
ATOM   518  N N   . LEU A 1 70  ? 4.347   10.415  -10.138 1.00 17.42 ? 66  LEU A N   1 
ATOM   519  C CA  . LEU A 1 70  ? 2.901   10.483  -10.152 1.00 15.88 ? 66  LEU A CA  1 
ATOM   520  C C   . LEU A 1 70  ? 2.307   10.425  -11.591 1.00 17.79 ? 66  LEU A C   1 
ATOM   521  O O   . LEU A 1 70  ? 2.750   11.152  -12.488 1.00 19.43 ? 66  LEU A O   1 
ATOM   522  C CB  . LEU A 1 70  ? 2.399   11.730  -9.436  1.00 17.52 ? 66  LEU A CB  1 
ATOM   523  C CG  . LEU A 1 70  ? 2.591   11.744  -7.899  1.00 18.15 ? 66  LEU A CG  1 
ATOM   524  C CD1 . LEU A 1 70  ? 2.306   13.149  -7.393  1.00 19.22 ? 66  LEU A CD1 1 
ATOM   525  C CD2 . LEU A 1 70  ? 1.751   10.704  -7.165  1.00 17.70 ? 66  LEU A CD2 1 
ATOM   526  N N   . GLY A 1 71  ? 1.352   9.533   -11.795 1.00 17.70 ? 67  GLY A N   1 
ATOM   527  C CA  . GLY A 1 71  ? 0.674   9.431   -13.099 1.00 17.26 ? 67  GLY A CA  1 
ATOM   528  C C   . GLY A 1 71  ? 1.340   8.482   -14.065 1.00 18.20 ? 67  GLY A C   1 
ATOM   529  O O   . GLY A 1 71  ? 0.788   8.177   -15.103 1.00 21.65 ? 67  GLY A O   1 
ATOM   530  N N   . GLN A 1 72  ? 2.544   8.016   -13.747 1.00 17.07 ? 68  GLN A N   1 
ATOM   531  C CA  . GLN A 1 72  ? 3.352   7.238   -14.704 1.00 16.96 ? 68  GLN A CA  1 
ATOM   532  C C   . GLN A 1 72  ? 3.334   5.757   -14.323 1.00 14.05 ? 68  GLN A C   1 
ATOM   533  O O   . GLN A 1 72  ? 3.877   5.362   -13.279 1.00 16.07 ? 68  GLN A O   1 
ATOM   534  C CB  . GLN A 1 72  ? 4.771   7.754   -14.779 1.00 19.57 ? 68  GLN A CB  1 
ATOM   535  C CG  . GLN A 1 72  ? 4.894   9.188   -15.323 1.00 27.07 ? 68  GLN A CG  1 
ATOM   536  C CD  . GLN A 1 72  ? 6.340   9.616   -15.693 1.00 36.21 ? 68  GLN A CD  1 
ATOM   537  O OE1 . GLN A 1 72  ? 7.245   8.784   -15.881 1.00 42.94 ? 68  GLN A OE1 1 
ATOM   538  N NE2 . GLN A 1 72  ? 6.544   10.937  -15.810 1.00 46.22 ? 68  GLN A NE2 1 
ATOM   539  N N   . GLU A 1 73  ? 2.779   4.930   -15.192 1.00 16.90 ? 69  GLU A N   1 
ATOM   540  C CA  . GLU A 1 73  ? 2.652   3.493   -14.952 1.00 16.65 ? 69  GLU A CA  1 
ATOM   541  C C   . GLU A 1 73  ? 4.036   2.851   -14.760 1.00 15.56 ? 69  GLU A C   1 
ATOM   542  O O   . GLU A 1 73  ? 4.982   3.192   -15.485 1.00 18.53 ? 69  GLU A O   1 
ATOM   543  C CB  . GLU A 1 73  ? 1.978   2.831   -16.121 1.00 20.56 ? 69  GLU A CB  1 
ATOM   544  C CG  . GLU A 1 73  ? 1.600   1.353   -15.885 1.00 22.45 ? 69  GLU A CG  1 
ATOM   545  C CD  . GLU A 1 73  ? 0.926   0.749   -17.099 1.00 29.41 ? 69  GLU A CD  1 
ATOM   546  O OE1 . GLU A 1 73  ? 1.360   1.098   -18.211 1.00 35.28 ? 69  GLU A OE1 1 
ATOM   547  O OE2 . GLU A 1 73  ? -0.035  -0.032  -16.944 1.00 39.38 ? 69  GLU A OE2 1 
ATOM   548  N N   . PHE A 1 74  ? 4.098   1.882   -13.836 1.00 14.13 ? 70  PHE A N   1 
ATOM   549  C CA  . PHE A 1 74  ? 5.338   1.154   -13.597 1.00 14.36 ? 70  PHE A CA  1 
ATOM   550  C C   . PHE A 1 74  ? 5.037   -0.268  -13.239 1.00 14.54 ? 70  PHE A C   1 
ATOM   551  O O   . PHE A 1 74  ? 3.936   -0.644  -12.906 1.00 16.54 ? 70  PHE A O   1 
ATOM   552  C CB  . PHE A 1 74  ? 6.164   1.829   -12.517 1.00 14.82 ? 70  PHE A CB  1 
ATOM   553  C CG  . PHE A 1 74  ? 5.495   1.913   -11.175 1.00 14.62 ? 70  PHE A CG  1 
ATOM   554  C CD1 . PHE A 1 74  ? 4.624   2.951   -10.880 1.00 14.70 ? 70  PHE A CD1 1 
ATOM   555  C CD2 . PHE A 1 74  ? 5.773   0.995   -10.156 1.00 16.28 ? 70  PHE A CD2 1 
ATOM   556  C CE1 . PHE A 1 74  ? 4.004   3.052   -9.635  1.00 14.71 ? 70  PHE A CE1 1 
ATOM   557  C CE2 . PHE A 1 74  ? 5.140   1.116   -8.903  1.00 17.22 ? 70  PHE A CE2 1 
ATOM   558  C CZ  . PHE A 1 74  ? 4.276   2.145   -8.644  1.00 16.64 ? 70  PHE A CZ  1 
ATOM   559  N N   . ASP A 1 75  ? 6.078   -1.098  -13.334 1.00 15.71 ? 71  ASP A N   1 
ATOM   560  C CA  . ASP A 1 75  ? 6.016   -2.497  -12.917 1.00 16.76 ? 71  ASP A CA  1 
ATOM   561  C C   . ASP A 1 75  ? 6.344   -2.584  -11.455 1.00 15.33 ? 71  ASP A C   1 
ATOM   562  O O   . ASP A 1 75  ? 7.316   -1.969  -10.979 1.00 16.18 ? 71  ASP A O   1 
ATOM   563  C CB  . ASP A 1 75  ? 7.073   -3.298  -13.681 1.00 16.43 ? 71  ASP A CB  1 
ATOM   564  C CG  . ASP A 1 75  ? 6.794   -3.335  -15.164 1.00 16.67 ? 71  ASP A CG  1 
ATOM   565  O OD1 . ASP A 1 75  ? 5.678   -3.740  -15.550 1.00 18.78 ? 71  ASP A OD1 1 
ATOM   566  O OD2 . ASP A 1 75  ? 7.717   -2.920  -15.930 1.00 21.57 ? 71  ASP A OD2 1 
ATOM   567  N N   . GLU A 1 76  ? 5.528   -3.321  -10.736 1.00 15.49 ? 72  GLU A N   1 
ATOM   568  C CA  . GLU A 1 76  ? 5.717   -3.558  -9.318  1.00 16.93 ? 72  GLU A CA  1 
ATOM   569  C C   . GLU A 1 76  ? 5.638   -5.052  -9.055  1.00 17.58 ? 72  GLU A C   1 
ATOM   570  O O   . GLU A 1 76  ? 4.839   -5.713  -9.658  1.00 16.99 ? 72  GLU A O   1 
ATOM   571  C CB  . GLU A 1 76  ? 4.591   -2.850  -8.537  1.00 16.41 ? 72  GLU A CB  1 
ATOM   572  C CG  . GLU A 1 76  ? 4.589   -3.143  -7.026  1.00 19.13 ? 72  GLU A CG  1 
ATOM   573  C CD  . GLU A 1 76  ? 3.541   -2.380  -6.247  1.00 19.53 ? 72  GLU A CD  1 
ATOM   574  O OE1 . GLU A 1 76  ? 2.561   -1.824  -6.848  1.00 19.73 ? 72  GLU A OE1 1 
ATOM   575  O OE2 . GLU A 1 76  ? 3.656   -2.340  -5.015  1.00 20.36 ? 72  GLU A OE2 1 
ATOM   576  N N   . VAL A 1 77  ? 6.461   -5.546  -8.127  1.00 18.82 ? 73  VAL A N   1 
ATOM   577  C CA  . VAL A 1 77  ? 6.299   -6.886  -7.556  1.00 17.63 ? 73  VAL A CA  1 
ATOM   578  C C   . VAL A 1 77  ? 5.793   -6.700  -6.132  1.00 16.06 ? 73  VAL A C   1 
ATOM   579  O O   . VAL A 1 77  ? 6.419   -6.048  -5.316  1.00 19.16 ? 73  VAL A O   1 
ATOM   580  C CB  . VAL A 1 77  ? 7.649   -7.708  -7.525  1.00 22.46 ? 73  VAL A CB  1 
ATOM   581  C CG1 . VAL A 1 77  ? 7.342   -9.185  -7.255  1.00 22.21 ? 73  VAL A CG1 1 
ATOM   582  C CG2 . VAL A 1 77  ? 8.395   -7.537  -8.835  1.00 23.57 ? 73  VAL A CG2 1 
ATOM   583  N N   . THR A 1 78  ? 4.595   -7.227  -5.866  1.00 14.87 ? 74  THR A N   1 
ATOM   584  C CA  . THR A 1 78  ? 4.015   -7.009  -4.548  1.00 16.36 ? 74  THR A CA  1 
ATOM   585  C C   . THR A 1 78  ? 4.628   -7.987  -3.521  1.00 15.42 ? 74  THR A C   1 
ATOM   586  O O   . THR A 1 78  ? 5.415   -8.929  -3.887  1.00 15.81 ? 74  THR A O   1 
ATOM   587  C CB  . THR A 1 78  ? 2.530   -7.190  -4.595  1.00 15.71 ? 74  THR A CB  1 
ATOM   588  O OG1 . THR A 1 78  ? 2.255   -8.530  -4.936  1.00 14.98 ? 74  THR A OG1 1 
ATOM   589  C CG2 . THR A 1 78  ? 1.842   -6.225  -5.610  1.00 17.88 ? 74  THR A CG2 1 
ATOM   590  N N   . ALA A 1 79  ? 4.357   -7.728  -2.241  1.00 16.28 ? 75  ALA A N   1 
ATOM   591  C CA  . ALA A 1 79  ? 4.901   -8.577  -1.151  1.00 16.69 ? 75  ALA A CA  1 
ATOM   592  C C   . ALA A 1 79  ? 4.518   -10.034 -1.342  1.00 16.90 ? 75  ALA A C   1 
ATOM   593  O O   . ALA A 1 79  ? 5.291   -10.923 -1.072  1.00 18.85 ? 75  ALA A O   1 
ATOM   594  C CB  . ALA A 1 79  ? 4.509   -8.094  0.249   1.00 15.78 ? 75  ALA A CB  1 
ATOM   595  N N   . ASP A 1 80  ? 3.352   -10.288 -1.899  1.00 17.08 ? 76  ASP A N   1 
ATOM   596  C CA  . ASP A 1 80  ? 2.877   -11.638 -2.169  1.00 16.91 ? 76  ASP A CA  1 
ATOM   597  C C   . ASP A 1 80  ? 3.195   -12.152 -3.545  1.00 17.66 ? 76  ASP A C   1 
ATOM   598  O O   . ASP A 1 80  ? 2.604   -13.153 -3.986  1.00 19.09 ? 76  ASP A O   1 
ATOM   599  C CB  . ASP A 1 80  ? 1.348   -11.676 -1.919  1.00 15.89 ? 76  ASP A CB  1 
ATOM   600  C CG  . ASP A 1 80  ? 0.528   -10.715 -2.823  1.00 17.58 ? 76  ASP A CG  1 
ATOM   601  O OD1 . ASP A 1 80  ? 0.888   -9.524  -2.874  1.00 15.65 ? 76  ASP A OD1 1 
ATOM   602  O OD2 . ASP A 1 80  ? -0.480  -11.174 -3.397  1.00 19.29 ? 76  ASP A OD2 1 
ATOM   603  N N   . ASP A 1 81  ? 4.061   -11.436 -4.236  1.00 19.29 ? 77  ASP A N   1 
ATOM   604  C CA  . ASP A 1 81  ? 4.672   -11.882 -5.493  1.00 21.41 ? 77  ASP A CA  1 
ATOM   605  C C   . ASP A 1 81  ? 3.807   -11.762 -6.695  1.00 21.43 ? 77  ASP A C   1 
ATOM   606  O O   . ASP A 1 81  ? 4.100   -12.390 -7.714  1.00 23.59 ? 77  ASP A O   1 
ATOM   607  C CB  . ASP A 1 81  ? 5.172   -13.337 -5.374  1.00 25.90 ? 77  ASP A CB  1 
ATOM   608  C CG  . ASP A 1 81  ? 6.661   -13.420 -5.393  1.00 35.62 ? 77  ASP A CG  1 
ATOM   609  O OD1 . ASP A 1 81  ? 7.263   -12.908 -6.378  1.00 37.06 ? 77  ASP A OD1 1 
ATOM   610  O OD2 . ASP A 1 81  ? 7.221   -13.981 -4.415  1.00 48.22 ? 77  ASP A OD2 1 
ATOM   611  N N   . ARG A 1 82  ? 2.768   -10.931 -6.642  1.00 20.50 ? 78  ARG A N   1 
ATOM   612  C CA  . ARG A 1 82  ? 2.069   -10.559 -7.867  1.00 19.25 ? 78  ARG A CA  1 
ATOM   613  C C   . ARG A 1 82  ? 2.948   -9.604  -8.707  1.00 18.71 ? 78  ARG A C   1 
ATOM   614  O O   . ARG A 1 82  ? 3.592   -8.714  -8.180  1.00 19.65 ? 78  ARG A O   1 
ATOM   615  C CB  . ARG A 1 82  ? 0.731   -9.891  -7.578  1.00 19.37 ? 78  ARG A CB  1 
ATOM   616  C CG  . ARG A 1 82  ? -0.350  -10.823 -7.051  1.00 17.67 ? 78  ARG A CG  1 
ATOM   617  C CD  . ARG A 1 82  ? -1.588  -9.988  -6.655  1.00 17.28 ? 78  ARG A CD  1 
ATOM   618  N NE  . ARG A 1 82  ? -1.311  -9.301  -5.379  1.00 17.66 ? 78  ARG A NE  1 
ATOM   619  C CZ  . ARG A 1 82  ? -1.514  -8.013  -5.073  1.00 18.12 ? 78  ARG A CZ  1 
ATOM   620  N NH1 . ARG A 1 82  ? -2.150  -7.177  -5.889  1.00 17.25 ? 78  ARG A NH1 1 
ATOM   621  N NH2 . ARG A 1 82  ? -1.125  -7.555  -3.889  1.00 16.77 ? 78  ARG A NH2 1 
ATOM   622  N N   . LYS A 1 83  ? 2.994   -9.849  -10.012 1.00 18.86 ? 79  LYS A N   1 
ATOM   623  C CA  . LYS A 1 83  ? 3.646   -8.972  -10.943 1.00 18.29 ? 79  LYS A CA  1 
ATOM   624  C C   . LYS A 1 83  ? 2.572   -8.095  -11.515 1.00 20.11 ? 79  LYS A C   1 
ATOM   625  O O   . LYS A 1 83  ? 1.755   -8.561  -12.305 1.00 21.67 ? 79  LYS A O   1 
ATOM   626  C CB  . LYS A 1 83  ? 4.284   -9.795  -12.069 1.00 22.46 ? 79  LYS A CB  1 
ATOM   627  C CG  . LYS A 1 83  ? 5.688   -10.372 -11.726 1.00 32.85 ? 79  LYS A CG  1 
ATOM   628  C CD  . LYS A 1 83  ? 5.665   -11.614 -10.840 1.00 39.70 ? 79  LYS A CD  1 
ATOM   629  C CE  . LYS A 1 83  ? 7.069   -11.884 -10.221 1.00 44.97 ? 79  LYS A CE  1 
ATOM   630  N NZ  . LYS A 1 83  ? 7.059   -12.968 -9.172  1.00 49.02 ? 79  LYS A NZ  1 
ATOM   631  N N   . VAL A 1 84  ? 2.570   -6.825  -11.135 1.00 17.41 ? 80  VAL A N   1 
ATOM   632  C CA  . VAL A 1 84  ? 1.460   -5.935  -11.424 1.00 15.58 ? 80  VAL A CA  1 
ATOM   633  C C   . VAL A 1 84  ? 1.927   -4.719  -12.182 1.00 14.49 ? 80  VAL A C   1 
ATOM   634  O O   . VAL A 1 84  ? 3.114   -4.331  -12.142 1.00 16.72 ? 80  VAL A O   1 
ATOM   635  C CB  . VAL A 1 84  ? 0.660   -5.493  -10.132 1.00 14.76 ? 80  VAL A CB  1 
ATOM   636  C CG1 . VAL A 1 84  ? 0.255   -6.678  -9.329  1.00 15.22 ? 80  VAL A CG1 1 
ATOM   637  C CG2 . VAL A 1 84  ? 1.430   -4.442  -9.276  1.00 15.00 ? 80  VAL A CG2 1 
ATOM   638  N N   . LYS A 1 85  ? 0.963   -4.049  -12.847 1.00 15.31 ? 81  LYS A N   1 
ATOM   639  C CA  . LYS A 1 85  ? 1.184   -2.731  -13.433 1.00 15.07 ? 81  LYS A CA  1 
ATOM   640  C C   . LYS A 1 85  ? 0.517   -1.741  -12.500 1.00 13.23 ? 81  LYS A C   1 
ATOM   641  O O   . LYS A 1 85  ? -0.742  -1.805  -12.293 1.00 15.93 ? 81  LYS A O   1 
ATOM   642  C CB  . LYS A 1 85  ? 0.548   -2.622  -14.839 1.00 16.15 ? 81  LYS A CB  1 
ATOM   643  C CG  . LYS A 1 85  ? 1.103   -3.537  -15.925 1.00 18.38 ? 81  LYS A CG  1 
ATOM   644  C CD  . LYS A 1 85  ? 2.528   -3.168  -16.386 1.00 20.27 ? 81  LYS A CD  1 
ATOM   645  C CE  . LYS A 1 85  ? 3.131   -4.303  -17.244 1.00 24.59 ? 81  LYS A CE  1 
ATOM   646  N NZ  . LYS A 1 85  ? 4.509   -3.963  -17.802 1.00 27.55 ? 81  LYS A NZ  1 
ATOM   647  N N   . SER A 1 86  ? 1.284   -0.768  -12.033 1.00 13.11 ? 82  SER A N   1 
ATOM   648  C CA  . SER A 1 86  ? 0.874   0.174   -10.975 1.00 14.62 ? 82  SER A CA  1 
ATOM   649  C C   . SER A 1 86  ? 0.930   1.590   -11.460 1.00 14.66 ? 82  SER A C   1 
ATOM   650  O O   . SER A 1 86  ? 1.785   1.999   -12.282 1.00 14.77 ? 82  SER A O   1 
ATOM   651  C CB  . SER A 1 86  ? 1.748   0.033   -9.714  1.00 13.81 ? 82  SER A CB  1 
ATOM   652  O OG  . SER A 1 86  ? 1.483   -1.195  -9.079  1.00 15.39 ? 82  SER A OG  1 
ATOM   653  N N   . THR A 1 87  ? -0.095  2.341   -11.040 1.00 16.19 ? 83  THR A N   1 
ATOM   654  C CA  . THR A 1 87  ? -0.069  3.751   -11.300 1.00 16.27 ? 83  THR A CA  1 
ATOM   655  C C   . THR A 1 87  ? -0.553  4.455   -10.049 1.00 14.64 ? 83  THR A C   1 
ATOM   656  O O   . THR A 1 87  ? -1.538  4.001   -9.438  1.00 15.62 ? 83  THR A O   1 
ATOM   657  C CB  . THR A 1 87  ? -1.058  4.150   -12.437 1.00 17.38 ? 83  THR A CB  1 
ATOM   658  O OG1 . THR A 1 87  ? -0.818  3.354   -13.614 1.00 20.86 ? 83  THR A OG1 1 
ATOM   659  C CG2 . THR A 1 87  ? -0.932  5.607   -12.781 1.00 18.72 ? 83  THR A CG2 1 
ATOM   660  N N   . ILE A 1 88  ? 0.187   5.456   -9.613  1.00 14.52 ? 84  ILE A N   1 
ATOM   661  C CA  . ILE A 1 88  ? -0.090  6.197   -8.392  1.00 14.34 ? 84  ILE A CA  1 
ATOM   662  C C   . ILE A 1 88  ? -0.275  7.675   -8.728  1.00 13.73 ? 84  ILE A C   1 
ATOM   663  O O   . ILE A 1 88  ? 0.542   8.272   -9.405  1.00 15.81 ? 84  ILE A O   1 
ATOM   664  C CB  . ILE A 1 88  ? 1.040   6.016   -7.352  1.00 14.69 ? 84  ILE A CB  1 
ATOM   665  C CG1 . ILE A 1 88  ? 1.200   4.473   -7.098  1.00 14.65 ? 84  ILE A CG1 1 
ATOM   666  C CG2 . ILE A 1 88  ? 0.735   6.809   -6.064  1.00 15.62 ? 84  ILE A CG2 1 
ATOM   667  C CD1 . ILE A 1 88  ? 2.320   4.013   -6.044  1.00 16.99 ? 84  ILE A CD1 1 
ATOM   668  N N   . THR A 1 89  ? -1.416  8.214   -8.283  1.00 16.19 ? 85  THR A N   1 
ATOM   669  C CA  . THR A 1 89  ? -1.796  9.585   -8.508  1.00 18.07 ? 85  THR A CA  1 
ATOM   670  C C   . THR A 1 89  ? -2.184  10.232  -7.219  1.00 18.54 ? 85  THR A C   1 
ATOM   671  O O   . THR A 1 89  ? -2.426  9.584   -6.249  1.00 18.33 ? 85  THR A O   1 
ATOM   672  C CB  . THR A 1 89  ? -3.001  9.701   -9.476  1.00 18.70 ? 85  THR A CB  1 
ATOM   673  O OG1 . THR A 1 89  ? -4.135  8.951   -8.997  1.00 20.13 ? 85  THR A OG1 1 
ATOM   674  C CG2 . THR A 1 89  ? -2.627  9.190   -10.851 1.00 20.87 ? 85  THR A CG2 1 
ATOM   675  N N   . LEU A 1 90  ? -2.205  11.557  -7.224  1.00 22.85 ? 86  LEU A N   1 
ATOM   676  C CA  . LEU A 1 90  ? -2.680  12.345  -6.080  1.00 24.02 ? 86  LEU A CA  1 
ATOM   677  C C   . LEU A 1 90  ? -4.101  12.836  -6.399  1.00 25.56 ? 86  LEU A C   1 
ATOM   678  O O   . LEU A 1 90  ? -4.338  13.465  -7.448  1.00 31.57 ? 86  LEU A O   1 
ATOM   679  C CB  . LEU A 1 90  ? -1.687  13.457  -5.851  1.00 26.62 ? 86  LEU A CB  1 
ATOM   680  C CG  . LEU A 1 90  ? -1.358  14.097  -4.506  1.00 30.22 ? 86  LEU A CG  1 
ATOM   681  C CD1 . LEU A 1 90  ? -1.202  13.086  -3.346  1.00 24.77 ? 86  LEU A CD1 1 
ATOM   682  C CD2 . LEU A 1 90  ? -0.105  14.987  -4.720  1.00 29.48 ? 86  LEU A CD2 1 
ATOM   683  N N   . ASP A 1 91  ? -5.060  12.457  -5.565  1.00 24.78 ? 87  ASP A N   1 
ATOM   684  C CA  . ASP A 1 91  ? -6.450  12.946  -5.656  1.00 25.40 ? 87  ASP A CA  1 
ATOM   685  C C   . ASP A 1 91  ? -6.702  13.773  -4.391  1.00 23.09 ? 87  ASP A C   1 
ATOM   686  O O   . ASP A 1 91  ? -7.062  13.230  -3.347  1.00 24.06 ? 87  ASP A O   1 
ATOM   687  C CB  . ASP A 1 91  ? -7.452  11.783  -5.732  1.00 36.89 ? 87  ASP A CB  1 
ATOM   688  C CG  . ASP A 1 91  ? -8.934  12.246  -5.601  1.00 47.24 ? 87  ASP A CG  1 
ATOM   689  O OD1 . ASP A 1 91  ? -9.235  13.447  -5.817  1.00 55.60 ? 87  ASP A OD1 1 
ATOM   690  O OD2 . ASP A 1 91  ? -9.803  11.397  -5.280  1.00 55.68 ? 87  ASP A OD2 1 
ATOM   691  N N   A GLY A 1 92  ? -6.514  15.086  -4.547  0.50 20.81 ? 88  GLY A N   1 
ATOM   692  N N   B GLY A 1 92  ? -6.592  15.092  -4.474  0.50 23.11 ? 88  GLY A N   1 
ATOM   693  C CA  A GLY A 1 92  ? -6.391  16.007  -3.430  0.50 20.83 ? 88  GLY A CA  1 
ATOM   694  C CA  B GLY A 1 92  ? -6.974  15.935  -3.335  0.50 24.27 ? 88  GLY A CA  1 
ATOM   695  C C   A GLY A 1 92  ? -5.108  15.731  -2.671  0.50 17.86 ? 88  GLY A C   1 
ATOM   696  C C   B GLY A 1 92  ? -6.485  15.442  -1.978  0.50 23.57 ? 88  GLY A C   1 
ATOM   697  O O   A GLY A 1 92  ? -4.003  15.793  -3.223  0.50 16.12 ? 88  GLY A O   1 
ATOM   698  O O   B GLY A 1 92  ? -7.284  15.141  -1.087  0.50 24.17 ? 88  GLY A O   1 
ATOM   699  N N   A GLY A 1 93  ? -5.253  15.376  -1.402  0.50 18.16 ? 89  GLY A N   1 
ATOM   700  N N   B GLY A 1 93  ? -5.162  15.381  -1.833  0.50 24.12 ? 89  GLY A N   1 
ATOM   701  C CA  A GLY A 1 93  ? -4.104  14.972  -0.619  0.50 19.86 ? 89  GLY A CA  1 
ATOM   702  C CA  B GLY A 1 93  ? -4.505  15.023  -0.569  0.50 24.30 ? 89  GLY A CA  1 
ATOM   703  C C   A GLY A 1 93  ? -4.116  13.468  -0.370  0.50 21.45 ? 89  GLY A C   1 
ATOM   704  C C   B GLY A 1 93  ? -4.203  13.538  -0.382  0.50 23.86 ? 89  GLY A C   1 
ATOM   705  O O   A GLY A 1 93  ? -3.400  13.011  0.513   0.50 23.25 ? 89  GLY A O   1 
ATOM   706  O O   B GLY A 1 93  ? -3.336  13.173  0.412   0.50 23.90 ? 89  GLY A O   1 
ATOM   707  N N   . VAL A 1 94  ? -4.923  12.697  -1.125  1.00 21.14 ? 90  VAL A N   1 
ATOM   708  C CA  . VAL A 1 94  ? -4.858  11.228  -1.029  1.00 18.11 ? 90  VAL A CA  1 
ATOM   709  C C   . VAL A 1 94  ? -4.018  10.600  -2.149  1.00 19.46 ? 90  VAL A C   1 
ATOM   710  O O   . VAL A 1 94  ? -4.177  10.895  -3.307  1.00 19.13 ? 90  VAL A O   1 
ATOM   711  C CB  . VAL A 1 94  ? -6.270  10.610  -1.120  1.00 18.46 ? 90  VAL A CB  1 
ATOM   712  C CG1 . VAL A 1 94  ? -6.233  9.087   -1.030  1.00 18.47 ? 90  VAL A CG1 1 
ATOM   713  C CG2 . VAL A 1 94  ? -7.171  11.189  -0.039  1.00 20.82 ? 90  VAL A CG2 1 
ATOM   714  N N   . LEU A 1 95  ? -3.083  9.733   -1.765  1.00 16.76 ? 91  LEU A N   1 
ATOM   715  C CA  . LEU A 1 95  ? -2.319  8.927   -2.729  1.00 16.10 ? 91  LEU A CA  1 
ATOM   716  C C   . LEU A 1 95  ? -3.154  7.733   -3.184  1.00 13.61 ? 91  LEU A C   1 
ATOM   717  O O   . LEU A 1 95  ? -3.506  6.944   -2.353  1.00 15.54 ? 91  LEU A O   1 
ATOM   718  C CB  . LEU A 1 95  ? -0.961  8.487   -2.128  1.00 17.73 ? 91  LEU A CB  1 
ATOM   719  C CG  . LEU A 1 95  ? 0.118   9.521   -2.116  1.00 18.60 ? 91  LEU A CG  1 
ATOM   720  C CD1 . LEU A 1 95  ? 1.256   9.004   -1.220  1.00 18.09 ? 91  LEU A CD1 1 
ATOM   721  C CD2 . LEU A 1 95  ? 0.579   9.913   -3.511  1.00 18.30 ? 91  LEU A CD2 1 
ATOM   722  N N   . VAL A 1 96  ? -3.483  7.654   -4.466  1.00 14.16 ? 92  VAL A N   1 
ATOM   723  C CA  . VAL A 1 96  ? -4.293  6.575   -4.993  1.00 14.42 ? 92  VAL A CA  1 
ATOM   724  C C   . VAL A 1 96  ? -3.429  5.662   -5.874  1.00 14.78 ? 92  VAL A C   1 
ATOM   725  O O   . VAL A 1 96  ? -2.884  6.102   -6.859  1.00 16.78 ? 92  VAL A O   1 
ATOM   726  C CB  . VAL A 1 96  ? -5.532  7.124   -5.816  1.00 15.33 ? 92  VAL A CB  1 
ATOM   727  C CG1 . VAL A 1 96  ? -6.358  6.017   -6.325  1.00 14.97 ? 92  VAL A CG1 1 
ATOM   728  C CG2 . VAL A 1 96  ? -6.417  8.069   -4.940  1.00 17.54 ? 92  VAL A CG2 1 
ATOM   729  N N   . HIS A 1 97  ? -3.352  4.394   -5.476  1.00 12.76 ? 93  HIS A N   1 
ATOM   730  C CA  . HIS A 1 97  ? -2.461  3.419   -6.120  1.00 15.77 ? 93  HIS A CA  1 
ATOM   731  C C   . HIS A 1 97  ? -3.305  2.299   -6.703  1.00 14.90 ? 93  HIS A C   1 
ATOM   732  O O   . HIS A 1 97  ? -4.022  1.616   -5.965  1.00 14.91 ? 93  HIS A O   1 
ATOM   733  C CB  . HIS A 1 97  ? -1.526  2.935   -5.020  1.00 15.44 ? 93  HIS A CB  1 
ATOM   734  C CG  . HIS A 1 97  ? -0.513  1.887   -5.433  1.00 14.48 ? 93  HIS A CG  1 
ATOM   735  N ND1 . HIS A 1 97  ? 0.375   1.361   -4.525  1.00 19.58 ? 93  HIS A ND1 1 
ATOM   736  C CD2 . HIS A 1 97  ? -0.295  1.227   -6.599  1.00 17.82 ? 93  HIS A CD2 1 
ATOM   737  C CE1 . HIS A 1 97  ? 1.153   0.479   -5.133  1.00 17.23 ? 93  HIS A CE1 1 
ATOM   738  N NE2 . HIS A 1 97  ? 0.772   0.368   -6.385  1.00 18.64 ? 93  HIS A NE2 1 
ATOM   739  N N   . VAL A 1 98  ? -3.331  2.166   -8.030  1.00 15.48 ? 94  VAL A N   1 
ATOM   740  C CA  . VAL A 1 98  ? -4.061  1.075   -8.683  1.00 15.59 ? 94  VAL A CA  1 
ATOM   741  C C   . VAL A 1 98  ? -3.025  0.051   -9.203  1.00 15.28 ? 94  VAL A C   1 
ATOM   742  O O   . VAL A 1 98  ? -2.117  0.419   -9.890  1.00 17.04 ? 94  VAL A O   1 
ATOM   743  C CB  . VAL A 1 98  ? -4.997  1.617   -9.845  1.00 15.95 ? 94  VAL A CB  1 
ATOM   744  C CG1 . VAL A 1 98  ? -5.710  0.461   -10.533 1.00 18.11 ? 94  VAL A CG1 1 
ATOM   745  C CG2 . VAL A 1 98  ? -6.014  2.680   -9.357  1.00 18.80 ? 94  VAL A CG2 1 
ATOM   746  N N   . GLN A 1 99  ? -3.288  -1.219  -8.884  1.00 16.59 ? 95  GLN A N   1 
ATOM   747  C CA  . GLN A 1 99  ? -2.464  -2.353  -9.301  1.00 17.49 ? 95  GLN A CA  1 
ATOM   748  C C   . GLN A 1 99  ? -3.353  -3.187  -10.197 1.00 18.45 ? 95  GLN A C   1 
ATOM   749  O O   . GLN A 1 99  ? -4.433  -3.554  -9.780  1.00 17.57 ? 95  GLN A O   1 
ATOM   750  C CB  . GLN A 1 99  ? -2.021  -3.191  -8.101  1.00 17.80 ? 95  GLN A CB  1 
ATOM   751  C CG  . GLN A 1 99  ? -1.195  -2.467  -7.076  1.00 18.44 ? 95  GLN A CG  1 
ATOM   752  C CD  . GLN A 1 99  ? -0.872  -3.338  -5.845  1.00 15.94 ? 95  GLN A CD  1 
ATOM   753  O OE1 . GLN A 1 99  ? -1.626  -4.222  -5.488  1.00 15.91 ? 95  GLN A OE1 1 
ATOM   754  N NE2 . GLN A 1 99  ? 0.306   -3.097  -5.200  1.00 17.31 ? 95  GLN A NE2 1 
ATOM   755  N N   . LYS A 1 100 ? -2.856  -3.527  -11.385 1.00 16.83 ? 96  LYS A N   1 
ATOM   756  C CA  . LYS A 1 100 ? -3.586  -4.299  -12.378 1.00 18.67 ? 96  LYS A CA  1 
ATOM   757  C C   . LYS A 1 100 ? -2.759  -5.522  -12.767 1.00 18.41 ? 96  LYS A C   1 
ATOM   758  O O   . LYS A 1 100 ? -1.583  -5.386  -13.081 1.00 16.91 ? 96  LYS A O   1 
ATOM   759  C CB  . LYS A 1 100 ? -3.802  -3.465  -13.617 1.00 21.01 ? 96  LYS A CB  1 
ATOM   760  C CG  . LYS A 1 100 ? -4.737  -2.300  -13.441 1.00 24.43 ? 96  LYS A CG  1 
ATOM   761  C CD  . LYS A 1 100 ? -4.970  -1.674  -14.799 1.00 25.63 ? 96  LYS A CD  1 
ATOM   762  C CE  . LYS A 1 100 ? -5.800  -0.396  -14.735 1.00 31.48 ? 96  LYS A CE  1 
ATOM   763  N NZ  . LYS A 1 100 ? -6.841  -0.473  -13.666 1.00 35.01 ? 96  LYS A NZ  1 
ATOM   764  N N   . TRP A 1 101 ? -3.390  -6.690  -12.767 1.00 18.78 ? 97  TRP A N   1 
ATOM   765  C CA  . TRP A 1 101 ? -2.724  -7.891  -13.274 1.00 21.59 ? 97  TRP A CA  1 
ATOM   766  C C   . TRP A 1 101 ? -3.792  -8.892  -13.644 1.00 22.73 ? 97  TRP A C   1 
ATOM   767  O O   . TRP A 1 101 ? -4.845  -8.952  -12.985 1.00 24.89 ? 97  TRP A O   1 
ATOM   768  C CB  . TRP A 1 101 ? -1.749  -8.447  -12.206 1.00 18.22 ? 97  TRP A CB  1 
ATOM   769  C CG  . TRP A 1 101 ? -2.483  -9.099  -11.054 1.00 18.61 ? 97  TRP A CG  1 
ATOM   770  C CD1 . TRP A 1 101 ? -2.597  -10.451 -10.814 1.00 19.41 ? 97  TRP A CD1 1 
ATOM   771  C CD2 . TRP A 1 101 ? -3.302  -8.455  -10.044 1.00 17.98 ? 97  TRP A CD2 1 
ATOM   772  N NE1 . TRP A 1 101 ? -3.398  -10.672 -9.747  1.00 19.05 ? 97  TRP A NE1 1 
ATOM   773  C CE2 . TRP A 1 101 ? -3.825  -9.473  -9.231  1.00 19.15 ? 97  TRP A CE2 1 
ATOM   774  C CE3 . TRP A 1 101 ? -3.592  -7.103  -9.723  1.00 19.22 ? 97  TRP A CE3 1 
ATOM   775  C CZ2 . TRP A 1 101 ? -4.673  -9.200  -8.136  1.00 19.76 ? 97  TRP A CZ2 1 
ATOM   776  C CZ3 . TRP A 1 101 ? -4.429  -6.847  -8.644  1.00 17.96 ? 97  TRP A CZ3 1 
ATOM   777  C CH2 . TRP A 1 101 ? -4.958  -7.886  -7.869  1.00 17.71 ? 97  TRP A CH2 1 
ATOM   778  N N   . ASP A 1 102 ? -3.554  -9.632  -14.740 1.00 23.92 ? 98  ASP A N   1 
ATOM   779  C CA  . ASP A 1 102 ? -4.413  -10.777 -15.114 1.00 25.64 ? 98  ASP A CA  1 
ATOM   780  C C   . ASP A 1 102 ? -5.882  -10.385 -15.210 1.00 25.72 ? 98  ASP A C   1 
ATOM   781  O O   . ASP A 1 102 ? -6.764  -11.153 -14.814 1.00 24.11 ? 98  ASP A O   1 
ATOM   782  C CB  . ASP A 1 102 ? -4.244  -11.934 -14.134 1.00 28.53 ? 98  ASP A CB  1 
ATOM   783  C CG  . ASP A 1 102 ? -2.865  -12.563 -14.201 1.00 33.66 ? 98  ASP A CG  1 
ATOM   784  O OD1 . ASP A 1 102 ? -2.249  -12.569 -15.297 1.00 46.93 ? 98  ASP A OD1 1 
ATOM   785  O OD2 . ASP A 1 102 ? -2.392  -13.056 -13.156 1.00 40.54 ? 98  ASP A OD2 1 
ATOM   786  N N   . GLY A 1 103 ? -6.122  -9.193  -15.738 1.00 25.99 ? 99  GLY A N   1 
ATOM   787  C CA  . GLY A 1 103 ? -7.484  -8.644  -15.860 1.00 25.46 ? 99  GLY A CA  1 
ATOM   788  C C   . GLY A 1 103 ? -8.167  -8.233  -14.547 1.00 31.45 ? 99  GLY A C   1 
ATOM   789  O O   . GLY A 1 103 ? -9.345  -7.878  -14.539 1.00 30.13 ? 99  GLY A O   1 
ATOM   790  N N   . LYS A 1 104 ? -7.420  -8.239  -13.440 1.00 26.69 ? 100 LYS A N   1 
ATOM   791  C CA  . LYS A 1 104 ? -7.932  -7.849  -12.128 1.00 23.20 ? 100 LYS A CA  1 
ATOM   792  C C   . LYS A 1 104 ? -7.349  -6.510  -11.748 1.00 20.36 ? 100 LYS A C   1 
ATOM   793  O O   . LYS A 1 104 ? -6.353  -6.049  -12.322 1.00 19.92 ? 100 LYS A O   1 
ATOM   794  C CB  . LYS A 1 104 ? -7.524  -8.870  -11.066 1.00 25.12 ? 100 LYS A CB  1 
ATOM   795  C CG  . LYS A 1 104 ? -8.046  -10.285 -11.313 1.00 24.81 ? 100 LYS A CG  1 
ATOM   796  C CD  . LYS A 1 104 ? -7.085  -11.297 -10.700 1.00 28.65 ? 100 LYS A CD  1 
ATOM   797  C CE  . LYS A 1 104 ? -7.657  -12.695 -10.632 1.00 34.63 ? 100 LYS A CE  1 
ATOM   798  N NZ  . LYS A 1 104 ? -6.739  -13.534 -9.814  1.00 44.36 ? 100 LYS A NZ  1 
ATOM   799  N N   . SER A 1 105 ? -7.940  -5.916  -10.732 1.00 20.63 ? 101 SER A N   1 
ATOM   800  C CA  . SER A 1 105 ? -7.492  -4.635  -10.234 1.00 19.88 ? 101 SER A CA  1 
ATOM   801  C C   . SER A 1 105 ? -7.781  -4.483  -8.753  1.00 19.98 ? 101 SER A C   1 
ATOM   802  O O   . SER A 1 105 ? -8.791  -4.965  -8.228  1.00 20.42 ? 101 SER A O   1 
ATOM   803  C CB  . SER A 1 105 ? -8.197  -3.505  -11.005 1.00 24.22 ? 101 SER A CB  1 
ATOM   804  O OG  . SER A 1 105 ? -7.722  -2.221  -10.660 1.00 30.05 ? 101 SER A OG  1 
ATOM   805  N N   . THR A 1 106 ? -6.863  -3.822  -8.064  1.00 17.93 ? 102 THR A N   1 
ATOM   806  C CA  . THR A 1 106 ? -7.080  -3.405  -6.681  1.00 17.33 ? 102 THR A CA  1 
ATOM   807  C C   . THR A 1 106 ? -6.618  -1.995  -6.475  1.00 16.55 ? 102 THR A C   1 
ATOM   808  O O   . THR A 1 106 ? -5.752  -1.534  -7.181  1.00 17.20 ? 102 THR A O   1 
ATOM   809  C CB  . THR A 1 106 ? -6.427  -4.368  -5.674  1.00 18.17 ? 102 THR A CB  1 
ATOM   810  O OG1 . THR A 1 106 ? -6.830  -4.020  -4.333  1.00 21.60 ? 102 THR A OG1 1 
ATOM   811  C CG2 . THR A 1 106 ? -4.937  -4.353  -5.817  1.00 19.65 ? 102 THR A CG2 1 
ATOM   812  N N   . THR A 1 107 ? -7.283  -1.293  -5.566  1.00 16.14 ? 103 THR A N   1 
ATOM   813  C CA  . THR A 1 107 ? -6.969  0.081   -5.333  1.00 15.89 ? 103 THR A CA  1 
ATOM   814  C C   . THR A 1 107 ? -6.600  0.302   -3.873  1.00 15.26 ? 103 THR A C   1 
ATOM   815  O O   . THR A 1 107 ? -7.338  -0.059  -2.974  1.00 19.20 ? 103 THR A O   1 
ATOM   816  C CB  . THR A 1 107 ? -8.153  1.067   -5.741  1.00 18.66 ? 103 THR A CB  1 
ATOM   817  O OG1 . THR A 1 107 ? -8.463  0.845   -7.126  1.00 22.68 ? 103 THR A OG1 1 
ATOM   818  C CG2 . THR A 1 107 ? -7.772  2.544   -5.504  1.00 18.60 ? 103 THR A CG2 1 
ATOM   819  N N   . ILE A 1 108 ? -5.478  0.967   -3.691  1.00 16.19 ? 104 ILE A N   1 
ATOM   820  C CA  . ILE A 1 108 ? -4.887  1.269   -2.394  1.00 14.68 ? 104 ILE A CA  1 
ATOM   821  C C   . ILE A 1 108 ? -4.813  2.775   -2.197  1.00 16.17 ? 104 ILE A C   1 
ATOM   822  O O   . ILE A 1 108 ? -4.119  3.464   -2.927  1.00 14.21 ? 104 ILE A O   1 
ATOM   823  C CB  . ILE A 1 108 ? -3.448  0.672   -2.294  1.00 16.15 ? 104 ILE A CB  1 
ATOM   824  C CG1 . ILE A 1 108 ? -3.461  -0.850  -2.568  1.00 17.17 ? 104 ILE A CG1 1 
ATOM   825  C CG2 . ILE A 1 108 ? -2.813  0.905   -0.931  1.00 16.45 ? 104 ILE A CG2 1 
ATOM   826  C CD1 . ILE A 1 108 ? -2.127  -1.373  -3.017  1.00 20.17 ? 104 ILE A CD1 1 
ATOM   827  N N   . LYS A 1 109 ? -5.488  3.272   -1.173  1.00 14.40 ? 105 LYS A N   1 
ATOM   828  C CA  . LYS A 1 109 ? -5.463  4.688   -0.907  1.00 14.23 ? 105 LYS A CA  1 
ATOM   829  C C   . LYS A 1 109 ? -4.738  4.950   0.409   1.00 13.46 ? 105 LYS A C   1 
ATOM   830  O O   . LYS A 1 109 ? -5.070  4.301   1.388   1.00 15.31 ? 105 LYS A O   1 
ATOM   831  C CB  . LYS A 1 109 ? -6.905  5.184   -0.872  1.00 15.98 ? 105 LYS A CB  1 
ATOM   832  C CG  . LYS A 1 109 ? -7.548  5.187   -2.233  1.00 19.49 ? 105 LYS A CG  1 
ATOM   833  C CD  . LYS A 1 109 ? -8.981  5.766   -2.196  1.00 22.96 ? 105 LYS A CD  1 
ATOM   834  C CE  . LYS A 1 109 ? -9.646  5.522   -3.525  1.00 25.29 ? 105 LYS A CE  1 
ATOM   835  N NZ  . LYS A 1 109 ? -11.045 6.093   -3.537  1.00 32.55 ? 105 LYS A NZ  1 
ATOM   836  N N   . ARG A 1 110 ? -3.811  5.888   0.365   1.00 13.97 ? 106 ARG A N   1 
ATOM   837  C CA  . ARG A 1 110 ? -3.095  6.323   1.547   1.00 14.59 ? 106 ARG A CA  1 
ATOM   838  C C   . ARG A 1 110 ? -3.533  7.727   1.882   1.00 16.24 ? 106 ARG A C   1 
ATOM   839  O O   . ARG A 1 110 ? -3.420  8.631   1.048   1.00 15.54 ? 106 ARG A O   1 
ATOM   840  C CB  . ARG A 1 110 ? -1.584  6.278   1.304   1.00 15.80 ? 106 ARG A CB  1 
ATOM   841  C CG  . ARG A 1 110 ? -1.040  4.844   1.105   1.00 18.91 ? 106 ARG A CG  1 
ATOM   842  C CD  . ARG A 1 110 ? 0.413   4.906   0.717   1.00 21.09 ? 106 ARG A CD  1 
ATOM   843  N NE  . ARG A 1 110 ? 1.137   3.624   0.600   1.00 20.43 ? 106 ARG A NE  1 
ATOM   844  C CZ  . ARG A 1 110 ? 1.143   2.809   -0.448  1.00 22.76 ? 106 ARG A CZ  1 
ATOM   845  N NH1 . ARG A 1 110 ? 0.473   3.036   -1.539  1.00 20.93 ? 106 ARG A NH1 1 
ATOM   846  N NH2 . ARG A 1 110 ? 1.906   1.710   -0.444  1.00 26.81 ? 106 ARG A NH2 1 
ATOM   847  N N   . LYS A 1 111 ? -4.011  7.913   3.103   1.00 18.18 ? 107 LYS A N   1 
ATOM   848  C CA  . LYS A 1 111 ? -4.435  9.246   3.544   1.00 17.73 ? 107 LYS A CA  1 
ATOM   849  C C   . LYS A 1 111 ? -3.977  9.578   4.947   1.00 15.91 ? 107 LYS A C   1 
ATOM   850  O O   . LYS A 1 111 ? -3.828  8.693   5.777   1.00 19.29 ? 107 LYS A O   1 
ATOM   851  C CB  . LYS A 1 111 ? -5.933  9.432   3.371   1.00 25.88 ? 107 LYS A CB  1 
ATOM   852  C CG  . LYS A 1 111 ? -6.790  8.545   4.175   1.00 31.05 ? 107 LYS A CG  1 
ATOM   853  C CD  . LYS A 1 111 ? -8.257  8.637   3.635   1.00 43.11 ? 107 LYS A CD  1 
ATOM   854  C CE  . LYS A 1 111 ? -8.362  8.286   2.094   1.00 47.38 ? 107 LYS A CE  1 
ATOM   855  N NZ  . LYS A 1 111 ? -9.624  7.563   1.640   1.00 50.34 ? 107 LYS A NZ  1 
ATOM   856  N N   . ARG A 1 112 ? -3.698  10.858  5.176   1.00 17.32 ? 108 ARG A N   1 
ATOM   857  C CA  . ARG A 1 112 ? -3.411  11.329  6.500   1.00 18.10 ? 108 ARG A CA  1 
ATOM   858  C C   . ARG A 1 112 ? -4.694  11.627  7.224   1.00 17.24 ? 108 ARG A C   1 
ATOM   859  O O   . ARG A 1 112 ? -5.580  12.372  6.711   1.00 21.89 ? 108 ARG A O   1 
ATOM   860  C CB  . ARG A 1 112 ? -2.528  12.549  6.417   1.00 20.15 ? 108 ARG A CB  1 
ATOM   861  C CG  . ARG A 1 112 ? -1.078  12.261  6.090   1.00 22.61 ? 108 ARG A CG  1 
ATOM   862  C CD  . ARG A 1 112 ? -0.345  11.508  7.218   1.00 21.95 ? 108 ARG A CD  1 
ATOM   863  N NE  . ARG A 1 112 ? -0.631  12.085  8.535   1.00 20.57 ? 108 ARG A NE  1 
ATOM   864  C CZ  . ARG A 1 112 ? 0.027   13.080  9.092   1.00 20.58 ? 108 ARG A CZ  1 
ATOM   865  N NH1 . ARG A 1 112 ? 1.081   13.575  8.503   1.00 20.81 ? 108 ARG A NH1 1 
ATOM   866  N NH2 . ARG A 1 112 ? -0.332  13.537  10.271  1.00 21.87 ? 108 ARG A NH2 1 
ATOM   867  N N   . GLU A 1 113 ? -4.813  11.061  8.431   1.00 17.54 ? 109 GLU A N   1 
ATOM   868  C CA  . GLU A 1 113 ? -5.952  11.296  9.330   1.00 18.18 ? 109 GLU A CA  1 
ATOM   869  C C   . GLU A 1 113 ? -5.414  11.440  10.719  1.00 19.63 ? 109 GLU A C   1 
ATOM   870  O O   . GLU A 1 113 ? -4.845  10.509  11.286  1.00 19.33 ? 109 GLU A O   1 
ATOM   871  C CB  . GLU A 1 113 ? -6.965  10.165  9.284   1.00 23.69 ? 109 GLU A CB  1 
ATOM   872  C CG  . GLU A 1 113 ? -7.767  10.162  7.990   1.00 32.58 ? 109 GLU A CG  1 
ATOM   873  C CD  . GLU A 1 113 ? -8.783  9.006   7.872   1.00 42.83 ? 109 GLU A CD  1 
ATOM   874  O OE1 . GLU A 1 113 ? -9.208  8.449   8.922   1.00 43.10 ? 109 GLU A OE1 1 
ATOM   875  O OE2 . GLU A 1 113 ? -9.149  8.674   6.711   1.00 52.99 ? 109 GLU A OE2 1 
ATOM   876  N N   . ASP A 1 114 ? -5.546  12.637  11.261  1.00 17.02 ? 110 ASP A N   1 
ATOM   877  C CA  . ASP A 1 114 ? -4.901  13.006  12.499  1.00 17.88 ? 110 ASP A CA  1 
ATOM   878  C C   . ASP A 1 114 ? -3.413  12.666  12.380  1.00 15.36 ? 110 ASP A C   1 
ATOM   879  O O   . ASP A 1 114 ? -2.795  13.094  11.414  1.00 16.86 ? 110 ASP A O   1 
ATOM   880  C CB  . ASP A 1 114 ? -5.599  12.370  13.708  1.00 17.33 ? 110 ASP A CB  1 
ATOM   881  C CG  . ASP A 1 114 ? -7.075  12.783  13.809  1.00 22.39 ? 110 ASP A CG  1 
ATOM   882  O OD1 . ASP A 1 114 ? -7.448  13.910  13.416  1.00 27.52 ? 110 ASP A OD1 1 
ATOM   883  O OD2 . ASP A 1 114 ? -7.870  11.967  14.292  1.00 31.10 ? 110 ASP A OD2 1 
ATOM   884  N N   . ASP A 1 115 ? -2.814  11.968  13.357  1.00 18.15 ? 111 ASP A N   1 
ATOM   885  C CA  . ASP A 1 115 ? -1.381  11.654  13.345  1.00 20.04 ? 111 ASP A CA  1 
ATOM   886  C C   . ASP A 1 115 ? -1.120  10.338  12.625  1.00 18.94 ? 111 ASP A C   1 
ATOM   887  O O   . ASP A 1 115 ? 0.034   9.825   12.642  1.00 23.26 ? 111 ASP A O   1 
ATOM   888  C CB  . ASP A 1 115 ? -0.847  11.599  14.789  1.00 22.61 ? 111 ASP A CB  1 
ATOM   889  C CG  . ASP A 1 115 ? -0.687  12.997  15.414  1.00 23.81 ? 111 ASP A CG  1 
ATOM   890  O OD1 . ASP A 1 115 ? -0.429  13.986  14.682  1.00 26.91 ? 111 ASP A OD1 1 
ATOM   891  O OD2 . ASP A 1 115 ? -0.871  13.121  16.661  1.00 24.09 ? 111 ASP A OD2 1 
ATOM   892  N N   . LYS A 1 116 ? -2.162  9.785   12.005  1.00 17.02 ? 112 LYS A N   1 
ATOM   893  C CA  . LYS A 1 116 ? -2.043  8.493   11.345  1.00 17.69 ? 112 LYS A CA  1 
ATOM   894  C C   . LYS A 1 116 ? -1.936  8.603   9.829   1.00 16.75 ? 112 LYS A C   1 
ATOM   895  O O   . LYS A 1 116 ? -2.276  9.611   9.228   1.00 15.44 ? 112 LYS A O   1 
ATOM   896  C CB  . LYS A 1 116 ? -3.198  7.584   11.738  1.00 21.14 ? 112 LYS A CB  1 
ATOM   897  C CG  . LYS A 1 116 ? -3.386  7.359   13.220  1.00 24.38 ? 112 LYS A CG  1 
ATOM   898  C CD  . LYS A 1 116 ? -4.840  6.976   13.586  1.00 30.45 ? 112 LYS A CD  1 
ATOM   899  C CE  . LYS A 1 116 ? -4.933  6.513   15.073  1.00 34.08 ? 112 LYS A CE  1 
ATOM   900  N NZ  . LYS A 1 116 ? -3.691  6.916   15.854  1.00 36.44 ? 112 LYS A NZ  1 
ATOM   901  N N   . LEU A 1 117 ? -1.389  7.556   9.230   1.00 17.51 ? 113 LEU A N   1 
ATOM   902  C CA  . LEU A 1 117 ? -1.450  7.304   7.821   1.00 15.56 ? 113 LEU A CA  1 
ATOM   903  C C   . LEU A 1 117 ? -2.374  6.072   7.693   1.00 15.68 ? 113 LEU A C   1 
ATOM   904  O O   . LEU A 1 117 ? -2.045  4.948   8.137   1.00 17.20 ? 113 LEU A O   1 
ATOM   905  C CB  . LEU A 1 117 ? -0.017  7.130   7.238   1.00 17.50 ? 113 LEU A CB  1 
ATOM   906  C CG  . LEU A 1 117 ? 0.207   7.026   5.714   1.00 18.48 ? 113 LEU A CG  1 
ATOM   907  C CD1 . LEU A 1 117 ? 1.738   7.221   5.400   1.00 20.10 ? 113 LEU A CD1 1 
ATOM   908  C CD2 . LEU A 1 117 ? -0.325  5.754   5.126   1.00 20.05 ? 113 LEU A CD2 1 
ATOM   909  N N   . VAL A 1 118 ? -3.571  6.275   7.110   1.00 14.81 ? 114 VAL A N   1 
ATOM   910  C CA  . VAL A 1 118 ? -4.590  5.234   6.982   1.00 16.00 ? 114 VAL A CA  1 
ATOM   911  C C   . VAL A 1 118 ? -4.577  4.721   5.548   1.00 15.30 ? 114 VAL A C   1 
ATOM   912  O O   . VAL A 1 118 ? -4.594  5.520   4.612   1.00 16.84 ? 114 VAL A O   1 
ATOM   913  C CB  . VAL A 1 118 ? -5.967  5.773   7.353   1.00 18.41 ? 114 VAL A CB  1 
ATOM   914  C CG1 . VAL A 1 118 ? -7.081  4.697   7.209   1.00 20.59 ? 114 VAL A CG1 1 
ATOM   915  C CG2 . VAL A 1 118 ? -5.888  6.357   8.763   1.00 18.27 ? 114 VAL A CG2 1 
ATOM   916  N N   . VAL A 1 119 ? -4.423  3.386   5.417   1.00 14.50 ? 115 VAL A N   1 
ATOM   917  C CA  . VAL A 1 119 ? -4.403  2.735   4.123   1.00 15.04 ? 115 VAL A CA  1 
ATOM   918  C C   . VAL A 1 119 ? -5.683  1.939   3.924   1.00 16.70 ? 115 VAL A C   1 
ATOM   919  O O   . VAL A 1 119 ? -5.995  1.057   4.695   1.00 20.99 ? 115 VAL A O   1 
ATOM   920  C CB  . VAL A 1 119 ? -3.132  1.867   3.904   1.00 15.98 ? 115 VAL A CB  1 
ATOM   921  C CG1 . VAL A 1 119 ? -3.019  1.484   2.449   1.00 17.22 ? 115 VAL A CG1 1 
ATOM   922  C CG2 . VAL A 1 119 ? -1.893  2.594   4.346   1.00 17.02 ? 115 VAL A CG2 1 
ATOM   923  N N   . GLU A 1 120 ? -6.453  2.300   2.899   1.00 16.39 ? 116 GLU A N   1 
ATOM   924  C CA  . GLU A 1 120 ? -7.632  1.526   2.565   1.00 17.82 ? 116 GLU A CA  1 
ATOM   925  C C   . GLU A 1 120 ? -7.292  0.749   1.301   1.00 14.69 ? 116 GLU A C   1 
ATOM   926  O O   . GLU A 1 120 ? -6.949  1.346   0.285   1.00 16.65 ? 116 GLU A O   1 
ATOM   927  C CB  . GLU A 1 120 ? -8.807  2.472   2.245   1.00 19.62 ? 116 GLU A CB  1 
ATOM   928  C CG  . GLU A 1 120 ? -10.127 1.768   1.805   1.00 27.66 ? 116 GLU A CG  1 
ATOM   929  C CD  . GLU A 1 120 ? -11.153 2.671   1.072   1.00 35.96 ? 116 GLU A CD  1 
ATOM   930  O OE1 . GLU A 1 120 ? -10.785 3.402   0.103   1.00 34.64 ? 116 GLU A OE1 1 
ATOM   931  O OE2 . GLU A 1 120 ? -12.362 2.580   1.439   1.00 38.30 ? 116 GLU A OE2 1 
ATOM   932  N N   . CYS A 1 121 ? -7.531  -0.552  1.345   1.00 16.08 ? 117 CYS A N   1 
ATOM   933  C CA  . CYS A 1 121 ? -7.246  -1.476  0.231   1.00 17.03 ? 117 CYS A CA  1 
ATOM   934  C C   . CYS A 1 121 ? -8.533  -2.123  -0.165  1.00 17.90 ? 117 CYS A C   1 
ATOM   935  O O   . CYS A 1 121 ? -9.188  -2.706  0.701   1.00 17.53 ? 117 CYS A O   1 
ATOM   936  C CB  . CYS A 1 121 ? -6.244  -2.566  0.679   1.00 18.24 ? 117 CYS A CB  1 
ATOM   937  S SG  . CYS A 1 121 ? -4.671  -1.931  1.455   1.00 21.45 ? 117 CYS A SG  1 
ATOM   938  N N   . VAL A 1 122 ? -8.820  -2.106  -1.454  1.00 19.49 ? 118 VAL A N   1 
ATOM   939  C CA  . VAL A 1 122 ? -10.148 -2.458  -1.979  1.00 19.81 ? 118 VAL A CA  1 
ATOM   940  C C   . VAL A 1 122 ? -9.988  -3.312  -3.221  1.00 18.08 ? 118 VAL A C   1 
ATOM   941  O O   . VAL A 1 122 ? -9.317  -2.921  -4.172  1.00 21.57 ? 118 VAL A O   1 
ATOM   942  C CB  . VAL A 1 122 ? -11.017 -1.214  -2.309  1.00 21.95 ? 118 VAL A CB  1 
ATOM   943  C CG1 . VAL A 1 122 ? -12.367 -1.687  -2.872  1.00 23.71 ? 118 VAL A CG1 1 
ATOM   944  C CG2 . VAL A 1 122 ? -11.233 -0.336  -1.098  1.00 22.46 ? 118 VAL A CG2 1 
ATOM   945  N N   . MET A 1 123 ? -10.560 -4.495  -3.199  1.00 19.37 ? 119 MET A N   1 
ATOM   946  C CA  . MET A 1 123 ? -10.637 -5.244  -4.416  1.00 18.32 ? 119 MET A CA  1 
ATOM   947  C C   . MET A 1 123 ? -11.985 -5.921  -4.473  1.00 21.44 ? 119 MET A C   1 
ATOM   948  O O   . MET A 1 123 ? -12.340 -6.617  -3.544  1.00 21.29 ? 119 MET A O   1 
ATOM   949  C CB  . MET A 1 123 ? -9.561  -6.315  -4.482  1.00 19.97 ? 119 MET A CB  1 
ATOM   950  C CG  . MET A 1 123 ? -9.600  -7.092  -5.809  1.00 19.97 ? 119 MET A CG  1 
ATOM   951  S SD  . MET A 1 123 ? -8.298  -8.281  -5.862  1.00 26.74 ? 119 MET A SD  1 
ATOM   952  C CE  . MET A 1 123 ? -8.925  -9.196  -7.275  1.00 22.48 ? 119 MET A CE  1 
ATOM   953  N N   A LYS A 1 124 ? -12.693 -5.743  -5.581  0.50 24.57 ? 120 LYS A N   1 
ATOM   954  N N   B LYS A 1 124 ? -12.690 -5.702  -5.578  0.50 23.83 ? 120 LYS A N   1 
ATOM   955  C CA  A LYS A 1 124 ? -14.070 -6.215  -5.693  0.50 24.22 ? 120 LYS A CA  1 
ATOM   956  C CA  B LYS A 1 124 ? -13.989 -6.323  -5.835  0.50 23.33 ? 120 LYS A CA  1 
ATOM   957  C C   A LYS A 1 124 ? -14.887 -5.628  -4.535  0.50 24.23 ? 120 LYS A C   1 
ATOM   958  C C   B LYS A 1 124 ? -14.899 -6.271  -4.613  0.50 22.13 ? 120 LYS A C   1 
ATOM   959  O O   A LYS A 1 124 ? -14.810 -4.433  -4.279  0.50 22.39 ? 120 LYS A O   1 
ATOM   960  O O   B LYS A 1 124 ? -15.449 -7.292  -4.187  0.50 18.15 ? 120 LYS A O   1 
ATOM   961  C CB  A LYS A 1 124 ? -14.111 -7.758  -5.785  0.50 25.51 ? 120 LYS A CB  1 
ATOM   962  C CB  B LYS A 1 124 ? -13.790 -7.761  -6.347  0.50 24.45 ? 120 LYS A CB  1 
ATOM   963  C CG  A LYS A 1 124 ? -13.515 -8.271  -7.101  0.50 26.20 ? 120 LYS A CG  1 
ATOM   964  C CG  B LYS A 1 124 ? -13.185 -7.805  -7.758  0.50 25.91 ? 120 LYS A CG  1 
ATOM   965  C CD  A LYS A 1 124 ? -13.793 -9.751  -7.334  0.50 25.84 ? 120 LYS A CD  1 
ATOM   966  C CD  B LYS A 1 124 ? -12.970 -9.233  -8.282  0.50 31.84 ? 120 LYS A CD  1 
ATOM   967  C CE  A LYS A 1 124 ? -12.903 -10.321 -8.444  0.50 28.76 ? 120 LYS A CE  1 
ATOM   968  C CE  B LYS A 1 124 ? -12.305 -9.253  -9.682  0.50 33.27 ? 120 LYS A CE  1 
ATOM   969  N NZ  A LYS A 1 124 ? -13.167 -11.751 -8.738  0.50 27.57 ? 120 LYS A NZ  1 
ATOM   970  N NZ  B LYS A 1 124 ? -12.394 -10.545 -10.427 0.50 35.96 ? 120 LYS A NZ  1 
ATOM   971  N N   A GLY A 1 125 ? -15.659 -6.444  -3.824  0.50 22.27 ? 121 GLY A N   1 
ATOM   972  N N   B GLY A 1 125 ? -15.026 -5.079  -4.027  0.50 20.49 ? 121 GLY A N   1 
ATOM   973  C CA  A GLY A 1 125 ? -16.442 -5.940  -2.700  0.50 25.16 ? 121 GLY A CA  1 
ATOM   974  C CA  B GLY A 1 125 ? -15.895 -4.895  -2.879  0.50 26.37 ? 121 GLY A CA  1 
ATOM   975  C C   A GLY A 1 125 ? -15.651 -5.829  -1.407  0.50 24.76 ? 121 GLY A C   1 
ATOM   976  C C   B GLY A 1 125 ? -15.238 -5.143  -1.540  0.50 23.82 ? 121 GLY A C   1 
ATOM   977  O O   A GLY A 1 125 ? -16.211 -5.478  -0.355  0.50 28.89 ? 121 GLY A O   1 
ATOM   978  O O   B GLY A 1 125 ? -15.503 -4.391  -0.594  0.50 30.17 ? 121 GLY A O   1 
ATOM   979  N N   . VAL A 1 126 ? -14.350 -6.158  -1.464  1.00 24.60 ? 122 VAL A N   1 
ATOM   980  C CA  . VAL A 1 126 ? -13.622 -6.462  -0.232  1.00 23.50 ? 122 VAL A CA  1 
ATOM   981  C C   . VAL A 1 126 ? -12.682 -5.318  0.164   1.00 22.74 ? 122 VAL A C   1 
ATOM   982  O O   . VAL A 1 126 ? -11.784 -4.958  -0.594  1.00 24.83 ? 122 VAL A O   1 
ATOM   983  C CB  . VAL A 1 126 ? -12.859 -7.782  -0.402  1.00 22.73 ? 122 VAL A CB  1 
ATOM   984  C CG1 . VAL A 1 126 ? -12.123 -8.164  0.891   1.00 21.71 ? 122 VAL A CG1 1 
ATOM   985  C CG2 . VAL A 1 126 ? -13.821 -8.871  -0.783  1.00 23.03 ? 122 VAL A CG2 1 
ATOM   986  N N   . THR A 1 127 ? -12.892 -4.775  1.356   1.00 23.79 ? 123 THR A N   1 
ATOM   987  C CA  . THR A 1 127 ? -12.136 -3.640  1.862   1.00 23.71 ? 123 THR A CA  1 
ATOM   988  C C   . THR A 1 127 ? -11.409 -4.000  3.160   1.00 22.74 ? 123 THR A C   1 
ATOM   989  O O   . THR A 1 127 ? -12.001 -4.618  4.055   1.00 22.83 ? 123 THR A O   1 
ATOM   990  C CB  . THR A 1 127 ? -13.063 -2.462  2.183   1.00 27.16 ? 123 THR A CB  1 
ATOM   991  O OG1 . THR A 1 127 ? -13.769 -2.109  0.992   1.00 27.92 ? 123 THR A OG1 1 
ATOM   992  C CG2 . THR A 1 127 ? -12.282 -1.275  2.691   1.00 26.03 ? 123 THR A CG2 1 
ATOM   993  N N   . SER A 1 128 ? -10.136 -3.622  3.234   1.00 20.14 ? 124 SER A N   1 
ATOM   994  C CA  . SER A 1 128 ? -9.307  -3.725  4.438   1.00 18.60 ? 124 SER A CA  1 
ATOM   995  C C   . SER A 1 128 ? -8.647  -2.404  4.721   1.00 17.04 ? 124 SER A C   1 
ATOM   996  O O   . SER A 1 128 ? -8.319  -1.658  3.808   1.00 18.87 ? 124 SER A O   1 
ATOM   997  C CB  . SER A 1 128 ? -8.211  -4.777  4.270   1.00 19.49 ? 124 SER A CB  1 
ATOM   998  O OG  . SER A 1 128 ? -7.246  -4.771  5.325   1.00 19.63 ? 124 SER A OG  1 
ATOM   999  N N   . THR A 1 129 ? -8.536  -2.070  5.991   1.00 15.85 ? 125 THR A N   1 
ATOM   1000 C CA  . THR A 1 129 ? -7.882  -0.867  6.460   1.00 16.23 ? 125 THR A CA  1 
ATOM   1001 C C   . THR A 1 129 ? -6.626  -1.246  7.273   1.00 16.05 ? 125 THR A C   1 
ATOM   1002 O O   . THR A 1 129 ? -6.699  -2.020  8.227   1.00 18.16 ? 125 THR A O   1 
ATOM   1003 C CB  . THR A 1 129 ? -8.850  -0.006  7.314   1.00 17.95 ? 125 THR A CB  1 
ATOM   1004 O OG1 . THR A 1 129 ? -9.968  0.320   6.479   1.00 20.64 ? 125 THR A OG1 1 
ATOM   1005 C CG2 . THR A 1 129 ? -8.237  1.270   7.739   1.00 17.26 ? 125 THR A CG2 1 
ATOM   1006 N N   . ARG A 1 130 ? -5.516  -0.568  6.969   1.00 15.89 ? 126 ARG A N   1 
ATOM   1007 C CA  . ARG A 1 130 ? -4.235  -0.802  7.615   1.00 15.60 ? 126 ARG A CA  1 
ATOM   1008 C C   . ARG A 1 130 ? -3.828  0.567   8.133   1.00 13.47 ? 126 ARG A C   1 
ATOM   1009 O O   . ARG A 1 130 ? -3.577  1.465   7.338   1.00 17.04 ? 126 ARG A O   1 
ATOM   1010 C CB  . ARG A 1 130 ? -3.241  -1.368  6.585   1.00 14.51 ? 126 ARG A CB  1 
ATOM   1011 C CG  . ARG A 1 130 ? -3.604  -2.718  6.081   1.00 15.65 ? 126 ARG A CG  1 
ATOM   1012 C CD  . ARG A 1 130 ? -3.220  -3.859  6.909   1.00 16.20 ? 126 ARG A CD  1 
ATOM   1013 N NE  . ARG A 1 130 ? -1.859  -4.301  6.595   1.00 15.88 ? 126 ARG A NE  1 
ATOM   1014 C CZ  . ARG A 1 130 ? -1.276  -5.388  7.076   1.00 15.73 ? 126 ARG A CZ  1 
ATOM   1015 N NH1 . ARG A 1 130 ? -1.879  -6.114  7.995   1.00 17.19 ? 126 ARG A NH1 1 
ATOM   1016 N NH2 . ARG A 1 130 ? -0.034  -5.708  6.679   1.00 16.95 ? 126 ARG A NH2 1 
ATOM   1017 N N   . VAL A 1 131 ? -3.797  0.746   9.456   1.00 14.30 ? 127 VAL A N   1 
ATOM   1018 C CA  . VAL A 1 131 ? -3.471  2.040   10.073  1.00 15.02 ? 127 VAL A CA  1 
ATOM   1019 C C   . VAL A 1 131 ? -1.999  2.046   10.525  1.00 13.53 ? 127 VAL A C   1 
ATOM   1020 O O   . VAL A 1 131 ? -1.547  1.093   11.198  1.00 15.69 ? 127 VAL A O   1 
ATOM   1021 C CB  . VAL A 1 131 ? -4.370  2.344   11.243  1.00 16.94 ? 127 VAL A CB  1 
ATOM   1022 C CG1 . VAL A 1 131 ? -4.009  3.662   11.947  1.00 19.98 ? 127 VAL A CG1 1 
ATOM   1023 C CG2 . VAL A 1 131 ? -5.865  2.284   10.812  1.00 16.90 ? 127 VAL A CG2 1 
ATOM   1024 N N   . TYR A 1 132 ? -1.280  3.105   10.133  1.00 14.22 ? 128 TYR A N   1 
ATOM   1025 C CA  . TYR A 1 132 ? 0.132   3.274   10.478  1.00 14.25 ? 128 TYR A CA  1 
ATOM   1026 C C   . TYR A 1 132 ? 0.300   4.529   11.302  1.00 15.59 ? 128 TYR A C   1 
ATOM   1027 O O   . TYR A 1 132 ? -0.485  5.500   11.153  1.00 17.55 ? 128 TYR A O   1 
ATOM   1028 C CB  . TYR A 1 132 ? 0.943   3.430   9.167   1.00 14.09 ? 128 TYR A CB  1 
ATOM   1029 C CG  . TYR A 1 132 ? 1.074   2.181   8.364   1.00 13.52 ? 128 TYR A CG  1 
ATOM   1030 C CD1 . TYR A 1 132 ? 0.062   1.717   7.571   1.00 12.53 ? 128 TYR A CD1 1 
ATOM   1031 C CD2 . TYR A 1 132 ? 2.300   1.457   8.390   1.00 13.63 ? 128 TYR A CD2 1 
ATOM   1032 C CE1 . TYR A 1 132 ? 0.177   0.604   6.817   1.00 13.71 ? 128 TYR A CE1 1 
ATOM   1033 C CE2 . TYR A 1 132 ? 2.458   0.343   7.647   1.00 15.31 ? 128 TYR A CE2 1 
ATOM   1034 C CZ  . TYR A 1 132 ? 1.392   -0.137  6.888   1.00 14.05 ? 128 TYR A CZ  1 
ATOM   1035 O OH  . TYR A 1 132 ? 1.606   -1.315  6.195   1.00 15.97 ? 128 TYR A OH  1 
ATOM   1036 N N   . GLU A 1 133 ? 1.321   4.534   12.137  1.00 16.16 ? 129 GLU A N   1 
ATOM   1037 C CA  A GLU A 1 133 ? 1.637   5.705   12.932  0.50 17.48 ? 129 GLU A CA  1 
ATOM   1038 C CA  B GLU A 1 133 ? 1.635   5.711   12.919  0.50 17.35 ? 129 GLU A CA  1 
ATOM   1039 C C   . GLU A 1 133 ? 3.132   5.961   12.765  1.00 19.05 ? 129 GLU A C   1 
ATOM   1040 O O   . GLU A 1 133 ? 3.869   5.094   12.314  1.00 16.38 ? 129 GLU A O   1 
ATOM   1041 C CB  A GLU A 1 133 ? 1.198   5.503   14.383  0.50 20.99 ? 129 GLU A CB  1 
ATOM   1042 C CB  B GLU A 1 133 ? 1.226   5.501   14.363  0.50 20.64 ? 129 GLU A CB  1 
ATOM   1043 C CG  A GLU A 1 133 ? -0.306  5.744   14.577  0.50 22.40 ? 129 GLU A CG  1 
ATOM   1044 C CG  B GLU A 1 133 ? 2.196   4.671   15.140  0.50 21.66 ? 129 GLU A CG  1 
ATOM   1045 C CD  A GLU A 1 133 ? -0.780  5.631   16.008  0.50 25.86 ? 129 GLU A CD  1 
ATOM   1046 C CD  B GLU A 1 133 ? 1.652   4.251   16.515  0.50 24.27 ? 129 GLU A CD  1 
ATOM   1047 O OE1 A GLU A 1 133 ? 0.050   5.646   16.934  0.50 21.81 ? 129 GLU A OE1 1 
ATOM   1048 O OE1 B GLU A 1 133 ? 0.505   4.618   16.858  0.50 29.29 ? 129 GLU A OE1 1 
ATOM   1049 O OE2 A GLU A 1 133 ? -2.004  5.537   16.208  0.50 25.22 ? 129 GLU A OE2 1 
ATOM   1050 O OE2 B GLU A 1 133 ? 2.372   3.535   17.236  0.50 26.67 ? 129 GLU A OE2 1 
ATOM   1051 N N   . ARG A 1 134 ? 3.583   7.164   13.083  1.00 17.32 ? 130 ARG A N   1 
ATOM   1052 C CA  . ARG A 1 134 ? 5.005   7.506   12.964  1.00 16.71 ? 130 ARG A CA  1 
ATOM   1053 C C   . ARG A 1 134 ? 5.896   6.680   13.853  1.00 19.91 ? 130 ARG A C   1 
ATOM   1054 O O   . ARG A 1 134 ? 5.546   6.418   15.001  1.00 22.38 ? 130 ARG A O   1 
ATOM   1055 C CB  . ARG A 1 134 ? 5.244   8.969   13.310  1.00 20.42 ? 130 ARG A CB  1 
ATOM   1056 C CG  . ARG A 1 134 ? 4.741   9.918   12.189  1.00 23.59 ? 130 ARG A CG  1 
ATOM   1057 C CD  . ARG A 1 134 ? 5.427   11.259  12.153  1.00 25.56 ? 130 ARG A CD  1 
ATOM   1058 N NE  . ARG A 1 134 ? 4.763   12.146  11.196  1.00 25.32 ? 130 ARG A NE  1 
ATOM   1059 C CZ  . ARG A 1 134 ? 5.060   12.241  9.897   1.00 24.25 ? 130 ARG A CZ  1 
ATOM   1060 N NH1 . ARG A 1 134 ? 6.009   11.512  9.327   1.00 26.44 ? 130 ARG A NH1 1 
ATOM   1061 N NH2 . ARG A 1 134 ? 4.373   13.089  9.149   1.00 26.41 ? 130 ARG A NH2 1 
ATOM   1062 N N   . ALA A 1 135 ? 7.024   6.252   13.298  1.00 22.88 ? 131 ALA A N   1 
ATOM   1063 C CA  . ALA A 1 135 ? 8.065   5.543   14.049  1.00 26.96 ? 131 ALA A CA  1 
ATOM   1064 C C   . ALA A 1 135 ? 8.748   6.526   14.994  1.00 38.23 ? 131 ALA A C   1 
ATOM   1065 O O   . ALA A 1 135 ? 8.993   7.679   14.641  1.00 47.04 ? 131 ALA A O   1 
ATOM   1066 C CB  . ALA A 1 135 ? 9.083   4.912   13.086  1.00 27.27 ? 131 ALA A CB  1 
ATOM   1067 O OXT . ALA A 1 135 ? 9.048   6.199   16.151  1.00 53.86 ? 131 ALA A OXT 1 
HETATM 1068 S S   . SO4 B 2 .   ? -6.860  -8.864  9.877   1.00 80.00 ? 201 SO4 A S   1 
HETATM 1069 O O1  . SO4 B 2 .   ? -7.122  -8.902  11.340  1.00 80.00 ? 201 SO4 A O1  1 
HETATM 1070 O O2  . SO4 B 2 .   ? -7.055  -7.462  9.438   1.00 53.50 ? 201 SO4 A O2  1 
HETATM 1071 O O3  . SO4 B 2 .   ? -5.450  -9.258  9.622   1.00 79.55 ? 201 SO4 A O3  1 
HETATM 1072 O O4  . SO4 B 2 .   ? -7.758  -9.816  9.153   1.00 63.43 ? 201 SO4 A O4  1 
HETATM 1073 S S1  . W9W C 3 .   ? -0.866  -7.349  -0.173  1.00 18.53 ? 202 W9W A S1  1 
HETATM 1074 C C2  . W9W C 3 .   ? 0.101   -6.806  1.122   1.00 18.25 ? 202 W9W A C2  1 
HETATM 1075 C C3  . W9W C 3 .   ? 0.676   -7.886  1.819   1.00 15.98 ? 202 W9W A C3  1 
HETATM 1076 C C4  . W9W C 3 .   ? 0.184   -9.146  1.296   1.00 16.55 ? 202 W9W A C4  1 
HETATM 1077 C C5  . W9W C 3 .   ? -0.690  -8.957  0.208   1.00 17.23 ? 202 W9W A C5  1 
HETATM 1078 C C6  . W9W C 3 .   ? 1.584   -7.787  2.951   1.00 15.14 ? 202 W9W A C6  1 
HETATM 1079 C C7  . W9W C 3 .   ? 1.405   -8.575  4.060   1.00 16.04 ? 202 W9W A C7  1 
HETATM 1080 C C8  . W9W C 3 .   ? 2.325   -8.522  5.119   1.00 16.71 ? 202 W9W A C8  1 
HETATM 1081 C C9  . W9W C 3 .   ? 3.396   -7.652  5.088   1.00 15.02 ? 202 W9W A C9  1 
HETATM 1082 C C10 . W9W C 3 .   ? 3.578   -6.833  3.992   1.00 18.17 ? 202 W9W A C10 1 
HETATM 1083 C C11 . W9W C 3 .   ? 2.695   -6.930  2.911   1.00 16.61 ? 202 W9W A C11 1 
HETATM 1084 N N12 . W9W C 3 .   ? 0.197   -5.488  1.528   1.00 18.45 ? 202 W9W A N12 1 
HETATM 1085 C C13 . W9W C 3 .   ? -0.209  -4.445  0.749   1.00 17.71 ? 202 W9W A C13 1 
HETATM 1086 C C14 . W9W C 3 .   ? -0.158  -3.092  1.292   1.00 18.41 ? 202 W9W A C14 1 
HETATM 1087 O O15 . W9W C 3 .   ? -0.616  -4.655  -0.387  1.00 20.66 ? 202 W9W A O15 1 
HETATM 1088 C C16 . W9W C 3 .   ? -0.077  -2.670  2.577   1.00 17.42 ? 202 W9W A C16 1 
HETATM 1089 C C17 . W9W C 3 .   ? -0.151  -1.169  2.603   1.00 22.14 ? 202 W9W A C17 1 
HETATM 1090 C C18 . W9W C 3 .   ? 0.019   -0.736  1.178   1.00 20.92 ? 202 W9W A C18 1 
HETATM 1091 C C19 . W9W C 3 .   ? -0.322  -1.931  0.351   1.00 20.26 ? 202 W9W A C19 1 
HETATM 1092 C C20 . W9W C 3 .   ? 0.094   -3.402  3.823   1.00 19.18 ? 202 W9W A C20 1 
HETATM 1093 O O21 . W9W C 3 .   ? 0.631   -4.506  4.018   1.00 20.21 ? 202 W9W A O21 1 
HETATM 1094 O O22 . W9W C 3 .   ? -0.266  -2.697  4.903   1.00 16.85 ? 202 W9W A O22 1 
HETATM 1095 O O   . HOH D 4 .   ? -7.161  15.755  0.600   0.50 19.36 ? 301 HOH A O   1 
HETATM 1096 O O   . HOH D 4 .   ? 8.012   7.028   -14.768 1.00 28.17 ? 302 HOH A O   1 
HETATM 1097 O O   . HOH D 4 .   ? 9.163   9.519   12.921  1.00 33.51 ? 303 HOH A O   1 
HETATM 1098 O O   . HOH D 4 .   ? 5.494   -11.676 11.274  1.00 17.24 ? 304 HOH A O   1 
HETATM 1099 O O   . HOH D 4 .   ? 6.852   -5.575  4.115   1.00 21.73 ? 305 HOH A O   1 
HETATM 1100 O O   . HOH D 4 .   ? -2.903  -8.884  9.627   1.00 36.66 ? 306 HOH A O   1 
HETATM 1101 O O   . HOH D 4 .   ? -1.631  4.034   -15.971 1.00 37.88 ? 307 HOH A O   1 
HETATM 1102 O O   . HOH D 4 .   ? 7.870   -3.081  -18.512 1.00 25.94 ? 308 HOH A O   1 
HETATM 1103 O O   . HOH D 4 .   ? -0.203  -8.045  12.388  1.00 38.06 ? 309 HOH A O   1 
HETATM 1104 O O   . HOH D 4 .   ? -6.938  -12.696 -7.359  1.00 38.96 ? 310 HOH A O   1 
HETATM 1105 O O   . HOH D 4 .   ? -4.223  -13.585 7.342   1.00 37.06 ? 311 HOH A O   1 
HETATM 1106 O O   . HOH D 4 .   ? 1.912   9.079   14.292  1.00 26.86 ? 312 HOH A O   1 
HETATM 1107 O O   . HOH D 4 .   ? 13.900  9.082   -1.849  1.00 25.99 ? 313 HOH A O   1 
HETATM 1108 O O   . HOH D 4 .   ? 5.836   14.124  6.867   1.00 25.84 ? 314 HOH A O   1 
HETATM 1109 O O   . HOH D 4 .   ? 12.935  -6.986  6.923   1.00 31.49 ? 315 HOH A O   1 
HETATM 1110 O O   . HOH D 4 .   ? -12.205 -12.216 -0.021  1.00 32.75 ? 316 HOH A O   1 
HETATM 1111 O O   . HOH D 4 .   ? -9.149  -1.346  -8.430  1.00 24.43 ? 317 HOH A O   1 
HETATM 1112 O O   . HOH D 4 .   ? -2.076  -14.926 10.764  1.00 26.95 ? 318 HOH A O   1 
HETATM 1113 O O   . HOH D 4 .   ? -4.428  12.694  2.963   1.00 24.03 ? 319 HOH A O   1 
HETATM 1114 O O   . HOH D 4 .   ? -11.704 -1.682  6.878   1.00 41.30 ? 320 HOH A O   1 
HETATM 1115 O O   . HOH D 4 .   ? 3.639   13.684  -12.567 1.00 34.77 ? 321 HOH A O   1 
HETATM 1116 O O   . HOH D 4 .   ? -8.045  -17.522 6.555   1.00 31.26 ? 322 HOH A O   1 
HETATM 1117 O O   . HOH D 4 .   ? -1.685  -13.246 -4.617  1.00 23.49 ? 323 HOH A O   1 
HETATM 1118 O O   . HOH D 4 .   ? 3.445   2.124   -19.577 1.00 34.95 ? 324 HOH A O   1 
HETATM 1119 O O   . HOH D 4 .   ? 4.056   7.491   16.976  1.00 36.23 ? 325 HOH A O   1 
HETATM 1120 O O   . HOH D 4 .   ? 5.046   -14.064 10.001  1.00 18.36 ? 326 HOH A O   1 
HETATM 1121 O O   . HOH D 4 .   ? -7.414  16.460  12.490  1.00 28.85 ? 327 HOH A O   1 
HETATM 1122 O O   . HOH D 4 .   ? 7.627   3.719   -15.807 1.00 30.91 ? 328 HOH A O   1 
HETATM 1123 O O   . HOH D 4 .   ? 2.048   -10.060 15.131  1.00 27.10 ? 329 HOH A O   1 
HETATM 1124 O O   . HOH D 4 .   ? 5.746   12.732  -8.958  1.00 19.04 ? 330 HOH A O   1 
HETATM 1125 O O   . HOH D 4 .   ? 4.782   -5.838  -14.048 1.00 25.94 ? 331 HOH A O   1 
HETATM 1126 O O   . HOH D 4 .   ? 6.995   -0.935  -1.009  1.00 20.00 ? 332 HOH A O   1 
HETATM 1127 O O   . HOH D 4 .   ? 11.795  5.568   1.072   1.00 20.65 ? 333 HOH A O   1 
HETATM 1128 O O   . HOH D 4 .   ? 6.169   -13.527 -1.054  1.00 34.53 ? 334 HOH A O   1 
HETATM 1129 O O   . HOH D 4 .   ? -9.546  2.767   -8.765  1.00 36.53 ? 335 HOH A O   1 
HETATM 1130 O O   . HOH D 4 .   ? 8.620   4.076   -11.766 1.00 19.34 ? 336 HOH A O   1 
HETATM 1131 O O   . HOH D 4 .   ? -7.191  -1.005  11.077  1.00 27.14 ? 337 HOH A O   1 
HETATM 1132 O O   . HOH D 4 .   ? 12.820  8.943   -4.290  1.00 20.53 ? 338 HOH A O   1 
HETATM 1133 O O   . HOH D 4 .   ? 4.959   3.956   -18.127 1.00 28.24 ? 339 HOH A O   1 
HETATM 1134 O O   . HOH D 4 .   ? 0.347   -8.098  8.202   1.00 16.22 ? 340 HOH A O   1 
HETATM 1135 O O   . HOH D 4 .   ? 13.732  2.057   -6.124  1.00 32.65 ? 341 HOH A O   1 
HETATM 1136 O O   . HOH D 4 .   ? -6.302  -5.372  -14.999 1.00 27.27 ? 342 HOH A O   1 
HETATM 1137 O O   . HOH D 4 .   ? 17.515  10.393  -2.604  1.00 26.37 ? 343 HOH A O   1 
HETATM 1138 O O   . HOH D 4 .   ? -10.541 2.874   5.580   1.00 33.86 ? 344 HOH A O   1 
HETATM 1139 O O   . HOH D 4 .   ? -7.043  -16.727 -2.200  1.00 31.54 ? 345 HOH A O   1 
HETATM 1140 O O   . HOH D 4 .   ? 0.293   -20.101 0.461   1.00 26.09 ? 346 HOH A O   1 
HETATM 1141 O O   . HOH D 4 .   ? 5.543   -3.836  -3.601  1.00 22.79 ? 347 HOH A O   1 
HETATM 1142 O O   . HOH D 4 .   ? -11.580 -4.893  -8.039  1.00 29.99 ? 348 HOH A O   1 
HETATM 1143 O O   . HOH D 4 .   ? -4.264  -13.005 -8.117  1.00 29.87 ? 349 HOH A O   1 
HETATM 1144 O O   . HOH D 4 .   ? -10.664 -10.838 6.913   1.00 21.72 ? 350 HOH A O   1 
HETATM 1145 O O   . HOH D 4 .   ? -13.127 -3.516  6.370   1.00 33.88 ? 351 HOH A O   1 
HETATM 1146 O O   . HOH D 4 .   ? 1.065   -3.898  -2.624  1.00 21.87 ? 352 HOH A O   1 
HETATM 1147 O O   . HOH D 4 .   ? -1.751  4.768   -2.136  1.00 16.49 ? 353 HOH A O   1 
HETATM 1148 O O   . HOH D 4 .   ? 9.514   -3.684  9.943   1.00 36.19 ? 354 HOH A O   1 
HETATM 1149 O O   . HOH D 4 .   ? 2.426   -1.395  -2.661  1.00 22.10 ? 355 HOH A O   1 
HETATM 1150 O O   . HOH D 4 .   ? -0.520  -1.620  17.781  1.00 35.97 ? 356 HOH A O   1 
HETATM 1151 O O   . HOH D 4 .   ? 2.680   6.195   -10.862 1.00 17.06 ? 357 HOH A O   1 
HETATM 1152 O O   . HOH D 4 .   ? 7.947   14.021  -5.386  1.00 39.77 ? 358 HOH A O   1 
HETATM 1153 O O   . HOH D 4 .   ? 0.690   -10.651 -13.936 1.00 31.18 ? 359 HOH A O   1 
HETATM 1154 O O   . HOH D 4 .   ? 3.700   -1.004  4.275   1.00 23.03 ? 360 HOH A O   1 
HETATM 1155 O O   . HOH D 4 .   ? -2.222  -5.039  -2.762  1.00 18.33 ? 361 HOH A O   1 
HETATM 1156 O O   . HOH D 4 .   ? -6.252  2.247   14.542  1.00 41.72 ? 362 HOH A O   1 
HETATM 1157 O O   . HOH D 4 .   ? 13.028  14.463  -10.355 1.00 23.43 ? 363 HOH A O   1 
HETATM 1158 O O   . HOH D 4 .   ? -1.895  0.694   -13.213 1.00 24.91 ? 364 HOH A O   1 
HETATM 1159 O O   . HOH D 4 .   ? 3.592   -4.969  -1.761  1.00 18.51 ? 365 HOH A O   1 
HETATM 1160 O O   . HOH D 4 .   ? -1.444  12.938  -9.663  1.00 23.76 ? 366 HOH A O   1 
HETATM 1161 O O   . HOH D 4 .   ? -5.306  -4.703  14.517  1.00 28.47 ? 367 HOH A O   1 
HETATM 1162 O O   . HOH D 4 .   ? 3.242   16.255  -4.162  1.00 41.32 ? 368 HOH A O   1 
HETATM 1163 O O   . HOH D 4 .   ? 3.570   -2.174  -19.902 1.00 34.88 ? 369 HOH A O   1 
HETATM 1164 O O   . HOH D 4 .   ? -3.880  10.407  15.576  1.00 25.86 ? 370 HOH A O   1 
HETATM 1165 O O   . HOH D 4 .   ? -9.601  9.361   -3.202  1.00 33.52 ? 371 HOH A O   1 
HETATM 1166 O O   . HOH D 4 .   ? -10.014 -7.828  11.128  1.00 32.27 ? 372 HOH A O   1 
HETATM 1167 O O   . HOH D 4 .   ? 0.055   -17.611 -1.814  1.00 32.00 ? 373 HOH A O   1 
HETATM 1168 O O   . HOH D 4 .   ? 6.626   5.966   -12.465 1.00 16.78 ? 374 HOH A O   1 
HETATM 1169 O O   . HOH D 4 .   ? -3.988  6.092   -9.626  1.00 22.30 ? 375 HOH A O   1 
HETATM 1170 O O   . HOH D 4 .   ? 2.343   -7.066  -14.760 1.00 30.44 ? 376 HOH A O   1 
HETATM 1171 O O   . HOH D 4 .   ? 11.887  -9.885  0.709   1.00 28.59 ? 377 HOH A O   1 
HETATM 1172 O O   . HOH D 4 .   ? 6.200   -6.698  -12.067 1.00 30.30 ? 378 HOH A O   1 
HETATM 1173 O O   . HOH D 4 .   ? 8.514   9.779   10.385  1.00 30.43 ? 379 HOH A O   1 
HETATM 1174 O O   . HOH D 4 .   ? -9.071  2.106   -1.981  1.00 25.63 ? 380 HOH A O   1 
HETATM 1175 O O   . HOH D 4 .   ? -15.100 -5.844  3.031   1.00 27.91 ? 381 HOH A O   1 
HETATM 1176 O O   . HOH D 4 .   ? -1.645  -5.580  -16.052 1.00 29.14 ? 382 HOH A O   1 
HETATM 1177 O O   . HOH D 4 .   ? -4.209  -22.215 -0.244  1.00 31.01 ? 383 HOH A O   1 
HETATM 1178 O O   . HOH D 4 .   ? -5.145  -18.543 6.324   1.00 34.90 ? 384 HOH A O   1 
HETATM 1179 O O   . HOH D 4 .   ? 12.377  12.627  1.587   1.00 19.30 ? 385 HOH A O   1 
HETATM 1180 O O   . HOH D 4 .   ? 12.538  -2.971  1.517   1.00 28.85 ? 386 HOH A O   1 
HETATM 1181 O O   . HOH D 4 .   ? -0.798  -9.404  -15.890 1.00 26.21 ? 387 HOH A O   1 
HETATM 1182 O O   . HOH D 4 .   ? 8.864   -4.584  -4.353  1.00 28.07 ? 388 HOH A O   1 
HETATM 1183 O O   . HOH D 4 .   ? -10.638 -6.952  -9.878  1.00 28.04 ? 389 HOH A O   1 
HETATM 1184 O O   . HOH D 4 .   ? 6.115   -1.569  11.860  1.00 33.54 ? 390 HOH A O   1 
HETATM 1185 O O   . HOH D 4 .   ? -14.782 -9.306  3.435   1.00 26.70 ? 391 HOH A O   1 
HETATM 1186 O O   . HOH D 4 .   ? 4.375   -3.925  0.650   1.00 21.85 ? 392 HOH A O   1 
HETATM 1187 O O   . HOH D 4 .   ? 3.371   -3.537  3.128   1.00 23.98 ? 393 HOH A O   1 
HETATM 1188 O O   . HOH D 4 .   ? 3.583   0.344   1.696   1.00 21.63 ? 394 HOH A O   1 
HETATM 1189 O O   . HOH D 4 .   ? 1.093   5.872   -17.543 1.00 29.03 ? 395 HOH A O   1 
HETATM 1190 O O   . HOH D 4 .   ? -4.352  -6.755  -16.277 1.00 28.20 ? 396 HOH A O   1 
HETATM 1191 O O   . HOH D 4 .   ? 1.399   -12.362 -10.839 1.00 32.32 ? 397 HOH A O   1 
HETATM 1192 O O   . HOH D 4 .   ? -10.891 -1.711  -6.540  1.00 30.96 ? 398 HOH A O   1 
HETATM 1193 O O   . HOH D 4 .   ? 8.550   -3.491  -7.081  1.00 18.79 ? 399 HOH A O   1 
HETATM 1194 O O   . HOH D 4 .   ? -15.684 -9.667  5.738   1.00 26.54 ? 400 HOH A O   1 
HETATM 1195 O O   . HOH D 4 .   ? -1.415  -22.827 1.324   1.00 29.88 ? 401 HOH A O   1 
HETATM 1196 O O   . HOH D 4 .   ? -2.319  8.522   -14.885 1.00 29.12 ? 402 HOH A O   1 
HETATM 1197 O O   . HOH D 4 .   ? -2.504  -12.871 12.243  1.00 37.56 ? 403 HOH A O   1 
HETATM 1198 O O   . HOH D 4 .   ? -7.528  5.640   3.260   1.00 29.39 ? 404 HOH A O   1 
HETATM 1199 O O   . HOH D 4 .   ? -16.747 -8.005  1.607   1.00 36.01 ? 405 HOH A O   1 
HETATM 1200 O O   . HOH D 4 .   ? 1.221   -15.719 -2.369  1.00 37.63 ? 406 HOH A O   1 
HETATM 1201 O O   . HOH D 4 .   ? -15.821 -3.075  11.688  1.00 40.78 ? 407 HOH A O   1 
HETATM 1202 O O   . HOH D 4 .   ? -1.991  -11.330 13.853  1.00 36.47 ? 408 HOH A O   1 
HETATM 1203 O O   . HOH D 4 .   ? -0.884  12.223  -12.323 1.00 33.78 ? 409 HOH A O   1 
HETATM 1204 O O   . HOH D 4 .   ? 0.673   17.217  8.791   1.00 31.79 ? 410 HOH A O   1 
HETATM 1205 O O   . HOH D 4 .   ? 4.170   -19.283 3.653   1.00 27.29 ? 411 HOH A O   1 
HETATM 1206 O O   . HOH D 4 .   ? 0.731   14.239  -13.295 1.00 40.76 ? 412 HOH A O   1 
HETATM 1207 O O   . HOH D 4 .   ? 4.228   -1.291  -0.386  1.00 21.78 ? 413 HOH A O   1 
HETATM 1208 O O   . HOH D 4 .   ? -2.532  -2.966  -17.042 1.00 31.71 ? 414 HOH A O   1 
HETATM 1209 O O   . HOH D 4 .   ? 12.025  13.558  -12.699 1.00 32.17 ? 415 HOH A O   1 
HETATM 1210 O O   . HOH D 4 .   ? -12.102 1.047   -5.744  1.00 38.35 ? 416 HOH A O   1 
HETATM 1211 O O   . HOH D 4 .   ? -1.540  -14.298 -7.140  1.00 40.73 ? 417 HOH A O   1 
HETATM 1212 O O   . HOH D 4 .   ? 14.045  16.326  0.724   1.00 29.52 ? 418 HOH A O   1 
HETATM 1213 O O   . HOH D 4 .   ? 5.519   14.633  -11.071 1.00 37.44 ? 419 HOH A O   1 
HETATM 1214 O O   . HOH D 4 .   ? 5.737   14.798  -6.701  1.00 38.22 ? 420 HOH A O   1 
HETATM 1215 O O   . HOH D 4 .   ? 10.745  -4.173  -8.493  1.00 29.51 ? 421 HOH A O   1 
HETATM 1216 O O   . HOH D 4 .   ? -14.958 -6.345  9.173   1.00 34.86 ? 422 HOH A O   1 
HETATM 1217 O O   . HOH D 4 .   ? -0.472  15.523  -9.376  1.00 34.41 ? 423 HOH A O   1 
HETATM 1218 O O   . HOH D 4 .   ? -8.902  5.367   -8.968  1.00 36.25 ? 424 HOH A O   1 
# 
